data_5XGI
#
_entry.id   5XGI
#
_cell.length_a   71.348
_cell.length_b   135.825
_cell.length_c   150.245
_cell.angle_alpha   90.00
_cell.angle_beta   90.00
_cell.angle_gamma   90.00
#
_symmetry.space_group_name_H-M   'P 21 21 21'
#
loop_
_entity.id
_entity.type
_entity.pdbx_description
1 polymer 'Phosphatidylinositol 4,5-bisphosphate 3-kinase catalytic subunit alpha isoform'
2 polymer 'Phosphatidylinositol 3-kinase regulatory subunit alpha'
3 non-polymer 3-azanyl-5-(4-morpholin-4-ylthieno[3,2-d]pyrimidin-2-yl)phenol
4 non-polymer 'HEXAETHYLENE GLYCOL'
5 non-polymer 'SULFATE ION'
6 non-polymer GLYCEROL
7 water water
#
loop_
_entity_poly.entity_id
_entity_poly.type
_entity_poly.pdbx_seq_one_letter_code
_entity_poly.pdbx_strand_id
1 'polypeptide(L)'
;GELWGIHLMPPRILVECLLPNGMIVTLECLREATLITIKHELFKEARKYPLHQLLQDESSYIFVSVTQEAEREEFFDETR
RLCDLRLFQPFLKVIEPVGNREEKILNREIGFAIGMPVCEFDMVKDPEVQDFRRNILNVCKEAVDLRDLNSPHSRAMYVY
PPNVESSPELPKHIYNKLDKGQIIVVIWVIVSPNNDKQKYTLKINHDCVPEQVIAEAIRKKTRSMLLSSEQLKLCVLEYQ
GKYILKVCGCDEYFLEKYPLSQYKYIRSCIMLGRMPNLMLMAKESLYSQLPMDCFTMPSYSRRISTATPYMNGETSTKSL
WVINSALRIKILCATYVNVNIRDIDKIYVRTGIYHGGEPLCDNVNTQRVPCSNPRWNEWLNYDIYIPDLPRAARLCLSIC
SVKGRKGAKEEHCPLAWGNINLFDYTDTLVSGKMALNLWPVPHGLEDLLNPIGVTGSNPNKETPCLELEFDWFSSVVKFP
DMSVIEEHANWSVSREAGFSYSHAGLSNRLARDNELRENDKEQLKAISTRDPLSEITEQEKDFLWSHRHYCVTIPEILPK
LLLSVKWNSRDEVAQMYCLVKDWPPIKPEQAMELLDCNYPDPMVRGFAVRCLEKYLTDDKLSQYLIQLVQVLKYEQYLDN
LLVRFLLKKALTNQRIGHFFFWHLKSEMHNKTVSQRFGLLLESYCRACGMYLKHLNRQVEAMEKLINLTDILKQEKKDET
QKVQMKFLVEQMRRPDFMDALQGFLSPLNPAHQLGNLRLEECRIMSSAKRPLWLNWENPDIMSELLFQNNEIIFKNGDDL
RQDMLTLQIIRIMENIWQNQGLDLRMLPYGCLSIGDCVGLIEVVRNSHTIMQIQCKGGLKGALQFNSHTLHQWLKDKNKG
EIYDAAIDLFTRSCAGYCVATFILGIGDRHNSNIMVKDDGQLFHIDFGHFLDHKKKKFGYKRERVPFVLTQDFLIVISKG
AQECTKTREFERFQEMCYKAYLAIRQHANLFINLFSMMLGSGMPELQSFDDIAYIRKTLALDKTEQEALEYFMKQMNDAH
HGGWTTKMDWIF
;
A
2 'polypeptide(L)'
;MNNNMSLQDAEWYWGDISREEVNEKLRDTADGTFLVRDASTKMHGDYTLTLRKGGNNKLIKIFHRDGKYGFSDPLTFSSV
VELINHYRNESLAQYNPKLDVKLLYPVSKYQQDQVVKEDNIEAVGKKLHEYNTQFQEKSREYDRLYEEYTRTSQEIQMKR
TAIEAFNETIKIFEEQCQTQERYSKEYIEKFKREGNEKEIQRIMHNYDKLKSRISEIIDSRRRLEEDLKKQAAEYREIDK
RMNSIKPDLIQLRKTRDQYLMWLTQKGVRQKKLNEWL
;
B
#
# COMPACT_ATOMS: atom_id res chain seq x y z
N GLY A 1 22.97 10.80 -8.23
CA GLY A 1 24.07 11.77 -8.49
C GLY A 1 23.61 13.22 -8.57
N GLU A 2 24.50 14.14 -8.21
CA GLU A 2 24.22 15.59 -8.24
C GLU A 2 24.68 16.28 -9.54
N LEU A 3 25.56 15.62 -10.28
CA LEU A 3 25.86 15.96 -11.67
C LEU A 3 25.86 14.67 -12.48
N TRP A 4 25.25 14.66 -13.67
CA TRP A 4 24.97 13.41 -14.40
C TRP A 4 26.18 12.50 -14.56
N GLY A 5 26.10 11.30 -13.98
CA GLY A 5 27.20 10.34 -13.96
C GLY A 5 28.20 10.51 -12.83
N ILE A 6 27.96 11.50 -11.94
CA ILE A 6 28.88 11.88 -10.87
C ILE A 6 28.08 11.98 -9.57
N HIS A 7 28.64 11.48 -8.46
CA HIS A 7 28.02 11.67 -7.14
C HIS A 7 28.19 13.12 -6.71
N LEU A 8 29.44 13.56 -6.61
CA LEU A 8 29.77 14.96 -6.36
C LEU A 8 31.07 15.36 -7.06
N MET A 9 31.24 16.66 -7.22
CA MET A 9 32.27 17.25 -8.08
C MET A 9 33.33 17.90 -7.20
N PRO A 10 34.59 17.96 -7.68
CA PRO A 10 35.62 18.65 -6.90
C PRO A 10 35.36 20.16 -6.91
N PRO A 11 35.74 20.88 -5.82
CA PRO A 11 35.38 22.30 -5.72
C PRO A 11 35.71 23.10 -6.98
N ARG A 12 36.93 22.94 -7.48
CA ARG A 12 37.35 23.54 -8.74
C ARG A 12 36.73 22.78 -9.91
N ILE A 13 35.90 23.47 -10.70
CA ILE A 13 35.29 22.88 -11.91
C ILE A 13 34.81 23.96 -12.89
N LEU A 14 34.91 23.66 -14.19
CA LEU A 14 34.54 24.60 -15.26
C LEU A 14 33.04 24.55 -15.54
N VAL A 15 32.46 25.72 -15.82
CA VAL A 15 31.02 25.86 -16.15
C VAL A 15 30.85 26.72 -17.41
N GLU A 16 30.08 26.22 -18.37
CA GLU A 16 29.87 26.92 -19.65
C GLU A 16 28.77 27.96 -19.46
N CYS A 17 29.13 29.24 -19.50
CA CYS A 17 28.21 30.35 -19.22
C CYS A 17 27.72 31.05 -20.49
N LEU A 18 26.43 30.89 -20.79
CA LEU A 18 25.81 31.41 -22.01
C LEU A 18 25.16 32.77 -21.77
N LEU A 19 25.86 33.84 -22.15
CA LEU A 19 25.40 35.23 -21.93
C LEU A 19 24.39 35.69 -22.98
N PRO A 20 23.58 36.74 -22.67
CA PRO A 20 22.51 37.14 -23.59
C PRO A 20 22.97 37.93 -24.82
N ASN A 21 24.22 38.40 -24.82
CA ASN A 21 24.84 39.00 -26.01
C ASN A 21 25.24 37.96 -27.08
N GLY A 22 25.15 36.67 -26.74
CA GLY A 22 25.47 35.57 -27.66
C GLY A 22 26.76 34.85 -27.33
N MET A 23 27.48 35.31 -26.30
CA MET A 23 28.82 34.83 -25.99
C MET A 23 28.80 33.67 -25.01
N ILE A 24 29.80 32.79 -25.14
CA ILE A 24 29.99 31.64 -24.25
C ILE A 24 31.30 31.85 -23.48
N VAL A 25 31.22 31.75 -22.15
CA VAL A 25 32.34 32.03 -21.26
C VAL A 25 32.57 30.83 -20.34
N THR A 26 33.60 30.05 -20.62
CA THR A 26 34.04 28.99 -19.72
C THR A 26 34.63 29.67 -18.48
N LEU A 27 34.14 29.28 -17.30
CA LEU A 27 34.44 29.98 -16.05
C LEU A 27 34.97 29.04 -14.97
N GLU A 28 36.10 29.40 -14.36
CA GLU A 28 36.62 28.74 -13.17
C GLU A 28 35.66 29.02 -12.02
N CYS A 29 35.15 27.95 -11.39
CA CYS A 29 34.14 28.08 -10.34
C CYS A 29 34.38 27.16 -9.15
N LEU A 30 33.71 27.50 -8.05
CA LEU A 30 33.75 26.71 -6.80
C LEU A 30 32.41 25.98 -6.62
N ARG A 31 32.47 24.77 -6.09
CA ARG A 31 31.28 23.96 -5.81
C ARG A 31 30.49 24.56 -4.66
N GLU A 32 31.21 24.97 -3.63
CA GLU A 32 30.64 25.64 -2.45
C GLU A 32 29.85 26.91 -2.84
N ALA A 33 30.37 27.61 -3.86
CA ALA A 33 29.82 28.89 -4.33
C ALA A 33 28.31 28.97 -4.46
N THR A 34 27.75 30.03 -3.89
CA THR A 34 26.37 30.43 -4.16
C THR A 34 26.29 31.01 -5.58
N LEU A 35 25.08 31.29 -6.05
CA LEU A 35 24.89 31.74 -7.44
C LEU A 35 25.46 33.13 -7.75
N ILE A 36 25.33 34.07 -6.81
CA ILE A 36 25.84 35.45 -7.04
C ILE A 36 27.37 35.49 -6.96
N THR A 37 27.97 34.57 -6.19
CA THR A 37 29.43 34.39 -6.17
C THR A 37 29.98 33.93 -7.53
N ILE A 38 29.22 33.08 -8.21
CA ILE A 38 29.54 32.64 -9.59
C ILE A 38 29.26 33.76 -10.59
N LYS A 39 28.13 34.44 -10.43
CA LYS A 39 27.75 35.59 -11.26
C LYS A 39 28.71 36.78 -11.07
N HIS A 40 29.33 36.87 -9.89
CA HIS A 40 30.40 37.82 -9.61
C HIS A 40 31.64 37.44 -10.43
N GLU A 41 32.07 36.19 -10.31
CA GLU A 41 33.18 35.63 -11.09
C GLU A 41 32.96 35.70 -12.60
N LEU A 42 31.71 35.52 -13.05
CA LEU A 42 31.36 35.53 -14.48
C LEU A 42 31.54 36.91 -15.10
N PHE A 43 30.88 37.91 -14.51
CA PHE A 43 30.92 39.29 -15.02
C PHE A 43 32.28 39.97 -14.79
N LYS A 44 33.06 39.44 -13.84
CA LYS A 44 34.47 39.81 -13.67
C LYS A 44 35.30 39.37 -14.89
N GLU A 45 35.08 38.14 -15.35
CA GLU A 45 35.78 37.60 -16.54
C GLU A 45 35.10 37.98 -17.88
N ALA A 46 33.83 38.38 -17.84
CA ALA A 46 33.08 38.78 -19.06
C ALA A 46 33.56 40.10 -19.69
N ARG A 47 34.34 40.89 -18.96
CA ARG A 47 35.01 42.09 -19.51
C ARG A 47 35.93 41.73 -20.69
N LYS A 48 36.63 40.61 -20.57
CA LYS A 48 37.62 40.16 -21.56
C LYS A 48 36.97 39.85 -22.91
N TYR A 49 35.84 39.14 -22.85
CA TYR A 49 35.17 38.63 -24.06
C TYR A 49 34.44 39.75 -24.82
N PRO A 50 34.22 39.54 -26.14
CA PRO A 50 33.53 40.54 -26.99
C PRO A 50 32.15 40.98 -26.48
N LEU A 51 31.76 42.18 -26.86
CA LEU A 51 30.45 42.78 -26.53
C LEU A 51 30.18 42.87 -25.01
N HIS A 52 31.17 43.37 -24.27
CA HIS A 52 30.98 43.72 -22.85
C HIS A 52 30.27 45.07 -22.69
N GLN A 53 30.27 45.84 -23.78
CA GLN A 53 29.44 47.04 -23.90
C GLN A 53 27.95 46.70 -23.82
N LEU A 54 27.60 45.41 -23.86
CA LEU A 54 26.21 44.99 -24.02
C LEU A 54 25.69 44.03 -22.93
N LEU A 55 26.05 44.30 -21.69
CA LEU A 55 25.52 43.54 -20.54
C LEU A 55 25.10 44.49 -19.43
N GLN A 56 23.89 44.27 -18.89
CA GLN A 56 23.41 44.99 -17.71
C GLN A 56 24.12 44.49 -16.44
N ASP A 57 23.78 45.05 -15.29
CA ASP A 57 24.35 44.61 -14.00
C ASP A 57 23.98 43.17 -13.65
N GLU A 58 24.70 42.62 -12.68
CA GLU A 58 24.46 41.25 -12.20
C GLU A 58 23.06 41.05 -11.62
N SER A 59 22.53 42.09 -10.97
CA SER A 59 21.17 42.08 -10.41
C SER A 59 20.06 42.03 -11.48
N SER A 60 20.34 42.48 -12.69
CA SER A 60 19.37 42.49 -13.80
C SER A 60 19.04 41.09 -14.37
N TYR A 61 19.94 40.12 -14.22
CA TYR A 61 19.80 38.79 -14.82
C TYR A 61 19.60 37.66 -13.79
N ILE A 62 19.23 36.48 -14.32
CA ILE A 62 19.09 35.25 -13.53
C ILE A 62 19.63 34.04 -14.32
N PHE A 63 20.26 33.10 -13.62
CA PHE A 63 20.75 31.86 -14.25
C PHE A 63 19.62 30.88 -14.57
N VAL A 64 19.82 30.10 -15.64
CA VAL A 64 18.89 29.04 -16.07
C VAL A 64 19.70 27.85 -16.60
N SER A 65 19.27 26.64 -16.26
CA SER A 65 19.92 25.42 -16.73
C SER A 65 18.94 24.25 -16.78
N VAL A 66 19.44 23.10 -17.24
CA VAL A 66 18.67 21.85 -17.26
C VAL A 66 19.03 21.02 -16.04
N THR A 67 18.03 20.38 -15.43
CA THR A 67 18.23 19.53 -14.24
C THR A 67 18.29 18.05 -14.61
N GLN A 68 18.56 17.21 -13.60
CA GLN A 68 18.54 15.74 -13.72
C GLN A 68 17.21 15.22 -14.26
N GLU A 69 16.12 15.89 -13.89
CA GLU A 69 14.76 15.54 -14.32
C GLU A 69 14.37 16.20 -15.65
N ALA A 70 15.34 16.67 -16.43
CA ALA A 70 15.12 17.27 -17.76
C ALA A 70 14.26 18.54 -17.76
N GLU A 71 14.23 19.26 -16.63
CA GLU A 71 13.43 20.47 -16.47
C GLU A 71 14.30 21.69 -16.74
N ARG A 72 13.78 22.66 -17.49
CA ARG A 72 14.43 23.96 -17.64
C ARG A 72 14.11 24.81 -16.39
N GLU A 73 15.02 24.76 -15.42
CA GLU A 73 14.81 25.39 -14.10
C GLU A 73 15.53 26.73 -13.97
N GLU A 74 14.79 27.75 -13.52
CA GLU A 74 15.32 29.10 -13.31
C GLU A 74 15.57 29.27 -11.80
N PHE A 75 16.83 29.56 -11.46
CA PHE A 75 17.30 29.52 -10.06
C PHE A 75 17.16 30.88 -9.37
N PHE A 76 15.99 31.11 -8.76
CA PHE A 76 15.66 32.40 -8.14
C PHE A 76 16.36 32.62 -6.81
N ASP A 77 16.33 31.61 -5.94
CA ASP A 77 17.10 31.63 -4.70
C ASP A 77 18.59 31.49 -5.04
N GLU A 78 19.28 32.62 -5.12
CA GLU A 78 20.70 32.65 -5.51
C GLU A 78 21.68 32.36 -4.37
N THR A 79 21.16 32.06 -3.18
CA THR A 79 21.97 31.52 -2.07
C THR A 79 22.12 29.99 -2.13
N ARG A 80 21.51 29.34 -3.13
CA ARG A 80 21.69 27.91 -3.36
C ARG A 80 23.10 27.61 -3.89
N ARG A 81 23.84 26.79 -3.15
CA ARG A 81 25.14 26.27 -3.61
C ARG A 81 25.01 25.42 -4.89
N LEU A 82 26.10 25.30 -5.64
CA LEU A 82 26.08 24.70 -6.99
C LEU A 82 25.72 23.21 -6.99
N CYS A 83 26.26 22.46 -6.02
CA CYS A 83 25.95 21.03 -5.88
C CYS A 83 24.48 20.72 -5.55
N ASP A 84 23.79 21.66 -4.91
CA ASP A 84 22.36 21.52 -4.60
C ASP A 84 21.40 21.96 -5.73
N LEU A 85 21.95 22.38 -6.87
CA LEU A 85 21.14 22.72 -8.05
C LEU A 85 20.64 21.48 -8.80
N ARG A 86 21.42 20.39 -8.70
CA ARG A 86 21.14 19.12 -9.39
C ARG A 86 21.11 19.31 -10.90
N LEU A 87 22.20 19.86 -11.43
CA LEU A 87 22.33 20.11 -12.87
C LEU A 87 22.59 18.81 -13.63
N PHE A 88 22.15 18.79 -14.89
CA PHE A 88 22.44 17.67 -15.79
C PHE A 88 23.90 17.73 -16.21
N GLN A 89 24.31 18.88 -16.76
CA GLN A 89 25.71 19.14 -17.12
C GLN A 89 26.11 20.53 -16.63
N PRO A 90 27.42 20.75 -16.40
CA PRO A 90 27.85 22.01 -15.81
C PRO A 90 27.79 23.16 -16.81
N PHE A 91 26.60 23.76 -16.93
CA PHE A 91 26.39 24.95 -17.73
C PHE A 91 25.28 25.81 -17.13
N LEU A 92 25.38 27.12 -17.34
CA LEU A 92 24.39 28.09 -16.87
C LEU A 92 24.15 29.12 -17.95
N LYS A 93 22.89 29.53 -18.10
CA LYS A 93 22.50 30.55 -19.08
C LYS A 93 21.82 31.70 -18.35
N VAL A 94 22.42 32.89 -18.40
CA VAL A 94 21.77 34.09 -17.84
C VAL A 94 20.69 34.62 -18.79
N ILE A 95 19.54 34.97 -18.23
CA ILE A 95 18.45 35.63 -18.96
C ILE A 95 17.79 36.69 -18.10
N GLU A 96 16.93 37.50 -18.72
CA GLU A 96 16.06 38.41 -17.98
C GLU A 96 14.84 37.62 -17.49
N PRO A 97 14.57 37.63 -16.17
CA PRO A 97 13.45 36.83 -15.64
C PRO A 97 12.08 37.33 -16.10
N VAL A 98 11.22 36.39 -16.49
CA VAL A 98 9.85 36.70 -16.94
C VAL A 98 8.86 35.81 -16.19
N GLY A 99 7.62 36.30 -16.05
CA GLY A 99 6.56 35.56 -15.38
C GLY A 99 6.61 35.68 -13.87
N ASN A 100 5.78 34.88 -13.20
CA ASN A 100 5.56 34.96 -11.76
C ASN A 100 6.69 34.28 -10.99
N ARG A 101 7.43 35.05 -10.19
CA ARG A 101 8.51 34.53 -9.35
C ARG A 101 7.97 33.68 -8.20
N GLU A 102 6.90 34.15 -7.55
CA GLU A 102 6.30 33.47 -6.38
C GLU A 102 5.88 32.04 -6.73
N GLU A 103 5.24 31.91 -7.90
CA GLU A 103 4.69 30.64 -8.37
C GLU A 103 5.77 29.63 -8.74
N LYS A 104 6.82 30.09 -9.44
CA LYS A 104 7.92 29.22 -9.86
C LYS A 104 8.78 28.70 -8.71
N ILE A 105 8.91 29.48 -7.63
CA ILE A 105 9.61 29.03 -6.42
C ILE A 105 8.80 27.88 -5.81
N LEU A 106 7.50 28.12 -5.63
CA LEU A 106 6.59 27.13 -5.07
C LEU A 106 6.51 25.84 -5.91
N ASN A 107 6.41 26.00 -7.23
CA ASN A 107 6.38 24.86 -8.17
C ASN A 107 7.61 23.95 -8.11
N ARG A 108 8.79 24.54 -7.89
CA ARG A 108 10.02 23.76 -7.78
C ARG A 108 10.17 23.13 -6.38
N GLU A 109 9.65 23.80 -5.35
CA GLU A 109 9.56 23.24 -4.00
C GLU A 109 8.56 22.07 -3.92
N ILE A 110 7.44 22.20 -4.64
CA ILE A 110 6.48 21.11 -4.79
C ILE A 110 7.10 19.97 -5.60
N GLY A 111 7.81 20.31 -6.67
CA GLY A 111 8.48 19.33 -7.53
C GLY A 111 9.51 18.49 -6.80
N PHE A 112 10.29 19.13 -5.93
CA PHE A 112 11.30 18.43 -5.11
C PHE A 112 10.65 17.50 -4.09
N ALA A 113 9.51 17.92 -3.53
CA ALA A 113 8.76 17.10 -2.57
C ALA A 113 8.18 15.84 -3.22
N ILE A 114 7.57 16.02 -4.40
CA ILE A 114 6.92 14.93 -5.13
C ILE A 114 7.93 13.96 -5.74
N GLY A 115 9.03 14.48 -6.27
CA GLY A 115 10.00 13.69 -7.02
C GLY A 115 9.81 13.74 -8.54
N MET A 116 8.92 14.61 -9.01
CA MET A 116 8.79 14.90 -10.45
C MET A 116 8.45 16.37 -10.68
N PRO A 117 8.92 16.95 -11.81
CA PRO A 117 8.57 18.34 -12.12
C PRO A 117 7.07 18.55 -12.38
N VAL A 118 6.50 19.56 -11.71
CA VAL A 118 5.09 19.93 -11.87
C VAL A 118 4.73 20.26 -13.33
N CYS A 119 5.70 20.80 -14.09
CA CYS A 119 5.51 21.09 -15.52
C CYS A 119 5.10 19.89 -16.38
N GLU A 120 5.50 18.67 -15.98
CA GLU A 120 5.07 17.45 -16.68
C GLU A 120 3.55 17.21 -16.64
N PHE A 121 2.85 17.75 -15.65
CA PHE A 121 1.37 17.71 -15.61
C PHE A 121 0.73 18.64 -16.66
N ASP A 122 1.38 19.77 -16.95
CA ASP A 122 0.92 20.69 -18.02
C ASP A 122 0.83 19.99 -19.38
N MET A 123 1.77 19.09 -19.64
CA MET A 123 1.87 18.39 -20.93
C MET A 123 0.86 17.26 -21.13
N VAL A 124 0.21 16.81 -20.05
CA VAL A 124 -0.76 15.72 -20.14
C VAL A 124 -2.04 16.20 -20.84
N LYS A 125 -2.35 15.59 -21.97
CA LYS A 125 -3.53 15.96 -22.76
C LYS A 125 -4.84 15.56 -22.09
N ASP A 126 -4.90 14.30 -21.64
CA ASP A 126 -6.05 13.71 -20.93
C ASP A 126 -6.87 14.76 -20.16
N PRO A 127 -8.14 14.99 -20.56
CA PRO A 127 -8.94 16.02 -19.86
C PRO A 127 -9.25 15.70 -18.40
N GLU A 128 -9.31 14.42 -18.04
CA GLU A 128 -9.50 13.99 -16.65
C GLU A 128 -8.37 14.47 -15.73
N VAL A 129 -7.16 14.50 -16.27
CA VAL A 129 -5.98 14.96 -15.52
C VAL A 129 -6.05 16.47 -15.27
N GLN A 130 -6.39 17.24 -16.31
CA GLN A 130 -6.52 18.70 -16.19
C GLN A 130 -7.74 19.11 -15.37
N ASP A 131 -8.85 18.37 -15.52
CA ASP A 131 -10.04 18.58 -14.70
C ASP A 131 -9.78 18.29 -13.22
N PHE A 132 -9.04 17.22 -12.92
CA PHE A 132 -8.68 16.92 -11.53
C PHE A 132 -7.86 18.05 -10.92
N ARG A 133 -6.83 18.50 -11.65
CA ARG A 133 -5.97 19.61 -11.22
C ARG A 133 -6.77 20.86 -10.82
N ARG A 134 -7.75 21.23 -11.63
CA ARG A 134 -8.61 22.38 -11.35
C ARG A 134 -9.61 22.10 -10.24
N ASN A 135 -10.39 21.03 -10.38
CA ASN A 135 -11.53 20.79 -9.50
C ASN A 135 -11.15 20.42 -8.06
N ILE A 136 -10.01 19.75 -7.88
CA ILE A 136 -9.51 19.38 -6.55
C ILE A 136 -9.16 20.58 -5.65
N LEU A 137 -8.79 21.71 -6.27
CA LEU A 137 -8.47 22.95 -5.54
C LEU A 137 -9.63 23.49 -4.68
N ASN A 138 -10.86 23.11 -4.99
CA ASN A 138 -12.02 23.44 -4.14
C ASN A 138 -11.85 22.87 -2.73
N VAL A 139 -11.37 21.63 -2.64
CA VAL A 139 -11.09 20.99 -1.34
C VAL A 139 -9.95 21.72 -0.62
N CYS A 140 -8.93 22.14 -1.36
CA CYS A 140 -7.81 22.89 -0.80
C CYS A 140 -8.25 24.20 -0.14
N LYS A 141 -8.98 25.04 -0.88
CA LYS A 141 -9.46 26.33 -0.36
C LYS A 141 -10.48 26.15 0.78
N GLU A 142 -11.30 25.11 0.67
CA GLU A 142 -12.23 24.72 1.73
C GLU A 142 -11.49 24.30 3.01
N ALA A 143 -10.38 23.59 2.84
CA ALA A 143 -9.56 23.12 3.96
C ALA A 143 -8.84 24.25 4.71
N VAL A 144 -8.32 25.24 3.98
CA VAL A 144 -7.66 26.40 4.62
C VAL A 144 -8.65 27.33 5.32
N ASP A 145 -9.88 27.42 4.80
CA ASP A 145 -10.95 28.18 5.44
C ASP A 145 -11.45 27.52 6.73
N LEU A 146 -11.39 26.18 6.80
CA LEU A 146 -11.80 25.44 8.01
C LEU A 146 -10.83 25.70 9.17
N ARG A 147 -9.53 25.73 8.87
CA ARG A 147 -8.49 25.98 9.89
C ARG A 147 -8.19 27.47 10.16
N ASP A 148 -8.90 28.39 9.49
CA ASP A 148 -8.85 29.84 9.79
C ASP A 148 -10.17 30.41 10.32
N LEU A 149 -11.18 29.57 10.50
CA LEU A 149 -12.52 30.02 10.91
C LEU A 149 -12.51 30.49 12.37
N ASN A 150 -11.98 29.65 13.27
CA ASN A 150 -11.82 29.99 14.68
C ASN A 150 -10.32 30.22 14.97
N SER A 151 -9.75 31.19 14.26
CA SER A 151 -8.33 31.54 14.39
C SER A 151 -8.06 32.27 15.72
N PRO A 152 -6.87 32.11 16.34
CA PRO A 152 -5.77 31.26 15.89
C PRO A 152 -5.64 29.92 16.67
N HIS A 153 -6.72 29.45 17.26
CA HIS A 153 -6.73 28.13 17.92
C HIS A 153 -6.77 27.01 16.88
N SER A 154 -7.65 27.16 15.89
CA SER A 154 -7.74 26.22 14.76
C SER A 154 -6.43 26.13 13.95
N ARG A 155 -5.70 27.24 13.89
CA ARG A 155 -4.35 27.28 13.30
C ARG A 155 -3.39 26.37 14.07
N ALA A 156 -3.41 26.47 15.41
CA ALA A 156 -2.60 25.62 16.28
C ALA A 156 -3.05 24.16 16.30
N MET A 157 -4.37 23.95 16.22
CA MET A 157 -4.94 22.60 16.16
C MET A 157 -4.61 21.87 14.85
N TYR A 158 -4.40 22.62 13.77
CA TYR A 158 -3.93 22.06 12.50
C TYR A 158 -2.49 21.53 12.64
N VAL A 159 -1.60 22.35 13.17
CA VAL A 159 -0.16 22.01 13.23
C VAL A 159 0.16 21.03 14.36
N TYR A 160 -0.43 21.23 15.54
CA TYR A 160 -0.21 20.36 16.70
C TYR A 160 -1.54 19.74 17.19
N PRO A 161 -2.12 18.81 16.39
CA PRO A 161 -3.41 18.25 16.74
C PRO A 161 -3.33 17.33 17.97
N PRO A 162 -4.40 17.29 18.79
CA PRO A 162 -4.37 16.47 19.99
C PRO A 162 -4.28 14.98 19.66
N ASN A 163 -3.17 14.35 20.07
CA ASN A 163 -2.96 12.93 19.87
C ASN A 163 -3.74 12.17 20.94
N VAL A 164 -4.95 11.73 20.56
CA VAL A 164 -5.90 11.12 21.51
C VAL A 164 -6.44 9.78 21.01
N GLU A 165 -7.04 9.04 21.94
CA GLU A 165 -7.78 7.82 21.61
C GLU A 165 -9.17 8.24 21.10
N SER A 166 -9.91 7.29 20.54
CA SER A 166 -11.25 7.55 20.03
C SER A 166 -12.27 7.80 21.14
N SER A 167 -12.23 6.97 22.19
CA SER A 167 -13.21 7.03 23.28
C SER A 167 -12.63 7.66 24.55
N PRO A 168 -13.42 8.51 25.25
CA PRO A 168 -13.00 8.97 26.59
C PRO A 168 -13.03 7.89 27.68
N GLU A 169 -13.88 6.86 27.52
CA GLU A 169 -14.04 5.82 28.55
C GLU A 169 -12.75 5.00 28.70
N LEU A 170 -12.31 4.82 29.94
CA LEU A 170 -11.18 3.94 30.25
C LEU A 170 -11.69 2.51 30.41
N PRO A 171 -10.91 1.52 29.93
CA PRO A 171 -11.13 0.14 30.37
C PRO A 171 -10.86 -0.01 31.87
N LYS A 172 -11.52 -0.96 32.51
CA LYS A 172 -11.44 -1.12 33.97
C LYS A 172 -10.03 -1.47 34.47
N HIS A 173 -9.27 -2.23 33.67
CA HIS A 173 -7.89 -2.59 34.02
C HIS A 173 -6.90 -1.40 33.91
N ILE A 174 -7.27 -0.34 33.17
CA ILE A 174 -6.49 0.91 33.12
C ILE A 174 -6.82 1.79 34.32
N TYR A 175 -8.12 1.92 34.63
CA TYR A 175 -8.59 2.71 35.77
C TYR A 175 -8.04 2.20 37.12
N ASN A 176 -7.95 0.88 37.26
CA ASN A 176 -7.48 0.27 38.52
C ASN A 176 -5.97 0.41 38.76
N LYS A 177 -5.20 0.73 37.72
CA LYS A 177 -3.78 1.08 37.88
C LYS A 177 -3.58 2.43 38.59
N LEU A 178 -4.57 3.31 38.49
CA LEU A 178 -4.55 4.61 39.18
C LEU A 178 -4.90 4.46 40.66
N ASP A 179 -4.40 5.39 41.47
CA ASP A 179 -4.73 5.49 42.89
C ASP A 179 -6.05 6.26 43.03
N LYS A 180 -7.09 5.58 43.52
CA LYS A 180 -8.46 6.13 43.67
C LYS A 180 -8.98 6.95 42.46
N GLY A 181 -8.64 6.51 41.25
CA GLY A 181 -8.99 7.22 40.03
C GLY A 181 -8.28 8.56 39.86
N GLN A 182 -7.00 8.61 40.25
CA GLN A 182 -6.18 9.82 40.16
C GLN A 182 -4.75 9.46 39.74
N ILE A 183 -4.15 10.35 38.95
CA ILE A 183 -2.77 10.15 38.47
C ILE A 183 -1.86 11.25 39.05
N ILE A 184 -0.66 10.85 39.45
CA ILE A 184 0.36 11.79 39.92
C ILE A 184 1.09 12.26 38.67
N VAL A 185 1.09 13.57 38.44
CA VAL A 185 1.66 14.18 37.23
C VAL A 185 2.51 15.40 37.61
N VAL A 186 3.71 15.49 37.04
CA VAL A 186 4.64 16.59 37.32
C VAL A 186 4.61 17.59 36.16
N ILE A 187 4.42 18.87 36.50
CA ILE A 187 4.43 19.96 35.53
C ILE A 187 5.73 20.75 35.70
N TRP A 188 6.49 20.88 34.62
CA TRP A 188 7.77 21.60 34.62
C TRP A 188 7.60 23.04 34.12
N VAL A 189 8.43 23.94 34.65
CA VAL A 189 8.43 25.35 34.27
C VAL A 189 9.88 25.83 34.08
N ILE A 190 10.10 26.65 33.06
CA ILE A 190 11.38 27.32 32.85
C ILE A 190 11.44 28.58 33.73
N VAL A 191 12.60 28.88 34.29
CA VAL A 191 12.75 30.06 35.15
C VAL A 191 12.78 31.36 34.34
N SER A 192 13.63 31.39 33.31
CA SER A 192 14.00 32.61 32.56
C SER A 192 15.06 32.16 31.53
N PRO A 193 15.88 33.10 30.98
CA PRO A 193 17.07 32.69 30.22
C PRO A 193 18.12 31.82 30.97
N ASN A 194 18.11 31.84 32.30
CA ASN A 194 18.99 30.98 33.11
C ASN A 194 18.75 29.47 32.90
N ASN A 195 17.51 29.08 32.63
CA ASN A 195 17.11 27.69 32.33
C ASN A 195 17.32 26.67 33.47
N ASP A 196 17.37 27.14 34.73
CA ASP A 196 17.52 26.25 35.89
C ASP A 196 16.16 25.61 36.22
N LYS A 197 15.85 24.51 35.54
CA LYS A 197 14.50 23.91 35.52
C LYS A 197 13.90 23.64 36.92
N GLN A 198 12.60 23.89 37.04
CA GLN A 198 11.83 23.67 38.28
C GLN A 198 10.59 22.84 38.00
N LYS A 199 10.03 22.24 39.04
CA LYS A 199 8.88 21.34 38.91
C LYS A 199 7.81 21.56 39.99
N TYR A 200 6.54 21.59 39.56
CA TYR A 200 5.39 21.61 40.46
C TYR A 200 4.66 20.26 40.35
N THR A 201 4.88 19.38 41.33
CA THR A 201 4.26 18.04 41.36
C THR A 201 2.78 18.14 41.74
N LEU A 202 1.92 17.51 40.94
CA LEU A 202 0.47 17.54 41.15
C LEU A 202 -0.12 16.14 41.37
N LYS A 203 -1.33 16.10 41.91
CA LYS A 203 -2.16 14.90 41.96
C LYS A 203 -3.59 15.34 41.66
N ILE A 204 -4.18 14.79 40.59
CA ILE A 204 -5.45 15.26 40.05
C ILE A 204 -6.29 14.10 39.50
N ASN A 205 -7.55 14.40 39.19
CA ASN A 205 -8.45 13.42 38.57
C ASN A 205 -8.01 13.14 37.13
N HIS A 206 -8.07 11.87 36.72
CA HIS A 206 -7.64 11.44 35.38
C HIS A 206 -8.45 12.07 34.24
N ASP A 207 -9.71 12.44 34.52
CA ASP A 207 -10.59 13.08 33.53
C ASP A 207 -10.48 14.62 33.46
N CYS A 208 -9.44 15.19 34.06
CA CYS A 208 -9.24 16.65 34.08
C CYS A 208 -8.89 17.21 32.70
N VAL A 209 -9.62 18.24 32.29
CA VAL A 209 -9.32 19.01 31.08
C VAL A 209 -8.02 19.79 31.34
N PRO A 210 -7.12 19.91 30.32
CA PRO A 210 -5.87 20.69 30.44
C PRO A 210 -5.97 22.06 31.14
N GLU A 211 -7.09 22.75 30.97
CA GLU A 211 -7.43 23.95 31.74
C GLU A 211 -7.34 23.72 33.25
N GLN A 212 -7.98 22.63 33.72
CA GLN A 212 -7.98 22.25 35.14
C GLN A 212 -6.60 21.79 35.66
N VAL A 213 -5.78 21.25 34.76
CA VAL A 213 -4.40 20.86 35.10
C VAL A 213 -3.51 22.09 35.24
N ILE A 214 -3.74 23.09 34.38
CA ILE A 214 -3.07 24.39 34.47
C ILE A 214 -3.49 25.15 35.74
N ALA A 215 -4.76 25.03 36.12
CA ALA A 215 -5.30 25.66 37.34
C ALA A 215 -4.65 25.12 38.62
N GLU A 216 -4.45 23.81 38.69
CA GLU A 216 -3.77 23.17 39.83
C GLU A 216 -2.28 23.51 39.92
N ALA A 217 -1.65 23.78 38.77
CA ALA A 217 -0.23 24.11 38.70
C ALA A 217 0.12 25.44 39.39
N ILE A 218 -0.71 26.46 39.15
CA ILE A 218 -0.51 27.78 39.76
C ILE A 218 -0.75 27.82 41.29
N ARG A 219 -1.49 26.85 41.82
CA ARG A 219 -1.63 26.67 43.27
C ARG A 219 -0.31 26.13 43.84
N LYS A 220 0.16 25.03 43.26
CA LYS A 220 1.46 24.44 43.62
C LYS A 220 2.58 25.29 43.02
N LEU A 226 2.56 30.96 49.96
CA LEU A 226 1.40 31.05 50.84
C LEU A 226 0.67 32.40 50.64
N LEU A 227 -0.47 32.36 49.95
CA LEU A 227 -1.23 33.56 49.57
C LEU A 227 -2.73 33.38 49.87
N SER A 228 -3.52 34.40 49.56
CA SER A 228 -4.98 34.39 49.76
C SER A 228 -5.67 33.25 49.00
N SER A 229 -6.78 32.76 49.56
CA SER A 229 -7.49 31.60 49.03
C SER A 229 -8.65 31.96 48.09
N GLU A 230 -9.50 32.89 48.52
CA GLU A 230 -10.65 33.34 47.71
C GLU A 230 -10.26 34.13 46.45
N GLN A 231 -9.04 34.66 46.41
CA GLN A 231 -8.51 35.38 45.24
C GLN A 231 -8.16 34.47 44.04
N LEU A 232 -8.06 33.15 44.28
CA LEU A 232 -7.73 32.17 43.21
C LEU A 232 -8.69 32.17 42.00
N LYS A 233 -9.94 32.56 42.22
CA LYS A 233 -10.91 32.70 41.11
C LYS A 233 -10.56 33.81 40.09
N LEU A 234 -9.75 34.79 40.51
CA LEU A 234 -9.28 35.85 39.62
C LEU A 234 -8.31 35.34 38.56
N CYS A 235 -7.27 34.63 39.01
CA CYS A 235 -6.21 34.15 38.12
C CYS A 235 -6.63 32.97 37.21
N VAL A 236 -7.44 32.05 37.75
CA VAL A 236 -7.93 30.90 36.96
C VAL A 236 -8.96 31.25 35.87
N LEU A 237 -9.54 32.46 35.93
CA LEU A 237 -10.42 32.98 34.87
C LEU A 237 -9.64 33.84 33.87
N GLU A 238 -8.81 34.74 34.37
CA GLU A 238 -8.06 35.70 33.54
C GLU A 238 -6.86 35.01 32.86
N TYR A 239 -6.05 34.29 33.65
CA TYR A 239 -4.81 33.66 33.17
C TYR A 239 -4.94 32.14 32.92
N GLN A 240 -6.09 31.70 32.41
CA GLN A 240 -6.27 30.32 31.95
C GLN A 240 -5.78 30.20 30.50
N GLY A 241 -6.19 31.15 29.68
CA GLY A 241 -5.70 31.29 28.31
C GLY A 241 -4.23 31.69 28.20
N LYS A 242 -3.63 32.15 29.30
CA LYS A 242 -2.19 32.42 29.37
C LYS A 242 -1.36 31.23 28.89
N TYR A 243 -1.56 30.07 29.53
CA TYR A 243 -0.69 28.90 29.32
C TYR A 243 -1.35 27.76 28.55
N ILE A 244 -0.48 26.89 28.01
CA ILE A 244 -0.88 25.62 27.39
C ILE A 244 0.13 24.53 27.76
N LEU A 245 -0.33 23.29 27.82
CA LEU A 245 0.52 22.16 28.23
C LEU A 245 1.24 21.53 27.03
N LYS A 246 2.44 21.03 27.31
CA LYS A 246 3.33 20.43 26.30
C LYS A 246 4.01 19.20 26.90
N VAL A 247 4.17 18.16 26.08
CA VAL A 247 4.83 16.92 26.51
C VAL A 247 6.35 17.15 26.50
N CYS A 248 7.03 16.69 27.54
CA CYS A 248 8.48 16.86 27.68
C CYS A 248 9.22 15.91 26.74
N GLY A 249 10.14 16.45 25.95
CA GLY A 249 10.87 15.68 24.93
C GLY A 249 10.13 15.50 23.61
N CYS A 250 9.02 16.22 23.43
CA CYS A 250 8.12 16.04 22.28
C CYS A 250 7.62 17.38 21.75
N ASP A 251 7.31 17.41 20.45
CA ASP A 251 6.52 18.48 19.86
C ASP A 251 5.07 18.00 19.80
N GLU A 252 4.47 17.89 20.98
CA GLU A 252 3.10 17.41 21.15
C GLU A 252 2.44 18.22 22.28
N TYR A 253 1.24 18.75 22.00
CA TYR A 253 0.55 19.68 22.89
C TYR A 253 -0.88 19.25 23.16
N PHE A 254 -1.37 19.49 24.37
CA PHE A 254 -2.75 19.23 24.76
C PHE A 254 -3.57 20.51 24.58
N LEU A 255 -3.84 20.87 23.33
CA LEU A 255 -4.51 22.12 22.98
C LEU A 255 -6.05 22.08 23.05
N GLU A 256 -6.62 20.87 23.17
CA GLU A 256 -8.07 20.68 23.16
C GLU A 256 -8.57 20.26 24.55
N LYS A 257 -9.86 20.48 24.80
CA LYS A 257 -10.48 20.18 26.10
C LYS A 257 -10.87 18.71 26.32
N TYR A 258 -10.04 17.77 25.87
CA TYR A 258 -10.25 16.34 26.14
C TYR A 258 -9.87 16.02 27.59
N PRO A 259 -10.43 14.92 28.14
CA PRO A 259 -9.91 14.31 29.37
C PRO A 259 -8.42 13.98 29.27
N LEU A 260 -7.69 14.16 30.36
CA LEU A 260 -6.22 13.97 30.37
C LEU A 260 -5.84 12.54 29.98
N SER A 261 -6.55 11.57 30.53
CA SER A 261 -6.32 10.15 30.25
C SER A 261 -6.55 9.75 28.78
N GLN A 262 -7.41 10.49 28.08
CA GLN A 262 -7.70 10.23 26.67
C GLN A 262 -6.52 10.50 25.72
N TYR A 263 -5.60 11.38 26.11
CA TYR A 263 -4.37 11.61 25.34
C TYR A 263 -3.45 10.37 25.38
N LYS A 264 -2.87 10.04 24.23
CA LYS A 264 -2.08 8.81 24.06
C LYS A 264 -0.86 8.72 24.98
N TYR A 265 -0.15 9.84 25.15
CA TYR A 265 1.01 9.92 26.04
C TYR A 265 0.65 9.62 27.50
N ILE A 266 -0.49 10.16 27.94
CA ILE A 266 -0.96 10.01 29.32
C ILE A 266 -1.44 8.57 29.54
N ARG A 267 -2.16 8.03 28.56
CA ARG A 267 -2.57 6.61 28.58
C ARG A 267 -1.36 5.67 28.55
N SER A 268 -0.32 6.06 27.80
CA SER A 268 0.94 5.31 27.75
C SER A 268 1.70 5.36 29.07
N CYS A 269 1.74 6.54 29.69
CA CYS A 269 2.42 6.71 30.99
C CYS A 269 1.79 5.89 32.13
N ILE A 270 0.47 5.73 32.10
CA ILE A 270 -0.24 4.92 33.10
C ILE A 270 0.15 3.44 33.02
N MET A 271 0.14 2.90 31.80
CA MET A 271 0.41 1.47 31.57
C MET A 271 1.84 1.08 31.93
N LEU A 272 2.81 1.92 31.54
CA LEU A 272 4.23 1.68 31.83
C LEU A 272 4.60 1.92 33.30
N GLY A 273 3.80 2.71 34.01
CA GLY A 273 4.07 3.08 35.40
C GLY A 273 5.08 4.21 35.51
N ARG A 274 5.06 5.12 34.53
CA ARG A 274 6.01 6.23 34.46
C ARG A 274 5.34 7.52 34.88
N MET A 275 6.11 8.41 35.49
CA MET A 275 5.65 9.76 35.83
C MET A 275 5.47 10.57 34.54
N PRO A 276 4.24 11.06 34.26
CA PRO A 276 4.09 11.95 33.10
C PRO A 276 4.66 13.32 33.37
N ASN A 277 5.47 13.82 32.44
CA ASN A 277 6.13 15.13 32.58
C ASN A 277 5.57 16.08 31.53
N LEU A 278 4.84 17.09 31.98
CA LEU A 278 4.13 18.02 31.10
C LEU A 278 4.62 19.45 31.30
N MET A 279 5.46 19.93 30.39
CA MET A 279 6.01 21.29 30.47
C MET A 279 4.91 22.35 30.31
N LEU A 280 4.81 23.22 31.32
CA LEU A 280 3.95 24.41 31.23
C LEU A 280 4.63 25.43 30.31
N MET A 281 3.84 26.04 29.43
CA MET A 281 4.38 26.95 28.42
C MET A 281 3.34 28.00 28.03
N ALA A 282 3.82 29.18 27.64
CA ALA A 282 2.94 30.30 27.28
C ALA A 282 2.22 30.05 25.96
N LYS A 283 0.94 30.41 25.92
CA LYS A 283 0.12 30.25 24.72
C LYS A 283 0.52 31.25 23.64
N GLU A 284 0.82 32.47 24.06
CA GLU A 284 1.27 33.53 23.14
C GLU A 284 2.62 33.17 22.48
N SER A 285 3.47 32.46 23.22
CA SER A 285 4.76 31.98 22.70
C SER A 285 4.59 31.05 21.50
N LEU A 286 3.71 30.06 21.63
CA LEU A 286 3.43 29.11 20.55
C LEU A 286 2.57 29.69 19.44
N TYR A 287 1.59 30.53 19.79
CA TYR A 287 0.61 31.06 18.82
C TYR A 287 1.21 32.04 17.82
N SER A 288 2.06 32.95 18.30
CA SER A 288 2.81 33.86 17.42
C SER A 288 3.89 33.15 16.59
N GLN A 289 4.40 32.03 17.10
CA GLN A 289 5.37 31.18 16.38
C GLN A 289 4.80 30.54 15.12
N LEU A 290 3.48 30.30 15.09
CA LEU A 290 2.84 29.65 13.93
C LEU A 290 3.00 30.48 12.65
N PRO A 291 3.10 29.80 11.49
CA PRO A 291 3.47 30.50 10.24
C PRO A 291 2.46 31.53 9.73
N MET A 292 1.17 31.24 9.90
CA MET A 292 0.08 32.01 9.29
C MET A 292 0.23 31.94 7.77
N ASP A 293 0.24 30.71 7.27
CA ASP A 293 0.58 30.42 5.87
C ASP A 293 -0.46 30.90 4.87
N CYS A 294 -0.05 31.01 3.61
CA CYS A 294 -0.86 31.59 2.55
C CYS A 294 -0.99 30.65 1.36
N PHE A 295 -2.13 29.96 1.27
CA PHE A 295 -2.50 29.18 0.10
C PHE A 295 -2.95 30.12 -1.02
N THR A 296 -2.37 29.93 -2.21
CA THR A 296 -2.68 30.74 -3.39
C THR A 296 -3.13 29.83 -4.52
N MET A 297 -4.13 30.27 -5.28
CA MET A 297 -4.61 29.54 -6.45
C MET A 297 -3.57 29.65 -7.58
N PRO A 298 -3.15 28.50 -8.14
CA PRO A 298 -2.15 28.53 -9.21
C PRO A 298 -2.71 29.01 -10.56
N SER A 299 -1.81 29.24 -11.51
CA SER A 299 -2.15 29.79 -12.83
C SER A 299 -3.11 28.92 -13.67
N TYR A 300 -3.07 27.60 -13.45
CA TYR A 300 -3.94 26.65 -14.17
C TYR A 300 -5.39 26.55 -13.65
N SER A 301 -5.79 27.42 -12.72
CA SER A 301 -7.18 27.46 -12.22
C SER A 301 -8.18 27.89 -13.30
N GLY A 313 -21.52 21.74 -35.62
CA GLY A 313 -22.85 21.22 -35.34
C GLY A 313 -23.05 20.80 -33.90
N GLU A 314 -24.32 20.66 -33.51
CA GLU A 314 -24.69 20.25 -32.15
C GLU A 314 -24.39 18.76 -31.94
N THR A 315 -24.04 18.43 -30.69
CA THR A 315 -23.79 17.04 -30.29
C THR A 315 -25.10 16.26 -30.25
N SER A 316 -25.13 15.13 -30.97
CA SER A 316 -26.25 14.18 -30.88
C SER A 316 -26.07 13.29 -29.63
N THR A 317 -26.67 13.71 -28.53
CA THR A 317 -26.55 13.02 -27.23
C THR A 317 -27.59 11.91 -27.14
N LYS A 318 -27.27 10.87 -26.38
CA LYS A 318 -28.12 9.67 -26.27
C LYS A 318 -27.94 8.98 -24.92
N SER A 319 -29.02 8.35 -24.44
CA SER A 319 -28.97 7.56 -23.21
C SER A 319 -28.46 6.15 -23.51
N LEU A 320 -27.71 5.58 -22.58
CA LEU A 320 -27.30 4.16 -22.61
C LEU A 320 -28.49 3.21 -22.76
N TRP A 321 -29.58 3.53 -22.06
CA TRP A 321 -30.78 2.68 -22.02
C TRP A 321 -31.67 2.75 -23.29
N VAL A 322 -31.27 3.56 -24.27
CA VAL A 322 -31.93 3.63 -25.58
C VAL A 322 -31.28 2.69 -26.63
N ILE A 323 -30.01 2.31 -26.43
CA ILE A 323 -29.27 1.49 -27.41
C ILE A 323 -29.79 0.05 -27.40
N ASN A 324 -30.53 -0.32 -28.45
CA ASN A 324 -31.00 -1.70 -28.64
C ASN A 324 -29.93 -2.49 -29.39
N SER A 325 -28.92 -2.92 -28.65
CA SER A 325 -27.80 -3.68 -29.21
C SER A 325 -27.02 -4.41 -28.12
N ALA A 326 -26.56 -5.63 -28.43
CA ALA A 326 -25.67 -6.38 -27.55
C ALA A 326 -24.28 -5.75 -27.59
N LEU A 327 -23.48 -6.02 -26.55
CA LEU A 327 -22.11 -5.51 -26.49
C LEU A 327 -21.23 -6.30 -27.44
N ARG A 328 -20.39 -5.58 -28.18
CA ARG A 328 -19.29 -6.18 -28.92
C ARG A 328 -18.10 -5.23 -29.01
N ILE A 329 -16.90 -5.80 -29.05
CA ILE A 329 -15.65 -5.05 -29.13
C ILE A 329 -14.77 -5.72 -30.17
N LYS A 330 -14.06 -4.91 -30.96
CA LYS A 330 -13.19 -5.43 -32.00
C LYS A 330 -11.74 -5.39 -31.54
N ILE A 331 -11.07 -6.53 -31.62
CA ILE A 331 -9.63 -6.63 -31.39
C ILE A 331 -8.98 -6.57 -32.76
N LEU A 332 -8.15 -5.56 -32.97
CA LEU A 332 -7.48 -5.36 -34.26
C LEU A 332 -6.13 -6.08 -34.26
N CYS A 333 -5.14 -5.52 -33.58
CA CYS A 333 -3.78 -6.02 -33.63
C CYS A 333 -2.94 -5.49 -32.48
N ALA A 334 -1.82 -6.16 -32.23
CA ALA A 334 -0.79 -5.71 -31.29
C ALA A 334 0.45 -5.37 -32.09
N THR A 335 1.16 -4.31 -31.69
CA THR A 335 2.33 -3.84 -32.43
C THR A 335 3.45 -4.88 -32.36
N TYR A 336 3.75 -5.32 -31.14
CA TYR A 336 4.68 -6.42 -30.93
C TYR A 336 4.39 -7.18 -29.65
N VAL A 337 5.09 -8.30 -29.51
CA VAL A 337 5.06 -9.09 -28.30
C VAL A 337 6.41 -9.80 -28.15
N ASN A 338 6.90 -9.91 -26.91
CA ASN A 338 8.20 -10.49 -26.63
C ASN A 338 8.06 -11.99 -26.38
N VAL A 339 8.15 -12.76 -27.45
CA VAL A 339 7.92 -14.21 -27.41
C VAL A 339 8.91 -14.93 -28.34
N ASN A 340 9.52 -16.00 -27.84
CA ASN A 340 10.29 -16.93 -28.69
C ASN A 340 9.33 -17.72 -29.57
N ILE A 341 9.46 -17.55 -30.89
CA ILE A 341 8.63 -18.27 -31.87
C ILE A 341 8.83 -19.80 -31.88
N ARG A 342 9.99 -20.25 -31.39
CA ARG A 342 10.28 -21.69 -31.27
C ARG A 342 9.51 -22.35 -30.13
N ASP A 343 9.51 -21.69 -28.97
CA ASP A 343 8.97 -22.28 -27.73
C ASP A 343 7.45 -22.14 -27.59
N ILE A 344 6.90 -20.98 -28.00
CA ILE A 344 5.47 -20.68 -27.90
C ILE A 344 4.78 -21.03 -29.23
N ASP A 345 3.59 -21.62 -29.14
CA ASP A 345 2.87 -22.13 -30.31
C ASP A 345 1.95 -21.10 -30.94
N LYS A 346 1.07 -20.53 -30.11
CA LYS A 346 0.10 -19.54 -30.55
C LYS A 346 -0.03 -18.41 -29.53
N ILE A 347 -0.59 -17.30 -29.99
CA ILE A 347 -1.01 -16.21 -29.10
C ILE A 347 -2.45 -15.82 -29.41
N TYR A 348 -3.09 -15.20 -28.42
CA TYR A 348 -4.44 -14.67 -28.59
C TYR A 348 -4.68 -13.58 -27.56
N VAL A 349 -5.80 -12.90 -27.69
CA VAL A 349 -6.22 -11.88 -26.73
C VAL A 349 -7.39 -12.43 -25.90
N ARG A 350 -7.17 -12.53 -24.58
CA ARG A 350 -8.25 -12.87 -23.64
C ARG A 350 -8.91 -11.58 -23.20
N THR A 351 -10.20 -11.67 -22.90
CA THR A 351 -11.03 -10.49 -22.77
C THR A 351 -12.22 -10.78 -21.83
N GLY A 352 -12.61 -9.78 -21.04
CA GLY A 352 -13.73 -9.92 -20.11
C GLY A 352 -14.37 -8.60 -19.74
N ILE A 353 -15.68 -8.64 -19.48
CA ILE A 353 -16.47 -7.49 -19.04
C ILE A 353 -16.71 -7.66 -17.52
N TYR A 354 -15.94 -6.94 -16.71
CA TYR A 354 -15.94 -7.12 -15.25
C TYR A 354 -16.66 -6.00 -14.50
N HIS A 355 -17.26 -6.35 -13.37
CA HIS A 355 -17.76 -5.39 -12.38
C HIS A 355 -17.02 -5.69 -11.09
N GLY A 356 -15.90 -5.01 -10.89
CA GLY A 356 -14.98 -5.33 -9.82
C GLY A 356 -14.21 -6.58 -10.21
N GLY A 357 -14.29 -7.62 -9.37
CA GLY A 357 -13.68 -8.92 -9.65
C GLY A 357 -14.59 -9.94 -10.31
N GLU A 358 -15.88 -9.60 -10.48
CA GLU A 358 -16.89 -10.52 -11.00
C GLU A 358 -17.16 -10.27 -12.49
N PRO A 359 -17.00 -11.30 -13.34
CA PRO A 359 -17.45 -11.21 -14.74
C PRO A 359 -18.95 -10.99 -14.87
N LEU A 360 -19.34 -9.98 -15.65
CA LEU A 360 -20.76 -9.71 -15.95
C LEU A 360 -21.33 -10.67 -16.99
N CYS A 361 -20.45 -11.26 -17.79
CA CYS A 361 -20.81 -12.29 -18.77
C CYS A 361 -19.60 -13.23 -18.94
N ASP A 362 -19.70 -14.19 -19.85
CA ASP A 362 -18.57 -15.08 -20.14
C ASP A 362 -17.39 -14.32 -20.76
N ASN A 363 -16.17 -14.68 -20.36
CA ASN A 363 -14.96 -14.14 -20.96
C ASN A 363 -14.80 -14.69 -22.38
N VAL A 364 -14.49 -13.80 -23.33
CA VAL A 364 -14.37 -14.18 -24.75
C VAL A 364 -12.92 -14.01 -25.20
N ASN A 365 -12.40 -15.02 -25.89
CA ASN A 365 -11.06 -14.97 -26.49
C ASN A 365 -11.17 -14.69 -27.98
N THR A 366 -10.12 -14.09 -28.54
CA THR A 366 -9.93 -14.00 -29.99
C THR A 366 -9.47 -15.36 -30.49
N GLN A 367 -9.40 -15.50 -31.82
CA GLN A 367 -8.82 -16.68 -32.45
C GLN A 367 -7.34 -16.75 -32.13
N ARG A 368 -6.80 -17.96 -32.14
CA ARG A 368 -5.38 -18.17 -31.94
C ARG A 368 -4.65 -17.85 -33.25
N VAL A 369 -3.51 -17.17 -33.13
CA VAL A 369 -2.71 -16.75 -34.29
C VAL A 369 -1.21 -17.01 -34.03
N PRO A 370 -0.38 -17.01 -35.10
CA PRO A 370 1.08 -17.14 -34.90
C PRO A 370 1.71 -16.02 -34.06
N CYS A 371 2.77 -16.36 -33.34
CA CYS A 371 3.52 -15.40 -32.52
C CYS A 371 4.05 -14.21 -33.32
N SER A 372 4.55 -14.50 -34.53
CA SER A 372 5.11 -13.49 -35.42
C SER A 372 4.09 -12.48 -35.97
N ASN A 373 2.81 -12.89 -36.08
CA ASN A 373 1.76 -12.06 -36.66
C ASN A 373 0.60 -11.84 -35.66
N PRO A 374 0.81 -10.96 -34.66
CA PRO A 374 -0.27 -10.60 -33.72
C PRO A 374 -1.30 -9.69 -34.40
N ARG A 375 -2.27 -10.31 -35.06
CA ARG A 375 -3.24 -9.60 -35.88
C ARG A 375 -4.52 -10.42 -35.91
N TRP A 376 -5.63 -9.82 -35.45
CA TRP A 376 -6.90 -10.53 -35.28
C TRP A 376 -8.01 -9.96 -36.15
N ASN A 377 -8.31 -8.67 -35.99
CA ASN A 377 -9.37 -7.97 -36.75
C ASN A 377 -10.72 -8.68 -36.67
N GLU A 378 -11.14 -9.06 -35.46
CA GLU A 378 -12.42 -9.72 -35.26
C GLU A 378 -13.23 -9.06 -34.15
N TRP A 379 -14.54 -8.95 -34.37
CA TRP A 379 -15.48 -8.52 -33.35
C TRP A 379 -15.71 -9.67 -32.40
N LEU A 380 -15.48 -9.43 -31.11
CA LEU A 380 -15.87 -10.37 -30.05
C LEU A 380 -17.27 -9.99 -29.59
N ASN A 381 -18.16 -10.99 -29.50
CA ASN A 381 -19.54 -10.79 -29.06
C ASN A 381 -19.72 -11.27 -27.62
N TYR A 382 -20.37 -10.45 -26.80
CA TYR A 382 -20.64 -10.77 -25.39
C TYR A 382 -22.13 -10.90 -25.20
N ASP A 383 -22.59 -11.90 -24.44
CA ASP A 383 -24.01 -11.98 -24.10
C ASP A 383 -24.32 -11.07 -22.91
N ILE A 384 -24.36 -9.77 -23.22
CA ILE A 384 -24.87 -8.75 -22.32
C ILE A 384 -25.44 -7.61 -23.18
N TYR A 385 -26.65 -7.20 -22.83
CA TYR A 385 -27.36 -6.12 -23.50
C TYR A 385 -26.71 -4.82 -23.01
N ILE A 386 -26.46 -3.87 -23.93
CA ILE A 386 -25.77 -2.61 -23.57
C ILE A 386 -26.44 -1.81 -22.45
N PRO A 387 -27.79 -1.73 -22.44
CA PRO A 387 -28.51 -1.12 -21.31
C PRO A 387 -28.27 -1.76 -19.94
N ASP A 388 -27.96 -3.06 -19.90
CA ASP A 388 -27.64 -3.75 -18.65
C ASP A 388 -26.22 -3.54 -18.10
N LEU A 389 -25.35 -2.86 -18.85
CA LEU A 389 -24.00 -2.54 -18.38
C LEU A 389 -24.04 -1.61 -17.16
N PRO A 390 -23.55 -2.09 -15.99
CA PRO A 390 -23.54 -1.22 -14.82
C PRO A 390 -22.51 -0.09 -14.92
N ARG A 391 -22.68 0.92 -14.08
CA ARG A 391 -21.86 2.14 -14.16
C ARG A 391 -20.36 1.86 -14.03
N ALA A 392 -19.99 0.89 -13.21
CA ALA A 392 -18.58 0.56 -12.97
C ALA A 392 -18.02 -0.55 -13.87
N ALA A 393 -18.73 -0.90 -14.95
CA ALA A 393 -18.30 -1.96 -15.85
C ALA A 393 -16.98 -1.64 -16.53
N ARG A 394 -16.08 -2.63 -16.58
CA ARG A 394 -14.75 -2.47 -17.16
C ARG A 394 -14.45 -3.59 -18.16
N LEU A 395 -13.73 -3.22 -19.23
CA LEU A 395 -13.10 -4.20 -20.11
C LEU A 395 -11.77 -4.57 -19.48
N CYS A 396 -11.58 -5.86 -19.22
CA CYS A 396 -10.30 -6.40 -18.74
C CYS A 396 -9.77 -7.32 -19.80
N LEU A 397 -8.49 -7.16 -20.16
CA LEU A 397 -7.91 -7.93 -21.26
C LEU A 397 -6.43 -8.25 -21.07
N SER A 398 -5.96 -9.19 -21.88
CA SER A 398 -4.55 -9.57 -21.91
C SER A 398 -4.22 -10.26 -23.23
N ILE A 399 -2.96 -10.14 -23.64
CA ILE A 399 -2.41 -10.96 -24.71
C ILE A 399 -1.80 -12.20 -24.05
N CYS A 400 -2.36 -13.37 -24.34
CA CYS A 400 -1.91 -14.63 -23.73
C CYS A 400 -1.17 -15.52 -24.73
N SER A 401 -0.23 -16.32 -24.21
CA SER A 401 0.49 -17.31 -25.01
C SER A 401 -0.07 -18.72 -24.78
N VAL A 402 0.18 -19.60 -25.75
CA VAL A 402 -0.14 -21.02 -25.64
C VAL A 402 1.12 -21.82 -25.94
N LYS A 403 1.48 -22.71 -25.01
CA LYS A 403 2.50 -23.73 -25.25
C LYS A 403 1.85 -25.10 -25.05
N GLY A 404 1.94 -25.95 -26.08
CA GLY A 404 1.32 -27.27 -26.08
C GLY A 404 0.42 -27.44 -27.29
N GLY A 407 0.42 -35.21 -24.21
CA GLY A 407 -0.73 -35.77 -24.90
C GLY A 407 -1.91 -34.83 -24.97
N ALA A 408 -1.88 -33.92 -25.94
CA ALA A 408 -2.92 -32.90 -26.18
C ALA A 408 -3.14 -31.93 -25.00
N LYS A 409 -2.08 -31.69 -24.22
CA LYS A 409 -2.13 -30.82 -23.03
C LYS A 409 -1.39 -29.51 -23.31
N GLU A 410 -1.88 -28.42 -22.74
CA GLU A 410 -1.37 -27.07 -23.05
C GLU A 410 -1.47 -26.09 -21.89
N GLU A 411 -0.50 -25.18 -21.83
CA GLU A 411 -0.44 -24.16 -20.77
C GLU A 411 -0.65 -22.77 -21.34
N HIS A 412 -1.50 -21.99 -20.65
CA HIS A 412 -1.84 -20.63 -21.03
C HIS A 412 -1.17 -19.67 -20.06
N CYS A 413 -0.45 -18.68 -20.58
CA CYS A 413 0.24 -17.67 -19.75
C CYS A 413 -0.02 -16.27 -20.26
N PRO A 414 -0.18 -15.30 -19.34
CA PRO A 414 -0.31 -13.90 -19.76
C PRO A 414 1.04 -13.30 -20.13
N LEU A 415 1.08 -12.55 -21.23
CA LEU A 415 2.28 -11.84 -21.69
C LEU A 415 2.25 -10.37 -21.25
N ALA A 416 1.06 -9.77 -21.32
CA ALA A 416 0.82 -8.43 -20.82
C ALA A 416 -0.68 -8.26 -20.60
N TRP A 417 -1.06 -7.25 -19.81
CA TRP A 417 -2.45 -7.03 -19.43
C TRP A 417 -2.82 -5.55 -19.49
N GLY A 418 -4.11 -5.27 -19.47
CA GLY A 418 -4.63 -3.91 -19.41
C GLY A 418 -6.12 -3.87 -19.12
N ASN A 419 -6.56 -2.80 -18.47
CA ASN A 419 -7.97 -2.61 -18.12
C ASN A 419 -8.46 -1.24 -18.61
N ILE A 420 -9.70 -1.21 -19.12
CA ILE A 420 -10.33 0.03 -19.62
C ILE A 420 -11.71 0.18 -18.99
N ASN A 421 -12.00 1.39 -18.50
CA ASN A 421 -13.35 1.71 -18.03
C ASN A 421 -14.27 1.88 -19.23
N LEU A 422 -15.39 1.14 -19.26
CA LEU A 422 -16.36 1.27 -20.35
C LEU A 422 -17.01 2.65 -20.39
N PHE A 423 -17.20 3.26 -19.22
CA PHE A 423 -17.62 4.65 -19.13
C PHE A 423 -16.45 5.50 -18.66
N ASP A 424 -16.29 6.68 -19.22
CA ASP A 424 -15.27 7.62 -18.75
C ASP A 424 -15.77 8.39 -17.51
N TYR A 425 -14.92 9.25 -16.97
CA TYR A 425 -15.22 10.05 -15.78
C TYR A 425 -16.45 10.99 -15.88
N THR A 426 -16.86 11.35 -17.10
CA THR A 426 -18.07 12.14 -17.36
C THR A 426 -19.30 11.27 -17.69
N ASP A 427 -19.25 9.99 -17.33
CA ASP A 427 -20.33 9.00 -17.58
C ASP A 427 -20.59 8.68 -19.07
N THR A 428 -19.61 8.94 -19.93
CA THR A 428 -19.76 8.72 -21.38
C THR A 428 -19.26 7.33 -21.75
N LEU A 429 -20.04 6.60 -22.55
CA LEU A 429 -19.67 5.25 -23.00
C LEU A 429 -18.60 5.37 -24.08
N VAL A 430 -17.56 4.54 -23.98
CA VAL A 430 -16.45 4.56 -24.93
C VAL A 430 -16.88 4.08 -26.32
N SER A 431 -16.29 4.69 -27.35
CA SER A 431 -16.61 4.36 -28.74
C SER A 431 -15.38 4.54 -29.63
N GLY A 432 -15.40 3.87 -30.78
CA GLY A 432 -14.37 4.03 -31.79
C GLY A 432 -13.04 3.40 -31.45
N LYS A 433 -12.05 3.68 -32.31
CA LYS A 433 -10.71 3.08 -32.18
C LYS A 433 -9.95 3.72 -31.03
N MET A 434 -9.36 2.88 -30.18
CA MET A 434 -8.37 3.34 -29.20
C MET A 434 -7.22 2.35 -29.09
N ALA A 435 -6.06 2.87 -28.68
CA ALA A 435 -4.86 2.08 -28.49
C ALA A 435 -4.58 1.95 -26.99
N LEU A 436 -4.30 0.72 -26.53
CA LEU A 436 -3.98 0.47 -25.13
C LEU A 436 -2.58 -0.12 -25.01
N ASN A 437 -1.65 0.66 -24.47
CA ASN A 437 -0.32 0.16 -24.15
C ASN A 437 -0.43 -0.66 -22.88
N LEU A 438 -0.05 -1.94 -22.97
CA LEU A 438 -0.29 -2.90 -21.90
C LEU A 438 0.78 -2.86 -20.83
N TRP A 439 0.48 -3.48 -19.69
CA TRP A 439 1.37 -3.52 -18.53
C TRP A 439 2.00 -4.90 -18.40
N PRO A 440 3.22 -4.98 -17.83
CA PRO A 440 3.81 -6.30 -17.53
C PRO A 440 3.06 -7.00 -16.39
N VAL A 441 3.05 -8.33 -16.42
CA VAL A 441 2.33 -9.13 -15.44
C VAL A 441 3.07 -9.05 -14.09
N PRO A 442 2.35 -8.80 -12.98
CA PRO A 442 3.03 -8.75 -11.67
C PRO A 442 3.63 -10.10 -11.27
N HIS A 443 4.69 -10.06 -10.47
CA HIS A 443 5.37 -11.28 -10.04
C HIS A 443 4.42 -12.17 -9.24
N GLY A 444 4.29 -13.42 -9.67
CA GLY A 444 3.45 -14.41 -9.01
C GLY A 444 2.02 -14.53 -9.54
N LEU A 445 1.62 -13.66 -10.46
CA LEU A 445 0.26 -13.72 -11.01
C LEU A 445 0.24 -14.68 -12.18
N GLU A 446 -0.48 -15.79 -12.02
CA GLU A 446 -0.66 -16.79 -13.06
C GLU A 446 -2.02 -16.67 -13.76
N ASP A 447 -2.92 -15.84 -13.21
CA ASP A 447 -4.22 -15.56 -13.82
C ASP A 447 -4.04 -14.89 -15.18
N LEU A 448 -4.83 -15.32 -16.15
CA LEU A 448 -4.73 -14.81 -17.51
C LEU A 448 -5.17 -13.34 -17.62
N LEU A 449 -6.13 -12.92 -16.80
CA LEU A 449 -6.55 -11.52 -16.68
C LEU A 449 -6.21 -10.97 -15.30
N ASN A 450 -6.12 -9.64 -15.21
CA ASN A 450 -5.77 -8.94 -13.98
C ASN A 450 -6.82 -7.85 -13.68
N PRO A 451 -8.03 -8.26 -13.26
CA PRO A 451 -9.08 -7.27 -12.94
C PRO A 451 -8.79 -6.35 -11.75
N ILE A 452 -7.97 -6.78 -10.78
CA ILE A 452 -7.60 -5.95 -9.63
C ILE A 452 -6.67 -4.80 -10.02
N GLY A 453 -5.91 -4.96 -11.10
CA GLY A 453 -4.97 -3.94 -11.58
C GLY A 453 -5.63 -2.66 -12.05
N VAL A 454 -4.85 -1.58 -12.09
CA VAL A 454 -5.35 -0.24 -12.46
C VAL A 454 -5.83 -0.15 -13.90
N THR A 455 -6.67 0.84 -14.17
CA THR A 455 -7.12 1.16 -15.52
C THR A 455 -6.21 2.18 -16.18
N GLY A 456 -6.38 2.36 -17.49
CA GLY A 456 -5.61 3.31 -18.27
C GLY A 456 -4.43 2.69 -19.01
N SER A 457 -3.93 3.42 -19.99
CA SER A 457 -2.82 2.98 -20.82
C SER A 457 -1.49 3.15 -20.09
N ASN A 458 -0.54 2.28 -20.40
CA ASN A 458 0.83 2.38 -19.87
C ASN A 458 1.48 3.62 -20.47
N PRO A 459 2.00 4.55 -19.62
CA PRO A 459 2.64 5.75 -20.16
C PRO A 459 3.92 5.52 -20.97
N ASN A 460 4.65 4.43 -20.69
CA ASN A 460 5.77 4.03 -21.54
C ASN A 460 5.22 3.52 -22.86
N LYS A 461 5.54 4.20 -23.96
CA LYS A 461 5.06 3.81 -25.29
C LYS A 461 5.90 2.69 -25.92
N GLU A 462 7.16 2.55 -25.49
CA GLU A 462 8.00 1.39 -25.87
C GLU A 462 7.50 0.18 -25.09
N THR A 463 6.44 -0.44 -25.60
CA THR A 463 5.58 -1.34 -24.83
C THR A 463 4.54 -2.00 -25.76
N PRO A 464 4.13 -3.26 -25.47
CA PRO A 464 3.07 -3.88 -26.27
C PRO A 464 1.79 -3.04 -26.33
N CYS A 465 1.33 -2.74 -27.55
CA CYS A 465 0.21 -1.84 -27.79
C CYS A 465 -0.90 -2.54 -28.56
N LEU A 466 -1.97 -2.88 -27.86
CA LEU A 466 -3.14 -3.52 -28.47
C LEU A 466 -4.12 -2.47 -28.99
N GLU A 467 -4.38 -2.50 -30.30
CA GLU A 467 -5.39 -1.62 -30.90
C GLU A 467 -6.74 -2.33 -30.86
N LEU A 468 -7.77 -1.60 -30.43
CA LEU A 468 -9.13 -2.12 -30.37
C LEU A 468 -10.15 -1.06 -30.76
N GLU A 469 -11.36 -1.51 -31.12
CA GLU A 469 -12.43 -0.64 -31.59
C GLU A 469 -13.76 -0.98 -30.95
N PHE A 470 -14.30 -0.04 -30.18
CA PHE A 470 -15.66 -0.14 -29.63
C PHE A 470 -16.68 0.34 -30.67
N ASP A 471 -17.93 -0.08 -30.52
CA ASP A 471 -19.02 0.35 -31.42
C ASP A 471 -19.30 1.84 -31.27
N TRP A 472 -19.89 2.39 -32.33
CA TRP A 472 -20.33 3.78 -32.36
C TRP A 472 -21.83 3.78 -32.65
N PHE A 473 -22.61 4.40 -31.77
CA PHE A 473 -24.07 4.46 -31.88
C PHE A 473 -24.57 5.88 -32.13
N SER A 474 -24.07 6.82 -31.33
CA SER A 474 -24.24 8.25 -31.57
C SER A 474 -22.99 9.00 -31.12
N SER A 475 -23.00 10.32 -31.32
CA SER A 475 -21.86 11.18 -30.99
C SER A 475 -21.43 11.06 -29.53
N VAL A 476 -22.40 11.04 -28.62
CA VAL A 476 -22.15 10.88 -27.19
C VAL A 476 -23.26 10.00 -26.58
N VAL A 477 -22.86 8.86 -26.01
CA VAL A 477 -23.76 7.96 -25.29
C VAL A 477 -23.50 8.10 -23.79
N LYS A 478 -24.49 8.61 -23.05
CA LYS A 478 -24.36 8.87 -21.60
C LYS A 478 -25.09 7.84 -20.76
N PHE A 479 -24.52 7.55 -19.59
CA PHE A 479 -25.21 6.77 -18.56
C PHE A 479 -26.31 7.66 -17.96
N PRO A 480 -27.52 7.12 -17.77
CA PRO A 480 -28.63 7.98 -17.33
C PRO A 480 -28.47 8.55 -15.93
N ASP A 481 -29.14 9.67 -15.68
CA ASP A 481 -29.10 10.35 -14.38
C ASP A 481 -29.87 9.57 -13.32
N MET A 482 -29.70 9.98 -12.07
CA MET A 482 -30.34 9.30 -10.94
C MET A 482 -31.87 9.38 -10.98
N SER A 483 -32.40 10.52 -11.44
CA SER A 483 -33.86 10.68 -11.59
C SER A 483 -34.44 9.70 -12.63
N VAL A 484 -33.69 9.45 -13.70
CA VAL A 484 -34.10 8.49 -14.75
C VAL A 484 -34.03 7.05 -14.22
N ILE A 485 -33.03 6.75 -13.39
CA ILE A 485 -32.84 5.41 -12.81
C ILE A 485 -33.96 5.08 -11.80
N GLU A 486 -34.27 6.02 -10.91
CA GLU A 486 -35.40 5.90 -9.98
C GLU A 486 -36.73 5.59 -10.68
N GLU A 487 -36.94 6.21 -11.85
CA GLU A 487 -38.14 6.01 -12.65
C GLU A 487 -38.27 4.57 -13.17
N HIS A 488 -37.15 4.02 -13.66
CA HIS A 488 -37.09 2.62 -14.09
C HIS A 488 -37.19 1.63 -12.92
N ALA A 489 -36.62 2.00 -11.77
CA ALA A 489 -36.71 1.18 -10.55
C ALA A 489 -38.15 0.99 -10.09
N ASN A 490 -38.91 2.09 -10.08
CA ASN A 490 -40.35 2.06 -9.74
C ASN A 490 -41.17 1.28 -10.77
N TRP A 491 -40.78 1.39 -12.04
CA TRP A 491 -41.41 0.62 -13.13
C TRP A 491 -41.13 -0.89 -13.02
N SER A 492 -39.90 -1.24 -12.67
CA SER A 492 -39.48 -2.64 -12.54
C SER A 492 -40.18 -3.37 -11.39
N VAL A 493 -40.27 -2.72 -10.23
CA VAL A 493 -40.91 -3.30 -9.04
C VAL A 493 -42.43 -3.49 -9.22
N SER A 494 -43.06 -2.68 -10.07
CA SER A 494 -44.48 -2.83 -10.41
C SER A 494 -44.77 -4.13 -11.17
N ARG A 495 -43.92 -4.46 -12.14
CA ARG A 495 -44.03 -5.72 -12.89
C ARG A 495 -43.84 -6.96 -12.02
N GLU A 496 -42.85 -6.90 -11.11
CA GLU A 496 -42.56 -8.00 -10.20
C GLU A 496 -43.63 -8.10 -9.10
N ALA A 497 -44.53 -9.07 -9.26
CA ALA A 497 -45.61 -9.36 -8.29
C ALA A 497 -46.53 -8.16 -8.03
N ARG A 509 -43.84 0.35 -1.00
CA ARG A 509 -44.92 -0.05 -0.10
C ARG A 509 -44.95 -1.55 0.21
N LEU A 510 -44.31 -2.37 -0.65
CA LEU A 510 -44.18 -3.82 -0.39
C LEU A 510 -43.21 -4.16 0.75
N ALA A 511 -42.45 -3.15 1.22
CA ALA A 511 -41.68 -3.24 2.47
C ALA A 511 -42.55 -3.61 3.69
N ARG A 512 -43.75 -3.03 3.76
CA ARG A 512 -44.68 -3.23 4.88
C ARG A 512 -46.01 -3.90 4.50
N ASP A 513 -46.12 -4.39 3.26
CA ASP A 513 -47.33 -5.05 2.77
C ASP A 513 -47.36 -6.51 3.25
N ASN A 514 -46.27 -7.23 3.03
CA ASN A 514 -46.05 -8.55 3.64
C ASN A 514 -45.18 -8.38 4.89
N GLU A 515 -45.37 -9.28 5.85
CA GLU A 515 -44.66 -9.20 7.14
C GLU A 515 -43.45 -10.13 7.15
N LEU A 516 -42.35 -9.65 7.76
CA LEU A 516 -41.14 -10.45 7.93
C LEU A 516 -41.36 -11.47 9.04
N ARG A 517 -41.37 -12.76 8.68
CA ARG A 517 -41.56 -13.84 9.64
C ARG A 517 -40.37 -13.98 10.58
N GLU A 518 -40.60 -14.60 11.74
CA GLU A 518 -39.54 -14.84 12.73
C GLU A 518 -38.46 -15.79 12.20
N ASN A 519 -38.87 -16.78 11.43
CA ASN A 519 -37.95 -17.71 10.76
C ASN A 519 -37.04 -16.96 9.79
N ASP A 520 -37.64 -16.07 8.98
CA ASP A 520 -36.90 -15.25 8.02
C ASP A 520 -36.00 -14.21 8.69
N LYS A 521 -36.46 -13.64 9.80
CA LYS A 521 -35.69 -12.65 10.56
C LYS A 521 -34.42 -13.23 11.18
N GLU A 522 -34.52 -14.46 11.70
CA GLU A 522 -33.37 -15.17 12.27
C GLU A 522 -32.29 -15.51 11.22
N GLN A 523 -32.71 -15.92 10.02
CA GLN A 523 -31.78 -16.24 8.93
C GLN A 523 -31.05 -14.99 8.41
N LEU A 524 -31.75 -13.86 8.34
CA LEU A 524 -31.13 -12.59 7.94
C LEU A 524 -30.03 -12.15 8.91
N LYS A 525 -30.26 -12.34 10.21
CA LYS A 525 -29.24 -12.05 11.24
C LYS A 525 -28.05 -13.02 11.15
N ALA A 526 -28.32 -14.29 10.86
CA ALA A 526 -27.28 -15.31 10.75
C ALA A 526 -26.40 -15.11 9.51
N ILE A 527 -27.00 -14.70 8.39
CA ILE A 527 -26.25 -14.35 7.18
C ILE A 527 -25.34 -13.15 7.39
N SER A 528 -25.81 -12.15 8.16
CA SER A 528 -25.03 -10.93 8.41
C SER A 528 -23.78 -11.15 9.26
N THR A 529 -23.73 -12.24 10.03
CA THR A 529 -22.57 -12.58 10.85
C THR A 529 -21.42 -13.26 10.07
N ARG A 530 -21.70 -13.76 8.86
CA ARG A 530 -20.65 -14.27 7.97
C ARG A 530 -19.59 -13.19 7.70
N ASP A 531 -18.35 -13.63 7.50
CA ASP A 531 -17.24 -12.70 7.23
C ASP A 531 -17.26 -12.24 5.76
N PRO A 532 -16.53 -11.14 5.43
CA PRO A 532 -16.48 -10.60 4.06
C PRO A 532 -16.20 -11.58 2.93
N LEU A 533 -15.38 -12.60 3.18
CA LEU A 533 -15.00 -13.57 2.14
C LEU A 533 -15.75 -14.91 2.19
N SER A 534 -16.63 -15.09 3.17
CA SER A 534 -17.52 -16.25 3.22
C SER A 534 -18.64 -16.04 2.19
N GLU A 535 -18.54 -16.71 1.03
CA GLU A 535 -19.46 -16.44 -0.10
C GLU A 535 -20.87 -16.90 0.24
N ILE A 536 -21.84 -16.04 -0.01
CA ILE A 536 -23.25 -16.40 0.11
C ILE A 536 -23.64 -17.41 -0.98
N THR A 537 -24.53 -18.33 -0.63
CA THR A 537 -25.03 -19.33 -1.58
C THR A 537 -26.11 -18.73 -2.49
N GLU A 538 -26.46 -19.45 -3.54
CA GLU A 538 -27.51 -19.01 -4.47
C GLU A 538 -28.90 -18.96 -3.83
N GLN A 539 -29.15 -19.84 -2.85
CA GLN A 539 -30.36 -19.77 -2.02
C GLN A 539 -30.36 -18.51 -1.17
N GLU A 540 -29.22 -18.24 -0.53
CA GLU A 540 -29.04 -17.03 0.28
C GLU A 540 -29.13 -15.73 -0.54
N LYS A 541 -28.69 -15.78 -1.80
CA LYS A 541 -28.82 -14.64 -2.72
C LYS A 541 -30.28 -14.33 -3.02
N ASP A 542 -31.01 -15.35 -3.46
CA ASP A 542 -32.45 -15.23 -3.75
C ASP A 542 -33.26 -14.83 -2.51
N PHE A 543 -32.85 -15.34 -1.35
CA PHE A 543 -33.48 -15.02 -0.07
C PHE A 543 -33.25 -13.56 0.32
N LEU A 544 -32.01 -13.10 0.20
CA LEU A 544 -31.65 -11.71 0.52
C LEU A 544 -32.33 -10.70 -0.42
N TRP A 545 -32.36 -11.01 -1.72
CA TRP A 545 -33.02 -10.14 -2.70
C TRP A 545 -34.52 -10.10 -2.51
N SER A 546 -35.14 -11.26 -2.22
CA SER A 546 -36.56 -11.33 -1.86
C SER A 546 -36.91 -10.43 -0.68
N HIS A 547 -36.03 -10.37 0.31
CA HIS A 547 -36.21 -9.54 1.51
C HIS A 547 -35.34 -8.27 1.53
N ARG A 548 -35.08 -7.70 0.35
CA ARG A 548 -34.27 -6.48 0.22
C ARG A 548 -34.89 -5.27 0.92
N HIS A 549 -36.21 -5.18 0.92
CA HIS A 549 -36.93 -4.09 1.59
C HIS A 549 -36.89 -4.21 3.12
N TYR A 550 -36.73 -5.43 3.63
CA TYR A 550 -36.62 -5.67 5.07
C TYR A 550 -35.18 -5.60 5.59
N CYS A 551 -34.20 -5.73 4.70
CA CYS A 551 -32.76 -5.65 5.08
C CYS A 551 -32.33 -4.33 5.73
N VAL A 552 -33.05 -3.24 5.43
CA VAL A 552 -32.78 -1.92 6.06
C VAL A 552 -32.80 -1.93 7.60
N THR A 553 -33.61 -2.82 8.18
CA THR A 553 -33.69 -2.98 9.64
C THR A 553 -32.38 -3.48 10.27
N ILE A 554 -31.61 -4.24 9.49
CA ILE A 554 -30.29 -4.75 9.91
C ILE A 554 -29.24 -4.25 8.90
N PRO A 555 -28.82 -2.97 9.02
CA PRO A 555 -28.04 -2.30 7.98
C PRO A 555 -26.63 -2.84 7.74
N GLU A 556 -26.05 -3.56 8.71
CA GLU A 556 -24.75 -4.21 8.53
C GLU A 556 -24.77 -5.37 7.51
N ILE A 557 -25.96 -5.82 7.11
CA ILE A 557 -26.13 -6.82 6.05
C ILE A 557 -25.92 -6.28 4.61
N LEU A 558 -25.76 -4.95 4.46
CA LEU A 558 -25.61 -4.31 3.14
C LEU A 558 -24.60 -4.99 2.19
N PRO A 559 -23.38 -5.32 2.66
CA PRO A 559 -22.44 -6.02 1.78
C PRO A 559 -22.92 -7.38 1.25
N LYS A 560 -23.73 -8.10 2.03
CA LYS A 560 -24.35 -9.35 1.56
C LYS A 560 -25.47 -9.08 0.55
N LEU A 561 -26.26 -8.04 0.79
CA LEU A 561 -27.33 -7.67 -0.13
C LEU A 561 -26.78 -7.22 -1.47
N LEU A 562 -25.67 -6.48 -1.45
CA LEU A 562 -24.99 -6.04 -2.67
C LEU A 562 -24.41 -7.21 -3.48
N LEU A 563 -23.94 -8.25 -2.79
CA LEU A 563 -23.48 -9.48 -3.45
C LEU A 563 -24.62 -10.29 -4.07
N SER A 564 -25.83 -10.13 -3.54
CA SER A 564 -27.04 -10.79 -4.06
C SER A 564 -27.66 -10.11 -5.28
N VAL A 565 -27.24 -8.88 -5.58
CA VAL A 565 -27.74 -8.14 -6.74
C VAL A 565 -27.18 -8.77 -8.01
N LYS A 566 -28.01 -8.83 -9.06
CA LYS A 566 -27.52 -9.07 -10.43
C LYS A 566 -27.00 -7.76 -10.98
N TRP A 567 -25.68 -7.57 -10.93
CA TRP A 567 -25.06 -6.36 -11.44
C TRP A 567 -25.08 -6.26 -12.98
N ASN A 568 -25.33 -7.38 -13.67
CA ASN A 568 -25.60 -7.38 -15.12
C ASN A 568 -27.10 -7.30 -15.48
N SER A 569 -27.89 -6.65 -14.62
CA SER A 569 -29.32 -6.42 -14.87
C SER A 569 -29.70 -5.04 -14.34
N ARG A 570 -30.04 -4.12 -15.24
CA ARG A 570 -30.41 -2.75 -14.88
C ARG A 570 -31.67 -2.68 -14.01
N ASP A 571 -32.56 -3.66 -14.16
CA ASP A 571 -33.75 -3.78 -13.31
C ASP A 571 -33.36 -3.87 -11.84
N GLU A 572 -32.53 -4.86 -11.51
CA GLU A 572 -32.10 -5.10 -10.14
C GLU A 572 -31.17 -4.01 -9.61
N VAL A 573 -30.24 -3.55 -10.45
CA VAL A 573 -29.31 -2.47 -10.06
C VAL A 573 -30.05 -1.17 -9.72
N ALA A 574 -31.02 -0.81 -10.56
CA ALA A 574 -31.84 0.40 -10.34
C ALA A 574 -32.59 0.38 -9.01
N GLN A 575 -33.12 -0.78 -8.63
CA GLN A 575 -33.77 -0.95 -7.34
C GLN A 575 -32.80 -0.86 -6.16
N MET A 576 -31.56 -1.32 -6.36
CA MET A 576 -30.53 -1.23 -5.33
C MET A 576 -30.13 0.22 -5.03
N TYR A 577 -30.02 1.03 -6.08
CA TYR A 577 -29.72 2.47 -5.94
C TYR A 577 -30.71 3.19 -5.02
N CYS A 578 -32.00 2.89 -5.17
CA CYS A 578 -33.06 3.45 -4.30
C CYS A 578 -32.93 3.01 -2.85
N LEU A 579 -32.54 1.74 -2.64
CA LEU A 579 -32.27 1.21 -1.31
C LEU A 579 -31.00 1.83 -0.67
N VAL A 580 -29.94 1.94 -1.46
CA VAL A 580 -28.68 2.56 -1.00
C VAL A 580 -28.87 4.05 -0.65
N LYS A 581 -29.67 4.76 -1.45
CA LYS A 581 -29.93 6.20 -1.26
C LYS A 581 -30.31 6.59 0.17
N ASP A 582 -31.21 5.81 0.79
CA ASP A 582 -31.71 6.08 2.14
C ASP A 582 -31.28 5.01 3.16
N TRP A 583 -30.12 4.38 2.93
CA TRP A 583 -29.65 3.28 3.76
C TRP A 583 -29.08 3.82 5.08
N PRO A 584 -29.50 3.26 6.24
CA PRO A 584 -28.96 3.73 7.53
C PRO A 584 -27.44 3.61 7.61
N PRO A 585 -26.75 4.66 8.09
CA PRO A 585 -25.28 4.62 8.06
C PRO A 585 -24.69 3.58 9.01
N ILE A 586 -23.58 2.98 8.61
CA ILE A 586 -22.93 1.88 9.32
C ILE A 586 -21.59 2.29 9.89
N LYS A 587 -21.08 1.47 10.81
CA LYS A 587 -19.83 1.77 11.53
C LYS A 587 -18.65 1.84 10.53
N PRO A 588 -17.64 2.70 10.81
CA PRO A 588 -16.53 2.86 9.86
C PRO A 588 -15.81 1.56 9.50
N GLU A 589 -15.60 0.68 10.47
CA GLU A 589 -14.96 -0.63 10.24
C GLU A 589 -15.73 -1.50 9.23
N GLN A 590 -17.07 -1.39 9.28
CA GLN A 590 -17.95 -2.10 8.33
C GLN A 590 -18.01 -1.40 6.97
N ALA A 591 -17.97 -0.07 6.97
CA ALA A 591 -17.92 0.72 5.73
C ALA A 591 -16.63 0.49 4.93
N MET A 592 -15.54 0.19 5.62
CA MET A 592 -14.26 -0.11 4.96
C MET A 592 -14.26 -1.40 4.14
N GLU A 593 -15.17 -2.34 4.46
CA GLU A 593 -15.42 -3.50 3.58
C GLU A 593 -15.85 -3.04 2.19
N LEU A 594 -16.72 -2.04 2.14
CA LEU A 594 -17.30 -1.55 0.88
C LEU A 594 -16.35 -0.72 0.01
N LEU A 595 -15.14 -0.45 0.48
CA LEU A 595 -14.13 0.26 -0.29
C LEU A 595 -13.13 -0.64 -1.04
N ASP A 596 -13.21 -1.97 -0.86
CA ASP A 596 -12.32 -2.90 -1.58
C ASP A 596 -12.72 -3.08 -3.05
N CYS A 597 -11.96 -3.90 -3.79
CA CYS A 597 -12.16 -4.10 -5.23
C CYS A 597 -13.42 -4.88 -5.65
N ASN A 598 -14.14 -5.48 -4.69
CA ASN A 598 -15.43 -6.14 -4.97
C ASN A 598 -16.67 -5.23 -4.88
N TYR A 599 -16.49 -3.93 -4.62
CA TYR A 599 -17.60 -2.98 -4.55
C TYR A 599 -17.24 -1.70 -5.31
N PRO A 600 -17.23 -1.76 -6.66
CA PRO A 600 -16.80 -0.63 -7.48
C PRO A 600 -17.88 0.39 -7.84
N ASP A 601 -19.13 0.14 -7.47
CA ASP A 601 -20.23 1.02 -7.84
C ASP A 601 -20.12 2.37 -7.09
N PRO A 602 -20.22 3.51 -7.81
CA PRO A 602 -20.05 4.83 -7.18
C PRO A 602 -21.02 5.18 -6.04
N MET A 603 -22.26 4.68 -6.12
CA MET A 603 -23.26 4.92 -5.07
C MET A 603 -22.94 4.15 -3.80
N VAL A 604 -22.40 2.93 -3.95
CA VAL A 604 -21.96 2.12 -2.80
C VAL A 604 -20.71 2.75 -2.17
N ARG A 605 -19.78 3.19 -3.00
CA ARG A 605 -18.54 3.80 -2.52
C ARG A 605 -18.78 5.16 -1.89
N GLY A 606 -19.71 5.92 -2.44
CA GLY A 606 -20.12 7.20 -1.86
C GLY A 606 -20.75 7.02 -0.49
N PHE A 607 -21.63 6.03 -0.37
CA PHE A 607 -22.21 5.66 0.91
C PHE A 607 -21.12 5.31 1.94
N ALA A 608 -20.15 4.49 1.53
CA ALA A 608 -19.01 4.12 2.37
C ALA A 608 -18.22 5.33 2.85
N VAL A 609 -17.93 6.26 1.94
CA VAL A 609 -17.20 7.48 2.27
C VAL A 609 -18.00 8.37 3.24
N ARG A 610 -19.31 8.44 3.04
CA ARG A 610 -20.19 9.23 3.92
C ARG A 610 -20.30 8.67 5.34
N CYS A 611 -20.15 7.36 5.50
CA CYS A 611 -20.02 6.75 6.83
C CYS A 611 -18.75 7.22 7.53
N LEU A 612 -17.64 7.25 6.78
CA LEU A 612 -16.35 7.71 7.32
C LEU A 612 -16.39 9.20 7.68
N GLU A 613 -17.01 10.02 6.84
CA GLU A 613 -17.16 11.46 7.09
C GLU A 613 -17.89 11.75 8.41
N LYS A 614 -18.92 10.96 8.72
CA LYS A 614 -19.70 11.12 9.94
C LYS A 614 -19.01 10.52 11.18
N TYR A 615 -18.54 9.28 11.06
CA TYR A 615 -18.18 8.46 12.23
C TYR A 615 -16.71 8.06 12.39
N LEU A 616 -15.86 8.35 11.40
CA LEU A 616 -14.43 8.05 11.50
C LEU A 616 -13.71 9.19 12.20
N THR A 617 -13.17 8.91 13.39
CA THR A 617 -12.37 9.88 14.14
C THR A 617 -10.99 10.01 13.52
N ASP A 618 -10.33 11.13 13.79
CA ASP A 618 -8.96 11.37 13.33
C ASP A 618 -7.97 10.31 13.83
N ASP A 619 -8.22 9.78 15.03
CA ASP A 619 -7.47 8.66 15.59
C ASP A 619 -7.50 7.42 14.69
N LYS A 620 -8.70 6.99 14.35
CA LYS A 620 -8.90 5.79 13.53
C LYS A 620 -8.57 6.00 12.05
N LEU A 621 -8.65 7.24 11.57
CA LEU A 621 -8.15 7.58 10.23
C LEU A 621 -6.64 7.35 10.17
N SER A 622 -5.92 7.82 11.18
CA SER A 622 -4.47 7.57 11.31
C SER A 622 -4.14 6.08 11.45
N GLN A 623 -4.97 5.35 12.17
CA GLN A 623 -4.81 3.91 12.35
C GLN A 623 -4.92 3.17 11.01
N TYR A 624 -5.90 3.54 10.18
CA TYR A 624 -6.18 2.84 8.92
C TYR A 624 -5.73 3.60 7.65
N LEU A 625 -4.85 4.59 7.79
CA LEU A 625 -4.48 5.44 6.66
C LEU A 625 -3.75 4.69 5.55
N ILE A 626 -2.93 3.70 5.93
CA ILE A 626 -2.23 2.85 4.97
C ILE A 626 -3.22 2.18 3.99
N GLN A 627 -4.33 1.65 4.52
CA GLN A 627 -5.33 0.96 3.68
C GLN A 627 -6.13 1.94 2.83
N LEU A 628 -6.53 3.06 3.42
CA LEU A 628 -7.35 4.07 2.72
C LEU A 628 -6.62 4.72 1.53
N VAL A 629 -5.30 4.91 1.66
CA VAL A 629 -4.46 5.34 0.53
C VAL A 629 -4.38 4.26 -0.57
N GLN A 630 -4.23 3.01 -0.16
CA GLN A 630 -4.20 1.88 -1.11
C GLN A 630 -5.51 1.66 -1.86
N VAL A 631 -6.63 1.95 -1.21
CA VAL A 631 -7.95 1.91 -1.86
C VAL A 631 -8.05 2.82 -3.10
N LEU A 632 -7.31 3.93 -3.10
CA LEU A 632 -7.29 4.85 -4.25
C LEU A 632 -6.87 4.17 -5.55
N LYS A 633 -6.08 3.11 -5.46
CA LYS A 633 -5.68 2.32 -6.63
C LYS A 633 -6.85 1.61 -7.32
N TYR A 634 -7.87 1.23 -6.56
CA TYR A 634 -9.07 0.58 -7.12
C TYR A 634 -10.06 1.57 -7.76
N GLU A 635 -9.97 2.85 -7.40
CA GLU A 635 -10.90 3.87 -7.92
C GLU A 635 -10.77 3.96 -9.44
N GLN A 636 -11.90 3.94 -10.12
CA GLN A 636 -11.93 4.08 -11.57
C GLN A 636 -11.36 5.41 -12.07
N TYR A 637 -11.62 6.48 -11.33
CA TYR A 637 -11.32 7.85 -11.77
C TYR A 637 -10.46 8.60 -10.77
N LEU A 638 -9.83 9.67 -11.24
CA LEU A 638 -8.96 10.51 -10.40
C LEU A 638 -9.77 11.29 -9.39
N ASP A 639 -10.91 11.83 -9.81
CA ASP A 639 -11.83 12.55 -8.94
C ASP A 639 -12.90 11.59 -8.40
N ASN A 640 -12.89 11.38 -7.09
CA ASN A 640 -13.90 10.59 -6.40
C ASN A 640 -14.09 11.12 -4.97
N LEU A 641 -15.11 10.61 -4.29
CA LEU A 641 -15.47 11.11 -2.96
C LEU A 641 -14.44 10.76 -1.89
N LEU A 642 -13.78 9.60 -2.03
CA LEU A 642 -12.77 9.18 -1.06
C LEU A 642 -11.53 10.07 -1.06
N VAL A 643 -11.03 10.41 -2.25
CA VAL A 643 -9.81 11.22 -2.35
C VAL A 643 -10.04 12.66 -1.87
N ARG A 644 -11.25 13.18 -2.08
CA ARG A 644 -11.64 14.48 -1.51
C ARG A 644 -11.72 14.44 0.01
N PHE A 645 -12.23 13.35 0.55
CA PHE A 645 -12.28 13.13 2.00
C PHE A 645 -10.89 13.07 2.63
N LEU A 646 -10.01 12.24 2.08
CA LEU A 646 -8.66 12.05 2.63
C LEU A 646 -7.78 13.29 2.46
N LEU A 647 -7.86 13.94 1.31
CA LEU A 647 -7.14 15.20 1.10
C LEU A 647 -7.56 16.25 2.11
N LYS A 648 -8.87 16.40 2.30
CA LYS A 648 -9.42 17.36 3.26
C LYS A 648 -8.91 17.08 4.68
N LYS A 649 -9.02 15.83 5.11
CA LYS A 649 -8.50 15.42 6.44
C LYS A 649 -6.98 15.57 6.56
N ALA A 650 -6.25 15.30 5.47
CA ALA A 650 -4.81 15.53 5.43
C ALA A 650 -4.45 17.01 5.58
N LEU A 651 -5.24 17.87 4.95
CA LEU A 651 -5.04 19.33 5.01
C LEU A 651 -5.64 20.02 6.25
N THR A 652 -6.47 19.31 7.03
CA THR A 652 -6.99 19.83 8.31
C THR A 652 -6.36 19.18 9.55
N ASN A 653 -5.54 18.15 9.36
CA ASN A 653 -4.77 17.52 10.45
C ASN A 653 -3.37 17.16 9.93
N GLN A 654 -2.35 17.83 10.47
CA GLN A 654 -0.98 17.69 9.99
C GLN A 654 -0.35 16.33 10.31
N ARG A 655 -0.82 15.67 11.37
CA ARG A 655 -0.39 14.29 11.68
C ARG A 655 -0.87 13.33 10.59
N ILE A 656 -2.10 13.52 10.15
CA ILE A 656 -2.67 12.74 9.03
C ILE A 656 -1.97 13.14 7.73
N GLY A 657 -1.80 14.44 7.51
CA GLY A 657 -1.12 14.97 6.34
C GLY A 657 0.31 14.49 6.14
N HIS A 658 1.03 14.30 7.26
CA HIS A 658 2.41 13.81 7.22
C HIS A 658 2.53 12.42 6.61
N PHE A 659 1.74 11.48 7.13
CA PHE A 659 1.75 10.09 6.65
C PHE A 659 1.04 9.93 5.31
N PHE A 660 0.02 10.74 5.09
CA PHE A 660 -0.64 10.85 3.77
C PHE A 660 0.39 11.14 2.69
N PHE A 661 1.23 12.14 2.93
CA PHE A 661 2.32 12.50 2.01
C PHE A 661 3.28 11.33 1.78
N TRP A 662 3.76 10.73 2.87
CA TRP A 662 4.79 9.69 2.80
C TRP A 662 4.34 8.37 2.18
N HIS A 663 3.09 7.98 2.42
CA HIS A 663 2.53 6.77 1.79
C HIS A 663 2.38 6.94 0.27
N LEU A 664 1.96 8.13 -0.16
CA LEU A 664 1.84 8.44 -1.58
C LEU A 664 3.21 8.55 -2.24
N LYS A 665 4.11 9.29 -1.60
CA LYS A 665 5.47 9.51 -2.11
C LYS A 665 6.26 8.21 -2.24
N SER A 666 6.08 7.28 -1.30
CA SER A 666 6.81 6.01 -1.30
C SER A 666 6.60 5.16 -2.57
N GLU A 667 5.47 5.37 -3.26
CA GLU A 667 5.15 4.65 -4.49
C GLU A 667 5.21 5.48 -5.78
N MET A 668 5.83 6.65 -5.73
CA MET A 668 5.95 7.50 -6.94
C MET A 668 6.86 6.90 -8.03
N HIS A 669 7.73 5.97 -7.66
CA HIS A 669 8.47 5.14 -8.63
C HIS A 669 7.56 4.28 -9.51
N ASN A 670 6.43 3.82 -8.96
CA ASN A 670 5.51 2.91 -9.62
C ASN A 670 4.64 3.63 -10.65
N LYS A 671 4.79 3.26 -11.93
CA LYS A 671 4.12 3.95 -13.03
C LYS A 671 2.63 3.63 -13.17
N THR A 672 2.15 2.59 -12.49
CA THR A 672 0.71 2.32 -12.40
C THR A 672 -0.06 3.40 -11.62
N VAL A 673 0.62 4.07 -10.68
CA VAL A 673 0.00 5.11 -9.85
C VAL A 673 0.75 6.45 -9.79
N SER A 674 1.80 6.61 -10.61
CA SER A 674 2.63 7.83 -10.62
C SER A 674 1.81 9.09 -10.86
N GLN A 675 0.97 9.06 -11.89
CA GLN A 675 0.15 10.19 -12.27
C GLN A 675 -0.87 10.54 -11.18
N ARG A 676 -1.63 9.55 -10.74
CA ARG A 676 -2.66 9.75 -9.71
C ARG A 676 -2.07 10.32 -8.42
N PHE A 677 -1.10 9.60 -7.87
CA PHE A 677 -0.45 9.99 -6.60
C PHE A 677 0.34 11.29 -6.75
N GLY A 678 0.92 11.50 -7.93
CA GLY A 678 1.61 12.75 -8.24
C GLY A 678 0.68 13.95 -8.25
N LEU A 679 -0.47 13.81 -8.90
CA LEU A 679 -1.50 14.85 -8.91
C LEU A 679 -2.05 15.14 -7.51
N LEU A 680 -2.27 14.07 -6.74
CA LEU A 680 -2.76 14.18 -5.37
C LEU A 680 -1.73 14.85 -4.46
N LEU A 681 -0.47 14.47 -4.59
CA LEU A 681 0.62 15.08 -3.80
C LEU A 681 0.83 16.56 -4.12
N GLU A 682 0.65 16.94 -5.38
CA GLU A 682 0.69 18.35 -5.77
C GLU A 682 -0.38 19.15 -5.04
N SER A 683 -1.62 18.68 -5.10
CA SER A 683 -2.75 19.30 -4.40
C SER A 683 -2.47 19.47 -2.91
N TYR A 684 -1.92 18.43 -2.29
CA TYR A 684 -1.53 18.47 -0.89
C TYR A 684 -0.44 19.51 -0.63
N CYS A 685 0.65 19.42 -1.39
CA CYS A 685 1.81 20.32 -1.21
C CYS A 685 1.49 21.80 -1.51
N ARG A 686 0.52 22.02 -2.39
CA ARG A 686 0.01 23.37 -2.68
C ARG A 686 -0.66 24.00 -1.45
N ALA A 687 -1.48 23.21 -0.75
CA ALA A 687 -2.36 23.69 0.33
C ALA A 687 -1.91 23.40 1.76
N CYS A 688 -0.88 22.57 1.95
CA CYS A 688 -0.43 22.19 3.30
C CYS A 688 0.32 23.30 4.05
N GLY A 689 0.76 24.33 3.33
CA GLY A 689 1.36 25.51 3.94
C GLY A 689 2.83 25.30 4.28
N MET A 690 3.18 25.70 5.51
CA MET A 690 4.58 25.72 5.95
C MET A 690 5.23 24.33 6.05
N TYR A 691 4.41 23.30 6.27
CA TYR A 691 4.90 21.93 6.40
C TYR A 691 5.65 21.40 5.16
N LEU A 692 5.39 21.98 3.99
CA LEU A 692 6.14 21.67 2.77
C LEU A 692 7.66 21.91 2.92
N LYS A 693 8.04 22.91 3.70
CA LYS A 693 9.45 23.20 3.97
C LYS A 693 10.05 22.12 4.86
N HIS A 694 9.27 21.69 5.85
CA HIS A 694 9.67 20.60 6.75
C HIS A 694 9.75 19.25 6.01
N LEU A 695 8.77 19.01 5.14
CA LEU A 695 8.79 17.81 4.28
C LEU A 695 9.97 17.79 3.31
N ASN A 696 10.31 18.94 2.74
CA ASN A 696 11.44 19.04 1.80
C ASN A 696 12.77 18.68 2.45
N ARG A 697 12.97 19.09 3.70
CA ARG A 697 14.16 18.70 4.47
C ARG A 697 14.21 17.20 4.76
N GLN A 698 13.04 16.60 5.02
CA GLN A 698 12.93 15.15 5.19
C GLN A 698 13.25 14.41 3.90
N VAL A 699 12.71 14.89 2.78
CA VAL A 699 13.00 14.32 1.45
C VAL A 699 14.49 14.42 1.13
N GLU A 700 15.05 15.62 1.32
CA GLU A 700 16.47 15.90 1.08
C GLU A 700 17.38 15.00 1.92
N ALA A 701 17.00 14.81 3.20
CA ALA A 701 17.75 13.95 4.11
C ALA A 701 17.74 12.48 3.69
N MET A 702 16.57 11.98 3.31
CA MET A 702 16.43 10.59 2.86
C MET A 702 17.13 10.34 1.53
N GLU A 703 17.03 11.29 0.60
CA GLU A 703 17.73 11.20 -0.70
C GLU A 703 19.24 11.02 -0.53
N LYS A 704 19.82 11.79 0.39
CA LYS A 704 21.25 11.67 0.69
C LYS A 704 21.63 10.35 1.34
N LEU A 705 20.73 9.77 2.14
CA LEU A 705 20.93 8.41 2.67
C LEU A 705 20.76 7.35 1.59
N ILE A 706 19.78 7.54 0.69
CA ILE A 706 19.58 6.66 -0.46
C ILE A 706 20.82 6.64 -1.36
N ASN A 707 21.37 7.83 -1.63
CA ASN A 707 22.54 7.96 -2.51
C ASN A 707 23.81 7.32 -1.93
N LEU A 708 24.05 7.51 -0.63
CA LEU A 708 25.20 6.89 0.05
C LEU A 708 25.13 5.37 0.08
N THR A 709 23.95 4.85 0.40
CA THR A 709 23.74 3.40 0.46
C THR A 709 23.77 2.74 -0.94
N ASP A 710 23.39 3.49 -1.98
CA ASP A 710 23.58 3.04 -3.37
C ASP A 710 25.07 2.84 -3.67
N ILE A 711 25.88 3.82 -3.29
CA ILE A 711 27.33 3.78 -3.52
C ILE A 711 27.98 2.64 -2.73
N LEU A 712 27.55 2.43 -1.49
CA LEU A 712 28.04 1.32 -0.68
C LEU A 712 27.74 -0.04 -1.31
N LYS A 713 26.55 -0.19 -1.88
CA LYS A 713 26.12 -1.44 -2.51
C LYS A 713 26.74 -1.68 -3.89
N GLN A 714 26.92 -0.61 -4.68
CA GLN A 714 27.55 -0.71 -6.01
C GLN A 714 29.07 -0.69 -5.93
N GLU A 715 29.63 0.47 -5.55
CA GLU A 715 31.08 0.70 -5.61
C GLU A 715 31.88 -0.03 -4.53
N LYS A 716 31.40 0.02 -3.28
CA LYS A 716 32.13 -0.54 -2.13
C LYS A 716 31.64 -1.97 -1.77
N LYS A 717 31.34 -2.77 -2.79
CA LYS A 717 30.74 -4.11 -2.59
C LYS A 717 31.75 -5.07 -1.96
N ASP A 718 32.95 -5.14 -2.54
CA ASP A 718 34.01 -6.02 -2.06
C ASP A 718 34.87 -5.41 -0.93
N GLU A 719 34.66 -4.13 -0.62
CA GLU A 719 35.36 -3.46 0.48
C GLU A 719 34.85 -4.00 1.83
N THR A 720 35.72 -3.99 2.83
CA THR A 720 35.38 -4.47 4.18
C THR A 720 34.50 -3.45 4.92
N GLN A 721 33.79 -3.92 5.94
CA GLN A 721 32.91 -3.07 6.76
C GLN A 721 33.67 -1.94 7.49
N LYS A 722 34.95 -2.19 7.79
CA LYS A 722 35.85 -1.16 8.32
C LYS A 722 36.06 -0.02 7.31
N VAL A 723 36.32 -0.38 6.05
CA VAL A 723 36.54 0.61 4.98
C VAL A 723 35.24 1.32 4.59
N GLN A 724 34.14 0.56 4.52
CA GLN A 724 32.79 1.12 4.29
C GLN A 724 32.40 2.14 5.36
N MET A 725 32.79 1.87 6.60
CA MET A 725 32.56 2.81 7.71
C MET A 725 33.34 4.10 7.52
N LYS A 726 34.61 4.00 7.15
CA LYS A 726 35.46 5.17 6.92
C LYS A 726 34.97 5.99 5.72
N PHE A 727 34.54 5.31 4.65
CA PHE A 727 33.89 5.97 3.52
C PHE A 727 32.63 6.72 3.96
N LEU A 728 31.82 6.05 4.78
CA LEU A 728 30.57 6.63 5.29
C LEU A 728 30.83 7.86 6.16
N VAL A 729 31.73 7.72 7.14
CA VAL A 729 32.05 8.80 8.07
C VAL A 729 32.61 10.04 7.35
N GLU A 730 33.49 9.83 6.38
CA GLU A 730 34.06 10.94 5.59
C GLU A 730 33.01 11.65 4.74
N GLN A 731 32.10 10.89 4.14
CA GLN A 731 30.96 11.45 3.39
C GLN A 731 29.99 12.19 4.31
N MET A 732 29.65 11.58 5.44
CA MET A 732 28.73 12.17 6.41
C MET A 732 29.29 13.39 7.15
N ARG A 733 30.62 13.45 7.33
CA ARG A 733 31.28 14.61 7.96
C ARG A 733 31.26 15.88 7.09
N ARG A 734 31.02 15.75 5.79
CA ARG A 734 30.92 16.90 4.90
C ARG A 734 29.80 17.87 5.34
N PRO A 735 30.06 19.20 5.32
CA PRO A 735 29.04 20.20 5.70
C PRO A 735 27.71 20.13 4.93
N ASP A 736 27.78 19.86 3.62
CA ASP A 736 26.56 19.62 2.81
C ASP A 736 25.66 18.52 3.37
N PHE A 737 26.26 17.41 3.78
CA PHE A 737 25.53 16.31 4.44
C PHE A 737 25.09 16.68 5.87
N MET A 738 25.98 17.36 6.60
CA MET A 738 25.72 17.75 7.99
C MET A 738 24.53 18.70 8.13
N ASP A 739 24.37 19.62 7.18
CA ASP A 739 23.22 20.52 7.17
C ASP A 739 21.93 19.75 6.88
N ALA A 740 21.99 18.88 5.88
CA ALA A 740 20.83 18.10 5.43
C ALA A 740 20.38 17.04 6.44
N LEU A 741 21.33 16.31 7.01
CA LEU A 741 21.04 15.21 7.94
C LEU A 741 20.88 15.64 9.41
N GLN A 742 20.81 16.95 9.68
CA GLN A 742 20.56 17.46 11.03
C GLN A 742 19.48 18.53 11.05
N GLY A 743 18.74 18.60 12.16
CA GLY A 743 17.72 19.61 12.36
C GLY A 743 16.52 19.44 11.45
N PHE A 744 15.97 18.23 11.41
CA PHE A 744 14.71 17.96 10.71
C PHE A 744 13.84 16.99 11.53
N LEU A 745 12.58 16.84 11.12
CA LEU A 745 11.62 16.00 11.82
C LEU A 745 11.69 14.55 11.35
N SER A 746 11.61 13.61 12.28
CA SER A 746 11.64 12.18 11.96
C SER A 746 10.43 11.79 11.10
N PRO A 747 10.66 11.12 9.94
CA PRO A 747 9.51 10.61 9.19
C PRO A 747 8.69 9.52 9.89
N LEU A 748 9.31 8.80 10.84
CA LEU A 748 8.57 7.84 11.70
C LEU A 748 7.57 8.52 12.63
N ASN A 749 7.90 9.73 13.08
CA ASN A 749 7.01 10.50 13.96
C ASN A 749 7.41 11.98 13.89
N PRO A 750 6.57 12.83 13.27
CA PRO A 750 6.96 14.25 13.10
C PRO A 750 7.01 15.09 14.40
N ALA A 751 6.47 14.56 15.51
CA ALA A 751 6.69 15.14 16.83
C ALA A 751 8.13 14.96 17.33
N HIS A 752 8.78 13.87 16.90
CA HIS A 752 10.19 13.59 17.24
C HIS A 752 11.11 14.42 16.36
N GLN A 753 11.79 15.39 16.96
CA GLN A 753 12.71 16.27 16.26
C GLN A 753 14.11 15.64 16.26
N LEU A 754 14.72 15.55 15.09
CA LEU A 754 16.08 14.98 14.94
C LEU A 754 17.10 16.11 14.86
N GLY A 755 17.92 16.23 15.90
CA GLY A 755 18.89 17.32 16.04
C GLY A 755 20.22 17.00 15.37
N ASN A 756 21.30 17.14 16.13
CA ASN A 756 22.64 16.82 15.64
C ASN A 756 22.86 15.32 15.60
N LEU A 757 23.65 14.86 14.64
CA LEU A 757 24.04 13.45 14.55
C LEU A 757 25.11 13.15 15.59
N ARG A 758 24.98 12.02 16.28
CA ARG A 758 26.09 11.42 17.00
C ARG A 758 26.83 10.54 16.00
N LEU A 759 27.58 11.19 15.11
CA LEU A 759 28.17 10.54 13.94
C LEU A 759 29.17 9.43 14.27
N GLU A 760 29.81 9.55 15.43
CA GLU A 760 30.72 8.51 15.93
C GLU A 760 30.00 7.20 16.29
N GLU A 761 28.75 7.30 16.71
CA GLU A 761 27.92 6.14 17.08
C GLU A 761 27.06 5.57 15.94
N CYS A 762 27.01 6.25 14.80
CA CYS A 762 26.31 5.73 13.62
C CYS A 762 27.11 4.58 13.01
N ARG A 763 26.44 3.49 12.67
CA ARG A 763 27.09 2.27 12.18
C ARG A 763 26.35 1.62 11.01
N ILE A 764 27.10 0.80 10.26
CA ILE A 764 26.52 -0.06 9.23
C ILE A 764 26.22 -1.41 9.89
N MET A 765 25.04 -1.96 9.61
CA MET A 765 24.64 -3.25 10.14
C MET A 765 25.21 -4.39 9.29
N SER A 766 25.14 -5.61 9.81
CA SER A 766 25.76 -6.79 9.17
C SER A 766 25.04 -7.27 7.91
N SER A 767 23.74 -6.94 7.77
CA SER A 767 22.88 -7.45 6.69
C SER A 767 23.41 -7.15 5.28
N ALA A 768 22.94 -7.95 4.33
CA ALA A 768 23.41 -7.92 2.94
C ALA A 768 23.23 -6.58 2.23
N LYS A 769 22.14 -5.88 2.56
CA LYS A 769 21.80 -4.61 1.92
C LYS A 769 22.45 -3.37 2.59
N ARG A 770 23.26 -3.59 3.62
CA ARG A 770 24.01 -2.55 4.33
C ARG A 770 23.12 -1.47 4.99
N PRO A 771 22.28 -1.87 5.98
CA PRO A 771 21.45 -0.89 6.70
C PRO A 771 22.28 0.00 7.62
N LEU A 772 21.85 1.25 7.76
CA LEU A 772 22.55 2.23 8.59
C LEU A 772 21.84 2.42 9.92
N TRP A 773 22.51 2.04 11.00
CA TRP A 773 22.05 2.33 12.36
C TRP A 773 22.43 3.78 12.65
N LEU A 774 21.45 4.67 12.56
CA LEU A 774 21.69 6.11 12.73
C LEU A 774 21.32 6.57 14.13
N ASN A 775 21.95 7.67 14.56
CA ASN A 775 21.81 8.18 15.92
C ASN A 775 21.78 9.70 15.88
N TRP A 776 20.69 10.28 16.42
CA TRP A 776 20.50 11.73 16.49
C TRP A 776 20.29 12.18 17.94
N GLU A 777 20.68 13.41 18.22
CA GLU A 777 20.32 14.09 19.47
C GLU A 777 18.83 14.46 19.40
N ASN A 778 18.16 14.43 20.55
CA ASN A 778 16.84 15.05 20.69
C ASN A 778 17.09 16.48 21.17
N PRO A 779 16.84 17.49 20.31
CA PRO A 779 17.16 18.88 20.67
C PRO A 779 16.14 19.57 21.57
N ASP A 780 15.17 18.83 22.12
CA ASP A 780 14.16 19.39 23.01
C ASP A 780 14.79 19.90 24.30
N ILE A 781 14.29 21.04 24.78
CA ILE A 781 14.71 21.62 26.08
C ILE A 781 14.55 20.70 27.31
N MET A 782 13.62 19.74 27.24
CA MET A 782 13.38 18.78 28.33
C MET A 782 13.56 17.35 27.83
N SER A 783 14.61 17.12 27.05
CA SER A 783 14.82 15.82 26.37
C SER A 783 15.06 14.66 27.33
N GLU A 784 15.87 14.90 28.37
CA GLU A 784 16.23 13.88 29.37
C GLU A 784 15.04 13.16 30.05
N LEU A 785 13.91 13.85 30.15
CA LEU A 785 12.69 13.28 30.76
C LEU A 785 11.92 12.29 29.87
N LEU A 786 12.29 12.18 28.59
CA LEU A 786 11.72 11.18 27.67
C LEU A 786 12.83 10.35 27.02
N PHE A 787 13.65 10.97 26.17
CA PHE A 787 14.88 10.35 25.67
C PHE A 787 15.83 11.43 25.13
N GLN A 788 17.11 11.29 25.45
CA GLN A 788 18.14 12.25 25.01
C GLN A 788 18.54 12.03 23.55
N ASN A 789 18.48 10.77 23.09
CA ASN A 789 18.83 10.44 21.71
C ASN A 789 17.75 9.58 21.02
N ASN A 790 17.70 9.68 19.69
CA ASN A 790 16.73 8.96 18.86
C ASN A 790 17.48 8.10 17.85
N GLU A 791 17.31 6.78 17.95
CA GLU A 791 17.98 5.83 17.06
C GLU A 791 17.01 5.26 16.02
N ILE A 792 17.41 5.31 14.76
CA ILE A 792 16.58 4.86 13.64
C ILE A 792 17.45 4.04 12.67
N ILE A 793 16.92 2.89 12.22
CA ILE A 793 17.59 2.06 11.23
C ILE A 793 17.10 2.44 9.83
N PHE A 794 17.99 2.98 9.01
CA PHE A 794 17.71 3.25 7.59
C PHE A 794 18.06 2.00 6.77
N LYS A 795 17.21 1.68 5.79
CA LYS A 795 17.30 0.42 5.05
C LYS A 795 16.94 0.66 3.58
N ASN A 796 17.86 0.35 2.67
CA ASN A 796 17.71 0.63 1.23
C ASN A 796 17.29 -0.58 0.38
N GLY A 797 17.88 -1.74 0.63
CA GLY A 797 17.68 -2.89 -0.26
C GLY A 797 16.36 -3.62 -0.18
N ASP A 798 15.89 -3.89 1.04
CA ASP A 798 14.73 -4.78 1.25
C ASP A 798 13.40 -4.02 1.32
N ASP A 799 12.34 -4.68 0.86
CA ASP A 799 10.99 -4.15 0.89
C ASP A 799 10.47 -4.20 2.32
N LEU A 800 10.07 -3.05 2.86
CA LEU A 800 9.60 -2.93 4.24
C LEU A 800 8.08 -2.72 4.39
N ARG A 801 7.34 -2.80 3.29
CA ARG A 801 5.87 -2.69 3.34
C ARG A 801 5.21 -3.85 4.08
N GLN A 802 5.83 -5.03 4.00
CA GLN A 802 5.32 -6.23 4.67
C GLN A 802 5.42 -6.07 6.19
N ASP A 803 6.56 -5.59 6.66
CA ASP A 803 6.77 -5.27 8.08
C ASP A 803 5.93 -4.07 8.54
N MET A 804 5.84 -3.04 7.69
CA MET A 804 4.97 -1.88 7.97
C MET A 804 3.53 -2.33 8.23
N LEU A 805 3.05 -3.26 7.41
CA LEU A 805 1.69 -3.78 7.53
C LEU A 805 1.55 -4.69 8.75
N THR A 806 2.48 -5.62 8.92
CA THR A 806 2.46 -6.56 10.07
C THR A 806 2.49 -5.80 11.40
N LEU A 807 3.33 -4.77 11.48
CA LEU A 807 3.42 -3.94 12.70
C LEU A 807 2.16 -3.11 12.97
N GLN A 808 1.50 -2.65 11.91
CA GLN A 808 0.19 -1.98 12.03
C GLN A 808 -0.86 -2.93 12.62
N ILE A 809 -0.93 -4.14 12.07
CA ILE A 809 -1.88 -5.16 12.51
C ILE A 809 -1.64 -5.52 13.98
N ILE A 810 -0.38 -5.67 14.37
CA ILE A 810 -0.01 -5.93 15.78
C ILE A 810 -0.53 -4.84 16.72
N ARG A 811 -0.36 -3.57 16.34
CA ARG A 811 -0.89 -2.44 17.11
C ARG A 811 -2.40 -2.51 17.26
N ILE A 812 -3.09 -2.85 16.17
CA ILE A 812 -4.54 -3.05 16.18
C ILE A 812 -4.94 -4.24 17.06
N MET A 813 -4.18 -5.34 16.97
CA MET A 813 -4.40 -6.50 17.84
C MET A 813 -4.21 -6.16 19.32
N GLU A 814 -3.23 -5.33 19.62
CA GLU A 814 -3.01 -4.84 20.99
C GLU A 814 -4.21 -4.04 21.50
N ASN A 815 -4.76 -3.18 20.64
CA ASN A 815 -5.90 -2.32 21.01
C ASN A 815 -7.19 -3.12 21.30
N ILE A 816 -7.44 -4.18 20.52
CA ILE A 816 -8.60 -5.06 20.73
C ILE A 816 -8.49 -5.74 22.11
N TRP A 817 -7.30 -6.25 22.43
CA TRP A 817 -7.07 -6.99 23.67
C TRP A 817 -7.15 -6.10 24.92
N GLN A 818 -6.60 -4.90 24.84
CA GLN A 818 -6.63 -3.93 25.95
C GLN A 818 -8.06 -3.58 26.36
N ASN A 819 -8.87 -3.20 25.37
CA ASN A 819 -10.27 -2.84 25.60
C ASN A 819 -11.14 -3.99 26.13
N GLN A 820 -10.74 -5.23 25.82
CA GLN A 820 -11.41 -6.44 26.29
C GLN A 820 -10.87 -6.97 27.64
N GLY A 821 -9.96 -6.24 28.29
CA GLY A 821 -9.40 -6.63 29.59
C GLY A 821 -8.11 -7.45 29.57
N LEU A 822 -7.73 -7.96 28.39
CA LEU A 822 -6.47 -8.69 28.23
C LEU A 822 -5.29 -7.73 28.18
N ASP A 823 -4.50 -7.68 29.25
CA ASP A 823 -3.26 -6.92 29.28
C ASP A 823 -2.14 -7.78 28.68
N LEU A 824 -2.10 -7.85 27.34
CA LEU A 824 -1.02 -8.52 26.63
C LEU A 824 -0.26 -7.45 25.87
N ARG A 825 0.85 -7.00 26.45
CA ARG A 825 1.59 -5.86 25.93
C ARG A 825 2.46 -6.30 24.75
N MET A 826 2.14 -5.75 23.58
CA MET A 826 2.92 -5.96 22.36
C MET A 826 3.87 -4.78 22.16
N LEU A 827 4.72 -4.87 21.13
CA LEU A 827 5.66 -3.81 20.82
C LEU A 827 5.64 -3.52 19.31
N PRO A 828 4.60 -2.79 18.85
CA PRO A 828 4.51 -2.37 17.45
C PRO A 828 5.38 -1.14 17.21
N TYR A 829 6.69 -1.38 17.16
CA TYR A 829 7.68 -0.33 16.91
C TYR A 829 7.47 0.30 15.53
N GLY A 830 7.84 1.57 15.39
CA GLY A 830 7.64 2.33 14.16
C GLY A 830 8.32 1.70 12.96
N CYS A 831 7.62 1.73 11.83
CA CYS A 831 8.15 1.26 10.55
C CYS A 831 7.40 1.95 9.43
N LEU A 832 8.14 2.58 8.52
CA LEU A 832 7.57 3.35 7.42
C LEU A 832 8.36 3.12 6.13
N SER A 833 7.67 2.64 5.10
CA SER A 833 8.24 2.56 3.76
C SER A 833 8.18 3.95 3.14
N ILE A 834 9.33 4.49 2.76
CA ILE A 834 9.46 5.84 2.20
C ILE A 834 9.82 5.86 0.71
N GLY A 835 9.95 4.68 0.10
CA GLY A 835 10.32 4.59 -1.30
C GLY A 835 10.31 3.16 -1.83
N ASP A 836 10.90 2.98 -3.00
CA ASP A 836 11.04 1.66 -3.62
C ASP A 836 12.04 0.83 -2.83
N CYS A 837 11.51 -0.04 -1.97
CA CYS A 837 12.30 -0.81 -1.00
C CYS A 837 13.17 0.06 -0.07
N VAL A 838 12.74 1.29 0.19
CA VAL A 838 13.45 2.22 1.08
C VAL A 838 12.54 2.41 2.29
N GLY A 839 13.10 2.29 3.48
CA GLY A 839 12.31 2.44 4.70
C GLY A 839 13.10 2.74 5.95
N LEU A 840 12.36 3.12 7.00
CA LEU A 840 12.91 3.45 8.31
C LEU A 840 12.29 2.52 9.36
N ILE A 841 13.06 2.21 10.39
CA ILE A 841 12.65 1.33 11.49
C ILE A 841 13.04 2.00 12.80
N GLU A 842 12.10 2.05 13.74
CA GLU A 842 12.37 2.58 15.08
C GLU A 842 13.22 1.59 15.87
N VAL A 843 14.25 2.11 16.53
CA VAL A 843 15.08 1.32 17.43
C VAL A 843 14.46 1.37 18.83
N VAL A 844 14.13 0.19 19.36
CA VAL A 844 13.71 0.03 20.75
C VAL A 844 14.97 0.00 21.61
N ARG A 845 15.02 0.85 22.63
CA ARG A 845 16.16 0.89 23.55
C ARG A 845 16.17 -0.33 24.47
N ASN A 846 17.37 -0.72 24.88
CA ASN A 846 17.58 -1.80 25.87
C ASN A 846 17.07 -3.18 25.43
N SER A 847 16.99 -3.42 24.12
CA SER A 847 16.49 -4.69 23.57
C SER A 847 17.64 -5.54 23.04
N HIS A 848 17.54 -6.85 23.26
CA HIS A 848 18.60 -7.80 22.92
C HIS A 848 17.99 -9.03 22.25
N THR A 849 18.66 -9.61 21.26
CA THR A 849 18.19 -10.86 20.64
C THR A 849 18.41 -12.04 21.59
N ILE A 850 17.74 -13.16 21.30
CA ILE A 850 17.90 -14.39 22.09
C ILE A 850 19.30 -14.99 21.90
N MET A 851 19.85 -14.85 20.69
CA MET A 851 21.18 -15.39 20.36
C MET A 851 22.32 -14.75 21.18
N GLN A 852 22.16 -13.48 21.53
CA GLN A 852 23.11 -12.76 22.40
C GLN A 852 23.09 -13.31 23.84
N ILE A 853 21.88 -13.56 24.35
CA ILE A 853 21.70 -14.05 25.72
C ILE A 853 22.23 -15.49 25.86
N GLN A 854 21.82 -16.35 24.92
CA GLN A 854 22.21 -17.78 24.94
C GLN A 854 23.70 -17.99 24.69
N CYS A 855 24.19 -17.41 23.59
CA CYS A 855 25.61 -17.47 23.18
C CYS A 855 26.22 -18.87 23.19
N ASN A 866 22.73 -24.38 26.80
CA ASN A 866 22.05 -24.51 28.10
C ASN A 866 20.67 -23.85 28.06
N SER A 867 19.66 -24.55 28.58
CA SER A 867 18.26 -24.12 28.51
C SER A 867 17.82 -23.14 29.61
N HIS A 868 18.67 -22.88 30.59
CA HIS A 868 18.36 -21.96 31.70
C HIS A 868 18.97 -20.55 31.55
N THR A 869 19.76 -20.34 30.50
CA THR A 869 20.48 -19.07 30.30
C THR A 869 19.56 -17.85 30.20
N LEU A 870 18.42 -18.00 29.53
CA LEU A 870 17.46 -16.90 29.35
C LEU A 870 16.82 -16.47 30.67
N HIS A 871 16.35 -17.43 31.45
CA HIS A 871 15.77 -17.17 32.77
C HIS A 871 16.79 -16.55 33.74
N GLN A 872 18.03 -17.01 33.68
CA GLN A 872 19.12 -16.44 34.48
C GLN A 872 19.38 -14.97 34.13
N TRP A 873 19.41 -14.65 32.83
CA TRP A 873 19.60 -13.27 32.36
C TRP A 873 18.48 -12.34 32.83
N LEU A 874 17.24 -12.78 32.65
CA LEU A 874 16.06 -12.00 33.02
C LEU A 874 15.95 -11.79 34.53
N LYS A 875 16.32 -12.82 35.30
CA LYS A 875 16.41 -12.71 36.77
C LYS A 875 17.52 -11.72 37.16
N ASP A 876 18.68 -11.86 36.54
CA ASP A 876 19.83 -10.97 36.78
C ASP A 876 19.57 -9.49 36.42
N LYS A 877 18.70 -9.25 35.44
CA LYS A 877 18.33 -7.87 35.04
C LYS A 877 17.23 -7.25 35.92
N ASN A 878 16.40 -8.09 36.54
CA ASN A 878 15.35 -7.62 37.48
C ASN A 878 15.46 -8.35 38.82
N LYS A 879 16.69 -8.49 39.32
CA LYS A 879 16.95 -9.19 40.59
C LYS A 879 16.40 -8.40 41.79
N GLY A 880 15.64 -9.07 42.65
CA GLY A 880 15.00 -8.46 43.81
C GLY A 880 13.51 -8.76 43.88
N GLU A 881 12.76 -7.83 44.47
CA GLU A 881 11.30 -7.99 44.66
C GLU A 881 10.49 -7.74 43.38
N ILE A 882 11.05 -7.00 42.42
CA ILE A 882 10.40 -6.72 41.14
C ILE A 882 10.71 -7.81 40.07
N TYR A 883 10.63 -9.07 40.50
CA TYR A 883 10.92 -10.23 39.65
C TYR A 883 9.63 -10.79 39.04
N ASP A 884 8.58 -10.90 39.86
CA ASP A 884 7.27 -11.38 39.39
C ASP A 884 6.62 -10.44 38.36
N ALA A 885 6.90 -9.14 38.45
CA ALA A 885 6.43 -8.17 37.44
C ALA A 885 7.11 -8.36 36.09
N ALA A 886 8.38 -8.77 36.09
CA ALA A 886 9.13 -9.05 34.87
C ALA A 886 8.73 -10.38 34.21
N ILE A 887 8.56 -11.43 35.02
CA ILE A 887 8.14 -12.75 34.53
C ILE A 887 6.71 -12.70 33.99
N ASP A 888 5.85 -11.92 34.64
CA ASP A 888 4.48 -11.71 34.18
C ASP A 888 4.45 -10.98 32.84
N LEU A 889 5.19 -9.88 32.74
CA LEU A 889 5.32 -9.12 31.49
C LEU A 889 5.86 -9.97 30.34
N PHE A 890 6.80 -10.85 30.64
CA PHE A 890 7.35 -11.80 29.67
C PHE A 890 6.28 -12.78 29.19
N THR A 891 5.58 -13.38 30.14
CA THR A 891 4.53 -14.37 29.85
C THR A 891 3.38 -13.75 29.05
N ARG A 892 2.97 -12.54 29.41
CA ARG A 892 1.95 -11.77 28.67
C ARG A 892 2.41 -11.38 27.27
N SER A 893 3.69 -11.01 27.15
CA SER A 893 4.31 -10.69 25.86
C SER A 893 4.44 -11.92 24.95
N CYS A 894 4.87 -13.05 25.53
CA CYS A 894 4.91 -14.33 24.80
C CYS A 894 3.54 -14.74 24.25
N ALA A 895 2.49 -14.49 25.05
CA ALA A 895 1.13 -14.91 24.71
C ALA A 895 0.62 -14.20 23.47
N GLY A 896 0.72 -12.87 23.47
CA GLY A 896 0.29 -12.05 22.34
C GLY A 896 1.03 -12.36 21.05
N TYR A 897 2.36 -12.53 21.15
CA TYR A 897 3.16 -12.87 19.97
C TYR A 897 2.98 -14.32 19.51
N CYS A 898 2.70 -15.24 20.44
CA CYS A 898 2.32 -16.61 20.06
C CYS A 898 1.05 -16.63 19.22
N VAL A 899 0.04 -15.88 19.67
CA VAL A 899 -1.26 -15.80 18.99
C VAL A 899 -1.17 -14.98 17.69
N ALA A 900 -0.57 -13.79 17.77
CA ALA A 900 -0.48 -12.87 16.62
C ALA A 900 0.24 -13.50 15.43
N THR A 901 1.37 -14.15 15.69
CA THR A 901 2.18 -14.75 14.63
C THR A 901 1.54 -16.00 14.04
N PHE A 902 0.87 -16.80 14.86
CA PHE A 902 0.10 -17.93 14.34
C PHE A 902 -1.01 -17.47 13.38
N ILE A 903 -1.74 -16.43 13.77
CA ILE A 903 -2.83 -15.90 12.95
C ILE A 903 -2.31 -15.41 11.60
N LEU A 904 -1.26 -14.59 11.63
CA LEU A 904 -0.73 -13.94 10.41
C LEU A 904 0.21 -14.79 9.55
N GLY A 905 0.74 -15.88 10.09
CA GLY A 905 1.63 -16.77 9.34
C GLY A 905 2.95 -16.14 8.93
N ILE A 906 3.60 -15.44 9.86
CA ILE A 906 4.89 -14.79 9.59
C ILE A 906 6.02 -15.79 9.42
N GLY A 907 7.15 -15.32 8.89
CA GLY A 907 8.34 -16.15 8.70
C GLY A 907 8.85 -16.73 10.00
N ASP A 908 9.43 -17.93 9.92
CA ASP A 908 9.81 -18.72 11.12
C ASP A 908 10.67 -17.93 12.09
N ARG A 909 10.34 -18.04 13.38
CA ARG A 909 11.10 -17.37 14.43
C ARG A 909 12.32 -18.20 14.84
N HIS A 910 13.48 -17.56 14.79
CA HIS A 910 14.72 -18.09 15.36
C HIS A 910 15.25 -17.07 16.39
N ASN A 911 16.40 -17.35 17.00
CA ASN A 911 16.91 -16.55 18.11
C ASN A 911 17.29 -15.10 17.75
N SER A 912 17.70 -14.88 16.51
CA SER A 912 17.95 -13.53 15.98
C SER A 912 16.69 -12.69 15.72
N ASN A 913 15.56 -13.35 15.40
CA ASN A 913 14.27 -12.68 15.15
C ASN A 913 13.53 -12.28 16.42
N ILE A 914 13.76 -13.01 17.51
CA ILE A 914 13.08 -12.76 18.78
C ILE A 914 14.00 -11.91 19.65
N MET A 915 13.44 -10.85 20.24
CA MET A 915 14.17 -9.95 21.13
C MET A 915 13.51 -9.89 22.51
N VAL A 916 14.31 -9.53 23.52
CA VAL A 916 13.86 -9.42 24.91
C VAL A 916 14.45 -8.15 25.53
N LYS A 917 13.59 -7.33 26.13
CA LYS A 917 14.02 -6.10 26.80
C LYS A 917 14.42 -6.36 28.26
N ASP A 918 15.03 -5.35 28.88
CA ASP A 918 15.47 -5.40 30.28
C ASP A 918 14.32 -5.75 31.24
N ASP A 919 13.17 -5.10 31.05
CA ASP A 919 12.01 -5.29 31.94
C ASP A 919 11.23 -6.61 31.75
N GLY A 920 11.67 -7.47 30.83
CA GLY A 920 11.00 -8.76 30.58
C GLY A 920 10.17 -8.84 29.32
N GLN A 921 9.84 -7.69 28.72
CA GLN A 921 9.03 -7.63 27.49
C GLN A 921 9.73 -8.30 26.29
N LEU A 922 9.20 -9.45 25.87
CA LEU A 922 9.61 -10.11 24.63
C LEU A 922 8.87 -9.47 23.45
N PHE A 923 9.53 -9.42 22.30
CA PHE A 923 8.89 -8.98 21.06
C PHE A 923 9.64 -9.53 19.85
N HIS A 924 9.05 -9.35 18.67
CA HIS A 924 9.59 -9.90 17.43
C HIS A 924 10.03 -8.80 16.46
N ILE A 925 10.95 -9.17 15.57
CA ILE A 925 11.42 -8.30 14.51
C ILE A 925 11.56 -9.08 13.21
N ASP A 926 11.69 -8.35 12.10
CA ASP A 926 11.93 -8.92 10.78
C ASP A 926 10.88 -9.99 10.45
N PHE A 927 9.67 -9.51 10.19
CA PHE A 927 8.55 -10.36 9.86
C PHE A 927 8.74 -10.91 8.44
N GLY A 928 9.14 -10.03 7.51
CA GLY A 928 9.65 -10.45 6.21
C GLY A 928 8.57 -10.80 5.21
N HIS A 929 7.86 -11.89 5.50
CA HIS A 929 6.66 -12.27 4.77
C HIS A 929 5.58 -12.70 5.76
N PHE A 930 4.36 -12.83 5.26
CA PHE A 930 3.19 -13.18 6.07
C PHE A 930 2.13 -13.84 5.19
N LEU A 931 1.06 -14.33 5.82
CA LEU A 931 0.05 -15.18 5.19
C LEU A 931 0.67 -16.45 4.58
N ASP A 932 1.75 -16.94 5.19
CA ASP A 932 2.50 -18.10 4.72
C ASP A 932 2.71 -18.07 3.20
N HIS A 933 3.38 -17.01 2.74
CA HIS A 933 3.65 -16.81 1.30
C HIS A 933 4.54 -17.90 0.69
N LYS A 934 5.39 -18.52 1.53
CA LYS A 934 6.22 -19.65 1.10
C LYS A 934 5.49 -21.02 1.14
N LYS A 935 4.16 -21.02 1.15
CA LYS A 935 3.37 -22.24 0.90
C LYS A 935 3.56 -22.70 -0.55
N LYS A 936 3.65 -21.76 -1.48
CA LYS A 936 4.10 -22.03 -2.85
C LYS A 936 5.63 -22.06 -2.82
N LYS A 937 6.22 -22.74 -3.82
CA LYS A 937 7.62 -23.23 -3.75
C LYS A 937 7.74 -24.30 -2.65
N PHE A 938 6.65 -25.04 -2.48
CA PHE A 938 6.50 -26.11 -1.48
C PHE A 938 5.14 -26.74 -1.73
N GLY A 939 4.93 -27.95 -1.22
CA GLY A 939 3.67 -28.68 -1.43
C GLY A 939 2.68 -28.67 -0.27
N TYR A 940 2.97 -27.91 0.79
CA TYR A 940 2.25 -28.04 2.07
C TYR A 940 1.08 -27.05 2.22
N LYS A 941 -0.13 -27.61 2.31
CA LYS A 941 -1.36 -26.85 2.60
C LYS A 941 -1.48 -26.48 4.08
N ARG A 942 -0.81 -27.25 4.95
CA ARG A 942 -0.84 -27.08 6.41
C ARG A 942 -0.55 -25.63 6.88
N GLU A 943 -1.14 -25.28 8.03
CA GLU A 943 -0.88 -24.00 8.68
C GLU A 943 0.14 -24.24 9.78
N ARG A 944 1.30 -23.58 9.67
CA ARG A 944 2.41 -23.79 10.61
C ARG A 944 2.37 -22.79 11.76
N VAL A 945 3.23 -23.03 12.75
CA VAL A 945 3.38 -22.18 13.93
C VAL A 945 4.76 -21.50 13.83
N PRO A 946 4.79 -20.20 13.48
CA PRO A 946 6.09 -19.51 13.37
C PRO A 946 6.87 -19.43 14.68
N PHE A 947 6.16 -19.15 15.79
CA PHE A 947 6.78 -18.94 17.08
C PHE A 947 6.55 -20.14 17.99
N VAL A 948 7.41 -21.14 17.84
CA VAL A 948 7.40 -22.33 18.69
C VAL A 948 8.17 -22.01 19.97
N LEU A 949 7.53 -22.28 21.11
CA LEU A 949 8.16 -22.09 22.41
C LEU A 949 9.06 -23.28 22.76
N THR A 950 10.36 -23.10 22.55
CA THR A 950 11.36 -24.04 23.02
C THR A 950 11.42 -24.03 24.55
N GLN A 951 12.12 -25.01 25.12
CA GLN A 951 12.24 -25.15 26.59
C GLN A 951 12.88 -23.92 27.26
N ASP A 952 13.69 -23.18 26.51
CA ASP A 952 14.27 -21.92 26.98
C ASP A 952 13.20 -20.91 27.44
N PHE A 953 12.17 -20.74 26.62
CA PHE A 953 11.06 -19.81 26.93
C PHE A 953 10.11 -20.37 28.00
N LEU A 954 9.92 -21.69 28.00
CA LEU A 954 9.03 -22.36 28.96
C LEU A 954 9.54 -22.29 30.41
N ILE A 955 10.86 -22.40 30.57
CA ILE A 955 11.50 -22.27 31.89
C ILE A 955 11.33 -20.86 32.47
N VAL A 956 11.33 -19.84 31.61
CA VAL A 956 11.13 -18.45 32.04
C VAL A 956 9.70 -18.25 32.57
N ILE A 957 8.72 -18.80 31.87
CA ILE A 957 7.31 -18.67 32.27
C ILE A 957 7.02 -19.41 33.59
N SER A 958 7.64 -20.58 33.76
CA SER A 958 7.48 -21.41 34.97
C SER A 958 8.35 -21.00 36.18
N LYS A 959 9.10 -19.91 36.06
CA LYS A 959 9.98 -19.39 37.13
C LYS A 959 11.06 -20.41 37.54
N GLY A 960 11.78 -20.91 36.54
CA GLY A 960 12.90 -21.80 36.74
C GLY A 960 12.60 -23.27 36.99
N ALA A 961 11.33 -23.67 36.90
CA ALA A 961 10.91 -25.04 37.25
C ALA A 961 11.36 -26.07 36.22
N GLN A 962 11.56 -27.31 36.68
CA GLN A 962 12.07 -28.40 35.84
C GLN A 962 11.01 -28.86 34.82
N GLU A 963 9.87 -29.33 35.32
CA GLU A 963 8.74 -29.70 34.48
C GLU A 963 7.96 -28.43 34.10
N CYS A 964 8.50 -27.69 33.14
CA CYS A 964 7.98 -26.37 32.76
C CYS A 964 6.61 -26.40 32.06
N THR A 965 6.28 -27.53 31.41
CA THR A 965 5.01 -27.68 30.70
C THR A 965 3.79 -28.06 31.57
N LYS A 966 4.02 -28.33 32.87
CA LYS A 966 2.96 -28.78 33.79
C LYS A 966 2.53 -27.74 34.85
N THR A 967 3.32 -26.68 35.05
CA THR A 967 3.12 -25.77 36.18
C THR A 967 1.86 -24.92 36.11
N ARG A 968 1.53 -24.27 37.23
CA ARG A 968 0.41 -23.34 37.33
C ARG A 968 0.56 -22.13 36.40
N GLU A 969 1.79 -21.62 36.29
CA GLU A 969 2.07 -20.46 35.42
C GLU A 969 1.88 -20.76 33.92
N PHE A 970 2.22 -21.98 33.51
CA PHE A 970 2.06 -22.39 32.11
C PHE A 970 0.60 -22.59 31.71
N GLU A 971 -0.19 -23.20 32.60
CA GLU A 971 -1.64 -23.37 32.37
C GLU A 971 -2.35 -22.01 32.31
N ARG A 972 -1.90 -21.06 33.12
CA ARG A 972 -2.38 -19.68 33.05
C ARG A 972 -1.94 -18.99 31.75
N PHE A 973 -0.73 -19.29 31.30
CA PHE A 973 -0.21 -18.80 30.01
C PHE A 973 -1.05 -19.32 28.82
N GLN A 974 -1.40 -20.60 28.86
CA GLN A 974 -2.27 -21.21 27.85
C GLN A 974 -3.61 -20.48 27.75
N GLU A 975 -4.24 -20.21 28.89
CA GLU A 975 -5.53 -19.50 28.92
C GLU A 975 -5.43 -18.07 28.37
N MET A 976 -4.29 -17.42 28.55
CA MET A 976 -4.05 -16.10 27.94
C MET A 976 -3.96 -16.18 26.41
N CYS A 977 -3.34 -17.25 25.90
CA CYS A 977 -3.29 -17.50 24.45
C CYS A 977 -4.68 -17.80 23.88
N TYR A 978 -5.50 -18.53 24.63
CA TYR A 978 -6.85 -18.88 24.19
C TYR A 978 -7.79 -17.69 24.21
N LYS A 979 -7.75 -16.90 25.28
CA LYS A 979 -8.57 -15.67 25.37
C LYS A 979 -8.23 -14.69 24.26
N ALA A 980 -6.92 -14.52 24.02
CA ALA A 980 -6.41 -13.65 22.96
C ALA A 980 -6.77 -14.15 21.56
N TYR A 981 -6.73 -15.47 21.35
CA TYR A 981 -7.13 -16.09 20.08
C TYR A 981 -8.59 -15.78 19.73
N LEU A 982 -9.48 -15.98 20.68
CA LEU A 982 -10.92 -15.76 20.49
C LEU A 982 -11.29 -14.27 20.33
N ALA A 983 -10.51 -13.38 20.96
CA ALA A 983 -10.74 -11.94 20.86
C ALA A 983 -10.50 -11.40 19.45
N ILE A 984 -9.45 -11.91 18.79
CA ILE A 984 -9.15 -11.53 17.40
C ILE A 984 -10.14 -12.17 16.42
N ARG A 985 -10.58 -13.39 16.72
CA ARG A 985 -11.60 -14.09 15.91
C ARG A 985 -12.90 -13.28 15.86
N GLN A 986 -13.30 -12.74 17.02
CA GLN A 986 -14.49 -11.88 17.12
C GLN A 986 -14.40 -10.59 16.29
N HIS A 987 -13.19 -10.07 16.13
CA HIS A 987 -12.91 -8.91 15.27
C HIS A 987 -12.30 -9.30 13.91
N ALA A 988 -12.55 -10.53 13.45
CA ALA A 988 -11.96 -11.02 12.19
C ALA A 988 -12.30 -10.18 10.95
N ASN A 989 -13.53 -9.67 10.89
CA ASN A 989 -14.00 -8.87 9.75
C ASN A 989 -13.11 -7.65 9.48
N LEU A 990 -12.70 -6.97 10.56
CA LEU A 990 -11.81 -5.83 10.46
C LEU A 990 -10.52 -6.21 9.71
N PHE A 991 -9.89 -7.30 10.15
CA PHE A 991 -8.61 -7.74 9.59
C PHE A 991 -8.71 -8.21 8.14
N ILE A 992 -9.80 -8.89 7.80
CA ILE A 992 -10.08 -9.27 6.41
C ILE A 992 -10.31 -8.03 5.53
N ASN A 993 -11.07 -7.07 6.05
CA ASN A 993 -11.32 -5.81 5.33
C ASN A 993 -10.04 -5.01 5.08
N LEU A 994 -9.16 -4.93 6.08
CA LEU A 994 -7.89 -4.21 5.93
C LEU A 994 -7.01 -4.86 4.85
N PHE A 995 -6.90 -6.20 4.88
CA PHE A 995 -6.13 -6.92 3.86
C PHE A 995 -6.75 -6.87 2.46
N SER A 996 -8.08 -6.85 2.38
CA SER A 996 -8.80 -6.72 1.10
C SER A 996 -8.54 -5.37 0.42
N MET A 997 -8.32 -4.34 1.23
CA MET A 997 -7.95 -3.01 0.72
C MET A 997 -6.52 -2.94 0.15
N MET A 998 -5.66 -3.91 0.53
CA MET A 998 -4.26 -3.97 0.10
C MET A 998 -3.99 -4.78 -1.18
N LEU A 999 -5.00 -5.42 -1.77
CA LEU A 999 -4.75 -6.36 -2.89
C LEU A 999 -4.11 -5.74 -4.13
N GLY A 1000 -4.34 -4.45 -4.36
CA GLY A 1000 -3.71 -3.72 -5.46
C GLY A 1000 -2.38 -3.05 -5.11
N SER A 1001 -1.81 -3.37 -3.94
CA SER A 1001 -0.60 -2.71 -3.46
C SER A 1001 0.66 -3.01 -4.27
N GLY A 1002 0.71 -4.21 -4.86
CA GLY A 1002 1.92 -4.69 -5.55
C GLY A 1002 2.79 -5.59 -4.67
N MET A 1003 2.38 -5.83 -3.43
CA MET A 1003 3.05 -6.78 -2.55
C MET A 1003 2.74 -8.19 -3.04
N PRO A 1004 3.78 -9.05 -3.23
CA PRO A 1004 3.53 -10.44 -3.66
C PRO A 1004 2.69 -11.29 -2.67
N GLU A 1005 2.69 -10.91 -1.40
CA GLU A 1005 1.94 -11.61 -0.36
C GLU A 1005 0.44 -11.30 -0.38
N LEU A 1006 0.03 -10.24 -1.08
CA LEU A 1006 -1.37 -9.83 -1.19
C LEU A 1006 -1.74 -9.49 -2.63
N GLN A 1007 -1.81 -10.53 -3.46
CA GLN A 1007 -2.26 -10.42 -4.87
C GLN A 1007 -3.73 -10.76 -5.04
N SER A 1008 -4.21 -11.77 -4.31
CA SER A 1008 -5.56 -12.29 -4.47
C SER A 1008 -6.27 -12.51 -3.14
N PHE A 1009 -7.57 -12.76 -3.22
CA PHE A 1009 -8.37 -13.14 -2.05
C PHE A 1009 -8.00 -14.53 -1.51
N ASP A 1010 -7.39 -15.37 -2.34
CA ASP A 1010 -6.81 -16.65 -1.90
C ASP A 1010 -5.71 -16.44 -0.85
N ASP A 1011 -4.89 -15.41 -1.03
CA ASP A 1011 -3.82 -15.08 -0.08
C ASP A 1011 -4.36 -14.55 1.25
N ILE A 1012 -5.42 -13.74 1.20
CA ILE A 1012 -6.07 -13.21 2.40
C ILE A 1012 -6.76 -14.32 3.19
N ALA A 1013 -7.22 -15.35 2.48
CA ALA A 1013 -7.93 -16.46 3.10
C ALA A 1013 -7.10 -17.36 4.03
N TYR A 1014 -5.79 -17.11 4.13
CA TYR A 1014 -4.95 -17.74 5.15
C TYR A 1014 -5.43 -17.43 6.58
N ILE A 1015 -5.77 -16.17 6.84
CA ILE A 1015 -6.26 -15.78 8.19
C ILE A 1015 -7.62 -16.38 8.54
N ARG A 1016 -8.46 -16.64 7.54
CA ARG A 1016 -9.74 -17.30 7.77
C ARG A 1016 -9.53 -18.74 8.25
N LYS A 1017 -8.45 -19.36 7.76
CA LYS A 1017 -8.09 -20.72 8.12
C LYS A 1017 -7.44 -20.80 9.50
N THR A 1018 -6.56 -19.84 9.82
CA THR A 1018 -5.92 -19.77 11.14
C THR A 1018 -6.87 -19.28 12.24
N LEU A 1019 -7.82 -18.42 11.89
CA LEU A 1019 -8.89 -18.00 12.80
C LEU A 1019 -10.07 -18.99 12.80
N ALA A 1020 -10.12 -19.89 11.82
CA ALA A 1020 -11.12 -20.96 11.74
C ALA A 1020 -12.54 -20.39 11.66
N LEU A 1021 -12.75 -19.48 10.71
CA LEU A 1021 -14.00 -18.72 10.60
C LEU A 1021 -15.21 -19.52 10.07
N ASP A 1022 -14.94 -20.54 9.25
CA ASP A 1022 -16.00 -21.47 8.81
C ASP A 1022 -16.39 -22.46 9.91
N LYS A 1023 -15.52 -22.67 10.89
CA LYS A 1023 -15.79 -23.52 12.04
C LYS A 1023 -16.51 -22.76 13.16
N THR A 1024 -16.99 -23.51 14.14
CA THR A 1024 -17.64 -22.97 15.33
C THR A 1024 -16.57 -22.41 16.28
N GLU A 1025 -16.97 -21.48 17.15
CA GLU A 1025 -16.08 -20.89 18.16
C GLU A 1025 -15.38 -21.95 19.01
N GLN A 1026 -16.15 -22.91 19.53
CA GLN A 1026 -15.60 -24.03 20.30
C GLN A 1026 -14.66 -24.90 19.46
N GLU A 1027 -15.02 -25.13 18.20
CA GLU A 1027 -14.19 -25.89 17.27
C GLU A 1027 -12.90 -25.14 16.90
N ALA A 1028 -12.99 -23.82 16.80
CA ALA A 1028 -11.83 -22.95 16.54
C ALA A 1028 -10.79 -23.02 17.66
N LEU A 1029 -11.26 -23.09 18.90
CA LEU A 1029 -10.40 -23.25 20.07
C LEU A 1029 -9.69 -24.61 20.05
N GLU A 1030 -10.44 -25.66 19.72
CA GLU A 1030 -9.89 -27.02 19.60
C GLU A 1030 -8.86 -27.12 18.48
N TYR A 1031 -9.14 -26.44 17.36
CA TYR A 1031 -8.20 -26.32 16.24
C TYR A 1031 -6.90 -25.67 16.68
N PHE A 1032 -7.02 -24.52 17.36
CA PHE A 1032 -5.85 -23.76 17.86
C PHE A 1032 -4.97 -24.62 18.78
N MET A 1033 -5.60 -25.29 19.74
CA MET A 1033 -4.90 -26.21 20.65
C MET A 1033 -4.17 -27.34 19.93
N LYS A 1034 -4.82 -27.91 18.91
CA LYS A 1034 -4.27 -29.01 18.12
C LYS A 1034 -3.05 -28.56 17.28
N GLN A 1035 -3.11 -27.34 16.74
CA GLN A 1035 -1.99 -26.77 15.98
C GLN A 1035 -0.77 -26.45 16.86
N MET A 1036 -1.01 -25.96 18.08
CA MET A 1036 0.05 -25.75 19.07
C MET A 1036 0.69 -27.06 19.51
N ASN A 1037 -0.15 -28.07 19.78
CA ASN A 1037 0.32 -29.37 20.26
C ASN A 1037 1.16 -30.12 19.23
N ASP A 1038 0.77 -30.05 17.96
CA ASP A 1038 1.56 -30.61 16.86
C ASP A 1038 2.91 -29.90 16.70
N ALA A 1039 2.91 -28.58 16.85
CA ALA A 1039 4.14 -27.76 16.74
C ALA A 1039 5.11 -27.96 17.90
N HIS A 1040 4.58 -28.23 19.10
CA HIS A 1040 5.39 -28.39 20.31
C HIS A 1040 5.79 -29.85 20.60
N HIS A 1041 5.40 -30.79 19.74
CA HIS A 1041 5.73 -32.22 19.87
C HIS A 1041 5.24 -32.83 21.19
N GLY A 1042 3.97 -32.57 21.53
CA GLY A 1042 3.38 -33.02 22.80
C GLY A 1042 3.47 -32.03 23.95
N GLY A 1043 4.47 -31.13 23.92
CA GLY A 1043 4.78 -30.22 25.02
C GLY A 1043 3.70 -29.22 25.39
N TRP A 1044 2.82 -28.88 24.44
CA TRP A 1044 1.65 -28.05 24.71
C TRP A 1044 0.57 -28.94 25.33
N THR A 1045 0.49 -28.91 26.66
CA THR A 1045 -0.42 -29.77 27.41
C THR A 1045 -1.87 -29.54 27.00
N THR A 1046 -2.54 -30.61 26.57
CA THR A 1046 -3.95 -30.56 26.17
C THR A 1046 -4.88 -30.27 27.36
N LYS A 1047 -6.15 -29.99 27.07
CA LYS A 1047 -7.18 -29.70 28.10
C LYS A 1047 -7.26 -30.77 29.20
N MET A 1048 -7.00 -32.02 28.84
CA MET A 1048 -6.89 -33.12 29.79
C MET A 1048 -5.63 -32.98 30.67
N ASP A 1049 -5.74 -32.10 31.69
CA ASP A 1049 -4.70 -31.91 32.70
C ASP A 1049 -4.95 -32.91 33.83
N TRP A 1050 -3.87 -33.55 34.29
CA TRP A 1050 -3.95 -34.61 35.29
C TRP A 1050 -3.63 -34.09 36.69
N ILE A 1051 -4.67 -33.95 37.50
CA ILE A 1051 -4.52 -33.65 38.94
C ILE A 1051 -3.95 -34.89 39.63
N PHE A 1052 -4.47 -36.06 39.22
CA PHE A 1052 -3.95 -37.40 39.58
C PHE A 1052 -2.43 -37.43 39.81
N MET B 1 -25.77 -49.20 -11.54
CA MET B 1 -24.31 -48.91 -11.38
C MET B 1 -24.07 -47.54 -10.72
N ASN B 2 -24.67 -46.50 -11.32
CA ASN B 2 -24.41 -45.11 -10.92
C ASN B 2 -25.00 -44.74 -9.56
N ASN B 3 -26.33 -44.80 -9.44
CA ASN B 3 -27.03 -44.29 -8.25
C ASN B 3 -26.82 -45.14 -6.98
N ASN B 4 -26.42 -46.40 -7.14
CA ASN B 4 -26.11 -47.29 -6.01
C ASN B 4 -24.71 -47.04 -5.42
N MET B 5 -23.88 -46.24 -6.11
CA MET B 5 -22.55 -45.85 -5.63
C MET B 5 -22.63 -45.06 -4.34
N SER B 6 -21.62 -45.24 -3.47
CA SER B 6 -21.53 -44.49 -2.22
C SER B 6 -21.07 -43.06 -2.49
N LEU B 7 -21.36 -42.16 -1.55
CA LEU B 7 -20.91 -40.78 -1.63
C LEU B 7 -19.38 -40.65 -1.47
N GLN B 8 -18.80 -41.47 -0.60
CA GLN B 8 -17.33 -41.49 -0.40
C GLN B 8 -16.54 -41.85 -1.66
N ASP B 9 -17.03 -42.85 -2.41
CA ASP B 9 -16.39 -43.27 -3.66
C ASP B 9 -16.61 -42.31 -4.84
N ALA B 10 -17.57 -41.40 -4.73
CA ALA B 10 -17.90 -40.46 -5.80
C ALA B 10 -16.69 -39.58 -6.14
N GLU B 11 -16.37 -39.52 -7.43
CA GLU B 11 -15.24 -38.70 -7.94
C GLU B 11 -15.39 -37.21 -7.60
N TRP B 12 -16.62 -36.70 -7.72
CA TRP B 12 -16.90 -35.28 -7.48
C TRP B 12 -17.05 -34.90 -6.00
N TYR B 13 -17.11 -35.90 -5.11
CA TYR B 13 -17.14 -35.63 -3.66
C TYR B 13 -15.72 -35.48 -3.13
N TRP B 14 -15.49 -34.39 -2.37
CA TRP B 14 -14.16 -34.02 -1.88
C TRP B 14 -14.00 -33.92 -0.36
N GLY B 15 -15.08 -34.13 0.41
CA GLY B 15 -15.00 -34.14 1.86
C GLY B 15 -14.83 -32.74 2.45
N ASP B 16 -13.94 -32.62 3.44
CA ASP B 16 -13.79 -31.38 4.22
C ASP B 16 -12.74 -30.40 3.68
N ILE B 17 -12.59 -30.31 2.35
CA ILE B 17 -11.73 -29.29 1.73
C ILE B 17 -12.34 -27.90 1.91
N SER B 18 -11.47 -26.90 2.02
CA SER B 18 -11.91 -25.51 2.25
C SER B 18 -12.49 -24.88 0.99
N ARG B 19 -13.33 -23.87 1.17
CA ARG B 19 -13.95 -23.11 0.07
C ARG B 19 -12.94 -22.51 -0.91
N GLU B 20 -11.76 -22.18 -0.40
CA GLU B 20 -10.67 -21.65 -1.22
C GLU B 20 -10.02 -22.73 -2.07
N GLU B 21 -9.89 -23.93 -1.49
CA GLU B 21 -9.40 -25.11 -2.22
C GLU B 21 -10.31 -25.46 -3.41
N VAL B 22 -11.63 -25.29 -3.23
CA VAL B 22 -12.61 -25.43 -4.31
C VAL B 22 -12.39 -24.35 -5.39
N ASN B 23 -12.17 -23.11 -4.96
CA ASN B 23 -11.91 -21.98 -5.88
C ASN B 23 -10.67 -22.21 -6.74
N GLU B 24 -9.61 -22.77 -6.15
CA GLU B 24 -8.39 -23.14 -6.89
C GLU B 24 -8.70 -24.05 -8.08
N LYS B 25 -9.49 -25.08 -7.82
CA LYS B 25 -9.82 -26.10 -8.81
C LYS B 25 -10.83 -25.63 -9.86
N LEU B 26 -11.65 -24.64 -9.51
CA LEU B 26 -12.62 -24.04 -10.42
C LEU B 26 -12.15 -22.76 -11.11
N ARG B 27 -10.98 -22.24 -10.75
CA ARG B 27 -10.54 -20.93 -11.25
C ARG B 27 -10.31 -20.97 -12.76
N ASP B 28 -11.07 -20.14 -13.48
CA ASP B 28 -10.96 -19.99 -14.92
C ASP B 28 -11.24 -21.29 -15.69
N THR B 29 -12.26 -22.03 -15.24
CA THR B 29 -12.69 -23.28 -15.88
C THR B 29 -14.00 -23.06 -16.63
N ALA B 30 -14.34 -24.00 -17.52
CA ALA B 30 -15.52 -23.87 -18.39
C ALA B 30 -16.84 -24.07 -17.63
N ASP B 31 -17.93 -23.56 -18.21
CA ASP B 31 -19.26 -23.70 -17.62
C ASP B 31 -19.71 -25.16 -17.61
N GLY B 32 -20.29 -25.57 -16.48
CA GLY B 32 -20.63 -26.97 -16.23
C GLY B 32 -19.64 -27.74 -15.36
N THR B 33 -18.46 -27.16 -15.11
CA THR B 33 -17.48 -27.78 -14.22
C THR B 33 -17.98 -27.69 -12.79
N PHE B 34 -17.79 -28.75 -12.00
CA PHE B 34 -18.35 -28.80 -10.64
C PHE B 34 -17.66 -29.77 -9.69
N LEU B 35 -17.90 -29.55 -8.40
CA LEU B 35 -17.58 -30.52 -7.34
C LEU B 35 -18.41 -30.24 -6.08
N VAL B 36 -18.39 -31.20 -5.16
CA VAL B 36 -19.13 -31.12 -3.90
C VAL B 36 -18.13 -31.24 -2.74
N ARG B 37 -18.26 -30.36 -1.76
CA ARG B 37 -17.53 -30.45 -0.50
C ARG B 37 -18.50 -30.51 0.67
N ASP B 38 -17.97 -30.77 1.86
CA ASP B 38 -18.74 -30.62 3.10
C ASP B 38 -19.07 -29.15 3.31
N ALA B 39 -20.24 -28.90 3.88
CA ALA B 39 -20.64 -27.54 4.24
C ALA B 39 -19.85 -27.08 5.46
N SER B 40 -19.78 -25.76 5.64
CA SER B 40 -19.15 -25.17 6.82
C SER B 40 -19.83 -25.71 8.06
N THR B 41 -19.03 -26.15 9.03
CA THR B 41 -19.54 -26.76 10.26
C THR B 41 -20.23 -25.75 11.20
N LYS B 42 -20.19 -24.46 10.87
CA LYS B 42 -20.94 -23.40 11.56
C LYS B 42 -22.37 -23.21 11.03
N MET B 43 -22.60 -23.54 9.75
CA MET B 43 -23.86 -23.22 9.04
C MET B 43 -24.82 -24.40 8.93
N HIS B 44 -26.09 -24.07 8.65
CA HIS B 44 -27.09 -25.08 8.27
C HIS B 44 -26.71 -25.75 6.94
N GLY B 45 -27.11 -27.00 6.77
CA GLY B 45 -26.83 -27.77 5.56
C GLY B 45 -25.66 -28.73 5.71
N ASP B 46 -25.60 -29.71 4.82
CA ASP B 46 -24.62 -30.80 4.90
C ASP B 46 -23.48 -30.66 3.89
N TYR B 47 -23.83 -30.42 2.63
CA TYR B 47 -22.85 -30.29 1.54
C TYR B 47 -23.09 -29.04 0.72
N THR B 48 -22.10 -28.68 -0.08
CA THR B 48 -22.17 -27.52 -0.96
C THR B 48 -21.72 -27.90 -2.37
N LEU B 49 -22.65 -27.87 -3.30
CA LEU B 49 -22.37 -27.99 -4.73
C LEU B 49 -21.82 -26.65 -5.20
N THR B 50 -20.64 -26.67 -5.83
CA THR B 50 -20.06 -25.49 -6.47
C THR B 50 -19.90 -25.79 -7.96
N LEU B 51 -20.37 -24.87 -8.80
CA LEU B 51 -20.37 -25.06 -10.25
C LEU B 51 -20.15 -23.76 -11.01
N ARG B 52 -19.70 -23.87 -12.26
CA ARG B 52 -19.38 -22.72 -13.11
C ARG B 52 -20.57 -22.29 -13.96
N LYS B 53 -20.83 -20.98 -13.96
CA LYS B 53 -21.92 -20.39 -14.75
C LYS B 53 -21.61 -18.91 -15.03
N GLY B 54 -21.51 -18.54 -16.30
CA GLY B 54 -21.14 -17.18 -16.71
C GLY B 54 -19.76 -16.72 -16.24
N GLY B 55 -18.83 -17.66 -16.12
CA GLY B 55 -17.49 -17.38 -15.58
C GLY B 55 -17.42 -17.10 -14.09
N ASN B 56 -18.39 -17.63 -13.35
CA ASN B 56 -18.48 -17.44 -11.90
C ASN B 56 -18.80 -18.75 -11.19
N ASN B 57 -18.32 -18.87 -9.96
CA ASN B 57 -18.61 -20.03 -9.12
C ASN B 57 -19.94 -19.82 -8.42
N LYS B 58 -20.89 -20.72 -8.68
CA LYS B 58 -22.21 -20.71 -8.02
C LYS B 58 -22.21 -21.74 -6.91
N LEU B 59 -22.48 -21.30 -5.67
CA LEU B 59 -22.57 -22.19 -4.52
C LEU B 59 -24.02 -22.53 -4.22
N ILE B 60 -24.34 -23.83 -4.19
CA ILE B 60 -25.69 -24.33 -3.91
C ILE B 60 -25.65 -25.34 -2.76
N LYS B 61 -26.23 -24.96 -1.62
CA LYS B 61 -26.27 -25.81 -0.44
C LYS B 61 -27.22 -26.99 -0.63
N ILE B 62 -26.77 -28.18 -0.23
CA ILE B 62 -27.59 -29.38 -0.23
C ILE B 62 -27.97 -29.70 1.22
N PHE B 63 -29.27 -29.65 1.51
CA PHE B 63 -29.80 -29.91 2.86
C PHE B 63 -30.25 -31.36 3.02
N HIS B 64 -30.51 -31.74 4.28
CA HIS B 64 -31.01 -33.07 4.61
C HIS B 64 -32.11 -33.04 5.67
N ARG B 65 -33.11 -33.90 5.51
CA ARG B 65 -34.12 -34.16 6.54
C ARG B 65 -34.83 -35.50 6.26
N ASP B 66 -34.74 -36.43 7.21
CA ASP B 66 -35.51 -37.70 7.20
C ASP B 66 -35.39 -38.51 5.90
N GLY B 67 -34.15 -38.83 5.55
CA GLY B 67 -33.83 -39.65 4.37
C GLY B 67 -33.87 -38.98 3.01
N LYS B 68 -34.07 -37.66 2.97
CA LYS B 68 -34.21 -36.94 1.69
C LYS B 68 -33.25 -35.76 1.61
N TYR B 69 -32.76 -35.51 0.40
CA TYR B 69 -31.81 -34.43 0.10
C TYR B 69 -32.39 -33.49 -0.94
N GLY B 70 -31.89 -32.26 -0.94
CA GLY B 70 -32.34 -31.24 -1.90
C GLY B 70 -31.79 -29.86 -1.63
N PHE B 71 -32.02 -28.96 -2.58
CA PHE B 71 -31.61 -27.55 -2.47
C PHE B 71 -32.56 -26.74 -1.60
N SER B 72 -33.84 -27.12 -1.61
CA SER B 72 -34.87 -26.46 -0.81
C SER B 72 -36.05 -27.39 -0.61
N ASP B 73 -36.98 -26.99 0.27
CA ASP B 73 -38.19 -27.77 0.53
C ASP B 73 -39.12 -27.75 -0.69
N PRO B 74 -39.65 -28.90 -1.12
CA PRO B 74 -39.49 -30.21 -0.47
C PRO B 74 -38.20 -30.92 -0.89
N LEU B 75 -37.66 -31.74 0.02
CA LEU B 75 -36.49 -32.57 -0.27
C LEU B 75 -36.96 -33.86 -0.93
N THR B 76 -36.50 -34.12 -2.15
CA THR B 76 -37.05 -35.20 -3.01
C THR B 76 -36.07 -36.30 -3.41
N PHE B 77 -34.77 -36.12 -3.18
CA PHE B 77 -33.74 -37.07 -3.65
C PHE B 77 -33.31 -38.02 -2.53
N SER B 78 -33.24 -39.30 -2.83
CA SER B 78 -32.88 -40.33 -1.84
C SER B 78 -31.41 -40.28 -1.38
N SER B 79 -30.55 -39.68 -2.20
CA SER B 79 -29.13 -39.48 -1.86
C SER B 79 -28.55 -38.27 -2.57
N VAL B 80 -27.30 -37.94 -2.22
CA VAL B 80 -26.53 -36.89 -2.92
C VAL B 80 -26.14 -37.36 -4.31
N VAL B 81 -25.72 -38.63 -4.42
CA VAL B 81 -25.36 -39.22 -5.72
C VAL B 81 -26.56 -39.22 -6.70
N GLU B 82 -27.77 -39.44 -6.19
CA GLU B 82 -28.98 -39.35 -7.00
C GLU B 82 -29.27 -37.91 -7.44
N LEU B 83 -29.06 -36.96 -6.53
CA LEU B 83 -29.23 -35.53 -6.81
C LEU B 83 -28.30 -35.04 -7.92
N ILE B 84 -27.01 -35.38 -7.80
CA ILE B 84 -25.99 -34.92 -8.75
C ILE B 84 -26.22 -35.54 -10.13
N ASN B 85 -26.26 -36.87 -10.19
CA ASN B 85 -26.50 -37.61 -11.44
C ASN B 85 -27.79 -37.18 -12.17
N HIS B 86 -28.81 -36.78 -11.43
CA HIS B 86 -30.02 -36.20 -12.01
C HIS B 86 -29.71 -34.92 -12.79
N TYR B 87 -28.93 -34.03 -12.18
CA TYR B 87 -28.53 -32.76 -12.83
C TYR B 87 -27.28 -32.86 -13.72
N ARG B 88 -26.64 -34.04 -13.75
CA ARG B 88 -25.66 -34.34 -14.80
C ARG B 88 -26.35 -34.57 -16.15
N ASN B 89 -27.54 -35.17 -16.13
CA ASN B 89 -28.34 -35.45 -17.34
C ASN B 89 -29.54 -34.51 -17.53
N GLU B 90 -29.72 -33.53 -16.65
CA GLU B 90 -30.82 -32.58 -16.75
C GLU B 90 -30.39 -31.19 -16.26
N SER B 91 -31.05 -30.15 -16.78
CA SER B 91 -30.66 -28.76 -16.48
C SER B 91 -31.10 -28.34 -15.07
N LEU B 92 -30.31 -27.45 -14.46
CA LEU B 92 -30.69 -26.80 -13.20
C LEU B 92 -31.76 -25.70 -13.39
N ALA B 93 -32.17 -25.46 -14.64
CA ALA B 93 -33.37 -24.68 -14.96
C ALA B 93 -34.61 -25.15 -14.20
N GLN B 94 -34.74 -26.47 -14.04
CA GLN B 94 -35.81 -27.10 -13.24
C GLN B 94 -35.89 -26.50 -11.82
N TYR B 95 -34.72 -26.44 -11.17
CA TYR B 95 -34.62 -25.81 -9.84
C TYR B 95 -34.75 -24.29 -9.92
N ASN B 96 -34.02 -23.68 -10.86
CA ASN B 96 -33.99 -22.22 -11.03
C ASN B 96 -33.73 -21.88 -12.51
N PRO B 97 -34.73 -21.30 -13.22
CA PRO B 97 -34.55 -20.85 -14.61
C PRO B 97 -33.38 -19.88 -14.86
N LYS B 98 -32.98 -19.12 -13.84
CA LYS B 98 -31.78 -18.28 -13.87
C LYS B 98 -30.52 -19.01 -14.38
N LEU B 99 -30.25 -20.19 -13.82
CA LEU B 99 -29.00 -20.95 -14.13
C LEU B 99 -29.26 -22.22 -14.95
N ASP B 100 -29.61 -22.01 -16.22
CA ASP B 100 -29.84 -23.10 -17.17
C ASP B 100 -28.50 -23.72 -17.60
N VAL B 101 -28.10 -24.77 -16.89
CA VAL B 101 -26.84 -25.47 -17.17
C VAL B 101 -26.83 -26.85 -16.50
N LYS B 102 -26.14 -27.81 -17.12
CA LYS B 102 -25.96 -29.15 -16.57
C LYS B 102 -24.62 -29.28 -15.84
N LEU B 103 -24.53 -30.27 -14.95
CA LEU B 103 -23.28 -30.59 -14.27
C LEU B 103 -22.45 -31.52 -15.17
N LEU B 104 -21.67 -30.92 -16.07
CA LEU B 104 -21.03 -31.65 -17.18
C LEU B 104 -19.66 -32.26 -16.87
N TYR B 105 -18.79 -31.48 -16.22
CA TYR B 105 -17.38 -31.84 -16.07
C TYR B 105 -16.98 -31.97 -14.59
N PRO B 106 -17.02 -33.20 -14.04
CA PRO B 106 -16.68 -33.36 -12.62
C PRO B 106 -15.18 -33.22 -12.34
N VAL B 107 -14.83 -32.41 -11.35
CA VAL B 107 -13.45 -32.29 -10.87
C VAL B 107 -13.17 -33.52 -10.01
N SER B 108 -12.55 -34.53 -10.62
CA SER B 108 -12.31 -35.82 -9.98
C SER B 108 -11.21 -35.75 -8.93
N LYS B 109 -11.39 -36.50 -7.84
CA LYS B 109 -10.33 -36.70 -6.84
C LYS B 109 -9.43 -37.89 -7.18
N TYR B 110 -9.76 -38.62 -8.25
CA TYR B 110 -8.90 -39.65 -8.83
C TYR B 110 -8.19 -39.17 -10.12
N GLN B 111 -8.09 -37.83 -10.30
CA GLN B 111 -7.48 -37.25 -11.48
C GLN B 111 -5.99 -37.52 -11.52
N GLN B 112 -5.32 -37.29 -10.40
CA GLN B 112 -3.89 -37.60 -10.25
C GLN B 112 -3.54 -39.05 -10.62
N ASP B 113 -4.38 -40.00 -10.22
CA ASP B 113 -4.17 -41.43 -10.54
C ASP B 113 -4.05 -41.71 -12.05
N GLN B 114 -4.78 -40.93 -12.86
CA GLN B 114 -4.68 -41.00 -14.32
C GLN B 114 -3.31 -40.55 -14.83
N VAL B 115 -2.76 -39.49 -14.24
CA VAL B 115 -1.43 -38.97 -14.59
C VAL B 115 -0.34 -39.87 -14.00
N VAL B 116 -0.30 -39.98 -12.67
CA VAL B 116 0.69 -40.81 -11.98
C VAL B 116 0.20 -42.27 -11.91
N LYS B 117 0.61 -43.06 -12.90
CA LYS B 117 0.23 -44.47 -13.00
C LYS B 117 1.04 -45.43 -12.11
N GLU B 118 2.13 -44.94 -11.50
CA GLU B 118 3.00 -45.80 -10.66
C GLU B 118 2.36 -46.05 -9.29
N ASP B 119 2.23 -47.33 -8.94
CA ASP B 119 1.52 -47.76 -7.72
C ASP B 119 2.37 -47.64 -6.44
N ASN B 120 3.69 -47.65 -6.58
CA ASN B 120 4.60 -47.71 -5.42
C ASN B 120 4.71 -46.35 -4.73
N ILE B 121 4.69 -46.35 -3.40
CA ILE B 121 4.72 -45.11 -2.61
C ILE B 121 6.07 -44.40 -2.73
N GLU B 122 7.14 -45.15 -2.51
CA GLU B 122 8.51 -44.61 -2.57
C GLU B 122 8.89 -44.12 -3.98
N ALA B 123 8.41 -44.83 -5.00
CA ALA B 123 8.63 -44.42 -6.40
C ALA B 123 7.96 -43.08 -6.71
N VAL B 124 6.69 -42.97 -6.31
CA VAL B 124 5.92 -41.72 -6.46
C VAL B 124 6.54 -40.60 -5.61
N GLY B 125 7.01 -40.93 -4.41
CA GLY B 125 7.75 -40.00 -3.56
C GLY B 125 9.08 -39.52 -4.17
N LYS B 126 9.73 -40.40 -4.93
CA LYS B 126 10.96 -40.04 -5.65
C LYS B 126 10.69 -39.12 -6.83
N LYS B 127 9.63 -39.39 -7.59
CA LYS B 127 9.21 -38.51 -8.69
C LYS B 127 8.82 -37.12 -8.19
N LEU B 128 8.12 -37.08 -7.05
CA LEU B 128 7.80 -35.82 -6.37
C LEU B 128 9.06 -35.00 -6.07
N HIS B 129 10.11 -35.67 -5.62
CA HIS B 129 11.42 -35.04 -5.39
C HIS B 129 12.04 -34.52 -6.70
N GLU B 130 11.99 -35.33 -7.76
CA GLU B 130 12.49 -34.92 -9.08
C GLU B 130 11.75 -33.70 -9.62
N TYR B 131 10.42 -33.74 -9.56
CA TYR B 131 9.58 -32.62 -10.02
C TYR B 131 9.74 -31.37 -9.15
N ASN B 132 9.87 -31.54 -7.83
CA ASN B 132 10.08 -30.42 -6.91
C ASN B 132 11.46 -29.78 -7.09
N THR B 133 12.46 -30.60 -7.41
CA THR B 133 13.83 -30.12 -7.68
C THR B 133 13.86 -29.29 -8.98
N GLN B 134 13.23 -29.81 -10.04
CA GLN B 134 13.10 -29.09 -11.31
C GLN B 134 12.31 -27.78 -11.15
N PHE B 135 11.24 -27.82 -10.37
CA PHE B 135 10.39 -26.64 -10.17
C PHE B 135 11.11 -25.52 -9.43
N GLN B 136 11.77 -25.85 -8.32
CA GLN B 136 12.57 -24.89 -7.57
C GLN B 136 13.73 -24.31 -8.40
N GLU B 137 14.31 -25.14 -9.27
CA GLU B 137 15.40 -24.73 -10.17
C GLU B 137 14.93 -23.69 -11.19
N LYS B 138 13.83 -23.98 -11.89
CA LYS B 138 13.23 -23.03 -12.84
C LYS B 138 12.68 -21.76 -12.15
N SER B 139 12.17 -21.94 -10.94
CA SER B 139 11.69 -20.82 -10.13
C SER B 139 12.81 -19.83 -9.80
N ARG B 140 13.96 -20.35 -9.39
CA ARG B 140 15.15 -19.52 -9.13
C ARG B 140 15.69 -18.86 -10.41
N GLU B 141 15.64 -19.58 -11.52
CA GLU B 141 16.05 -19.05 -12.83
C GLU B 141 15.15 -17.87 -13.24
N TYR B 142 13.84 -18.05 -13.05
CA TYR B 142 12.87 -16.98 -13.31
C TYR B 142 13.07 -15.78 -12.38
N ASP B 143 13.30 -16.05 -11.09
CA ASP B 143 13.57 -15.00 -10.09
C ASP B 143 14.79 -14.16 -10.43
N ARG B 144 15.84 -14.79 -10.95
CA ARG B 144 17.03 -14.08 -11.44
C ARG B 144 16.72 -13.21 -12.66
N LEU B 145 15.96 -13.75 -13.61
CA LEU B 145 15.55 -13.00 -14.80
C LEU B 145 14.66 -11.81 -14.46
N TYR B 146 13.82 -11.96 -13.44
CA TYR B 146 12.92 -10.90 -12.99
C TYR B 146 13.66 -9.76 -12.27
N GLU B 147 14.71 -10.12 -11.51
CA GLU B 147 15.59 -9.13 -10.88
C GLU B 147 16.31 -8.28 -11.93
N GLU B 148 16.84 -8.95 -12.95
CA GLU B 148 17.42 -8.30 -14.13
C GLU B 148 16.41 -7.41 -14.87
N TYR B 149 15.20 -7.92 -15.05
CA TYR B 149 14.11 -7.20 -15.72
C TYR B 149 13.79 -5.87 -15.03
N THR B 150 13.62 -5.93 -13.70
CA THR B 150 13.34 -4.74 -12.90
C THR B 150 14.53 -3.77 -12.82
N ARG B 151 15.75 -4.32 -12.79
CA ARG B 151 16.98 -3.50 -12.82
C ARG B 151 17.16 -2.80 -14.17
N THR B 152 16.94 -3.55 -15.25
CA THR B 152 17.02 -3.02 -16.62
C THR B 152 15.94 -1.96 -16.87
N SER B 153 14.75 -2.18 -16.34
CA SER B 153 13.65 -1.20 -16.42
C SER B 153 14.03 0.14 -15.78
N GLN B 154 14.69 0.08 -14.63
CA GLN B 154 15.16 1.26 -13.91
C GLN B 154 16.22 2.03 -14.70
N GLU B 155 17.21 1.31 -15.22
CA GLU B 155 18.30 1.91 -15.99
C GLU B 155 17.85 2.50 -17.33
N ILE B 156 16.86 1.86 -17.96
CA ILE B 156 16.24 2.39 -19.19
C ILE B 156 15.53 3.72 -18.92
N GLN B 157 14.82 3.82 -17.80
CA GLN B 157 14.10 5.05 -17.45
C GLN B 157 15.04 6.22 -17.14
N MET B 158 16.16 5.95 -16.48
CA MET B 158 17.21 6.95 -16.25
C MET B 158 17.81 7.47 -17.56
N LYS B 159 18.07 6.56 -18.48
CA LYS B 159 18.56 6.91 -19.82
C LYS B 159 17.53 7.71 -20.61
N ARG B 160 16.25 7.34 -20.49
CA ARG B 160 15.16 8.03 -21.18
C ARG B 160 15.09 9.50 -20.75
N THR B 161 15.17 9.73 -19.44
CA THR B 161 15.18 11.06 -18.85
C THR B 161 16.44 11.87 -19.23
N ALA B 162 17.58 11.19 -19.28
CA ALA B 162 18.85 11.81 -19.71
C ALA B 162 18.82 12.29 -21.16
N ILE B 163 18.13 11.55 -22.04
CA ILE B 163 17.92 11.96 -23.43
C ILE B 163 17.09 13.25 -23.51
N GLU B 164 16.03 13.33 -22.71
CA GLU B 164 15.21 14.55 -22.62
C GLU B 164 16.05 15.75 -22.15
N ALA B 165 16.87 15.52 -21.12
CA ALA B 165 17.79 16.52 -20.61
C ALA B 165 18.83 16.97 -21.64
N PHE B 166 19.31 16.02 -22.45
CA PHE B 166 20.22 16.34 -23.57
C PHE B 166 19.52 17.18 -24.64
N ASN B 167 18.30 16.82 -24.99
CA ASN B 167 17.49 17.57 -25.97
C ASN B 167 17.15 18.99 -25.52
N GLU B 168 16.93 19.18 -24.21
CA GLU B 168 16.75 20.52 -23.64
C GLU B 168 18.04 21.33 -23.68
N THR B 169 19.16 20.68 -23.36
CA THR B 169 20.48 21.29 -23.45
C THR B 169 20.82 21.67 -24.89
N ILE B 170 20.53 20.78 -25.84
CA ILE B 170 20.74 21.06 -27.26
C ILE B 170 19.85 22.23 -27.76
N LYS B 171 18.61 22.30 -27.26
CA LYS B 171 17.72 23.43 -27.59
C LYS B 171 18.25 24.77 -27.05
N ILE B 172 18.72 24.78 -25.80
CA ILE B 172 19.27 25.99 -25.16
C ILE B 172 20.53 26.49 -25.87
N PHE B 173 21.45 25.58 -26.21
CA PHE B 173 22.66 25.94 -26.96
C PHE B 173 22.36 26.35 -28.41
N GLU B 174 21.28 25.78 -28.98
CA GLU B 174 20.79 26.22 -30.30
C GLU B 174 20.13 27.61 -30.25
N GLU B 175 19.44 27.92 -29.16
CA GLU B 175 18.90 29.28 -28.92
C GLU B 175 20.01 30.32 -28.82
N GLN B 176 21.15 29.91 -28.23
CA GLN B 176 22.33 30.77 -28.12
C GLN B 176 22.95 31.12 -29.47
N CYS B 177 22.89 30.18 -30.43
CA CYS B 177 23.31 30.43 -31.81
C CYS B 177 22.43 31.50 -32.47
N GLN B 178 21.12 31.42 -32.23
CA GLN B 178 20.17 32.40 -32.77
C GLN B 178 20.37 33.76 -32.12
N THR B 179 20.61 33.77 -30.81
CA THR B 179 20.96 34.98 -30.06
C THR B 179 22.26 35.62 -30.59
N GLN B 180 23.23 34.79 -30.94
CA GLN B 180 24.49 35.25 -31.53
C GLN B 180 24.24 35.82 -32.94
N GLU B 181 23.56 35.03 -33.78
CA GLU B 181 23.23 35.42 -35.16
C GLU B 181 22.42 36.73 -35.25
N ARG B 182 21.57 36.96 -34.25
CA ARG B 182 20.73 38.17 -34.17
C ARG B 182 21.59 39.41 -33.88
N TYR B 183 22.33 39.39 -32.78
CA TYR B 183 23.13 40.55 -32.33
C TYR B 183 24.49 40.68 -33.02
N SER B 184 24.97 39.63 -33.69
CA SER B 184 26.24 39.71 -34.43
C SER B 184 26.09 40.47 -35.75
N LYS B 185 25.00 40.21 -36.48
CA LYS B 185 24.77 40.79 -37.81
C LYS B 185 24.76 42.32 -37.84
N GLU B 186 24.25 42.93 -36.77
CA GLU B 186 24.27 44.40 -36.64
C GLU B 186 25.67 44.97 -36.37
N TYR B 187 26.46 44.28 -35.54
CA TYR B 187 27.81 44.76 -35.16
C TYR B 187 28.89 44.36 -36.18
N ILE B 188 28.88 43.10 -36.62
CA ILE B 188 29.86 42.62 -37.62
C ILE B 188 29.77 43.40 -38.95
N GLU B 189 28.54 43.73 -39.37
CA GLU B 189 28.32 44.50 -40.60
C GLU B 189 28.75 45.97 -40.48
N LYS B 190 28.79 46.49 -39.24
CA LYS B 190 29.42 47.78 -38.95
C LYS B 190 30.94 47.65 -38.86
N PHE B 191 31.41 46.65 -38.11
CA PHE B 191 32.85 46.45 -37.87
C PHE B 191 33.65 45.89 -39.06
N LYS B 192 32.97 45.42 -40.11
CA LYS B 192 33.65 45.15 -41.40
C LYS B 192 34.13 46.45 -42.04
N ARG B 193 33.36 47.53 -41.85
CA ARG B 193 33.83 48.89 -42.13
C ARG B 193 34.71 49.31 -40.97
N GLU B 194 35.61 50.28 -41.22
CA GLU B 194 36.67 50.68 -40.28
C GLU B 194 37.84 49.66 -40.19
N GLY B 195 37.85 48.65 -41.06
CA GLY B 195 38.94 47.69 -41.18
C GLY B 195 39.34 46.88 -39.97
N ASN B 196 38.46 46.76 -38.97
CA ASN B 196 38.78 46.08 -37.71
C ASN B 196 38.43 44.59 -37.81
N GLU B 197 39.41 43.81 -38.26
CA GLU B 197 39.27 42.34 -38.34
C GLU B 197 39.61 41.66 -37.01
N LYS B 198 40.33 42.35 -36.13
CA LYS B 198 40.56 41.89 -34.75
C LYS B 198 39.22 41.67 -34.01
N GLU B 199 38.22 42.49 -34.34
CA GLU B 199 36.85 42.35 -33.80
C GLU B 199 36.13 41.11 -34.36
N ILE B 200 36.25 40.86 -35.66
CA ILE B 200 35.64 39.67 -36.29
C ILE B 200 36.35 38.40 -35.81
N GLN B 201 37.68 38.46 -35.70
CA GLN B 201 38.50 37.36 -35.18
C GLN B 201 37.99 36.88 -33.81
N ARG B 202 37.88 37.81 -32.87
CA ARG B 202 37.45 37.50 -31.49
C ARG B 202 35.97 37.08 -31.35
N ILE B 203 35.09 37.61 -32.22
CA ILE B 203 33.67 37.22 -32.22
C ILE B 203 33.48 35.83 -32.83
N MET B 204 34.05 35.61 -34.02
CA MET B 204 33.93 34.33 -34.73
C MET B 204 34.63 33.17 -34.00
N HIS B 205 35.72 33.47 -33.30
CA HIS B 205 36.40 32.49 -32.44
C HIS B 205 35.46 31.98 -31.35
N ASN B 206 34.70 32.90 -30.76
CA ASN B 206 33.70 32.57 -29.74
C ASN B 206 32.51 31.81 -30.33
N TYR B 207 32.08 32.21 -31.53
CA TYR B 207 31.00 31.52 -32.25
C TYR B 207 31.37 30.09 -32.66
N ASP B 208 32.62 29.88 -33.07
CA ASP B 208 33.14 28.55 -33.38
C ASP B 208 33.27 27.66 -32.14
N LYS B 209 33.56 28.28 -30.99
CA LYS B 209 33.59 27.56 -29.71
C LYS B 209 32.19 27.10 -29.29
N LEU B 210 31.19 27.95 -29.54
CA LEU B 210 29.78 27.59 -29.32
C LEU B 210 29.33 26.45 -30.23
N LYS B 211 29.73 26.52 -31.50
CA LYS B 211 29.46 25.43 -32.47
C LYS B 211 30.24 24.15 -32.15
N SER B 212 31.43 24.30 -31.58
CA SER B 212 32.23 23.15 -31.14
C SER B 212 31.56 22.40 -29.99
N ARG B 213 31.05 23.16 -29.01
CA ARG B 213 30.40 22.59 -27.83
C ARG B 213 29.07 21.90 -28.17
N ILE B 214 28.30 22.50 -29.08
CA ILE B 214 27.05 21.91 -29.58
C ILE B 214 27.30 20.53 -30.20
N SER B 215 28.31 20.46 -31.06
CA SER B 215 28.69 19.21 -31.73
C SER B 215 29.00 18.09 -30.74
N GLU B 216 29.74 18.41 -29.67
CA GLU B 216 30.07 17.45 -28.61
C GLU B 216 28.83 16.92 -27.88
N ILE B 217 27.91 17.83 -27.56
CA ILE B 217 26.69 17.49 -26.82
C ILE B 217 25.77 16.60 -27.68
N ILE B 218 25.58 17.00 -28.94
CA ILE B 218 24.79 16.20 -29.90
C ILE B 218 25.36 14.78 -30.06
N ASP B 219 26.69 14.66 -30.13
CA ASP B 219 27.36 13.37 -30.17
C ASP B 219 27.19 12.56 -28.87
N SER B 220 27.23 13.24 -27.72
CA SER B 220 26.97 12.60 -26.43
C SER B 220 25.53 12.08 -26.32
N ARG B 221 24.57 12.82 -26.87
CA ARG B 221 23.18 12.38 -26.94
C ARG B 221 23.01 11.22 -27.93
N ARG B 222 23.77 11.27 -29.02
CA ARG B 222 23.79 10.20 -30.03
C ARG B 222 24.34 8.89 -29.44
N ARG B 223 25.42 8.97 -28.67
CA ARG B 223 25.99 7.80 -27.99
C ARG B 223 25.03 7.19 -26.96
N LEU B 224 24.34 8.05 -26.22
CA LEU B 224 23.34 7.61 -25.25
C LEU B 224 22.12 6.97 -25.92
N GLU B 225 21.76 7.43 -27.12
CA GLU B 225 20.68 6.80 -27.91
C GLU B 225 20.99 5.36 -28.32
N GLU B 226 22.26 5.07 -28.61
CA GLU B 226 22.70 3.71 -28.95
C GLU B 226 22.70 2.80 -27.72
N ASP B 227 23.17 3.32 -26.59
CA ASP B 227 23.13 2.59 -25.31
C ASP B 227 21.71 2.22 -24.90
N LEU B 228 20.76 3.15 -25.12
CA LEU B 228 19.35 2.91 -24.89
C LEU B 228 18.81 1.80 -25.80
N LYS B 229 19.12 1.89 -27.10
CA LYS B 229 18.73 0.86 -28.07
C LYS B 229 19.29 -0.53 -27.72
N LYS B 230 20.54 -0.55 -27.26
CA LYS B 230 21.19 -1.79 -26.80
C LYS B 230 20.44 -2.39 -25.62
N GLN B 231 20.16 -1.57 -24.61
CA GLN B 231 19.51 -2.03 -23.37
C GLN B 231 18.02 -2.31 -23.53
N ALA B 232 17.33 -1.53 -24.37
CA ALA B 232 15.94 -1.78 -24.72
C ALA B 232 15.77 -3.15 -25.40
N ALA B 233 16.75 -3.54 -26.22
CA ALA B 233 16.79 -4.86 -26.82
C ALA B 233 17.00 -5.97 -25.78
N GLU B 234 17.92 -5.75 -24.83
CA GLU B 234 18.15 -6.67 -23.71
C GLU B 234 16.89 -6.88 -22.89
N TYR B 235 16.19 -5.77 -22.63
CA TYR B 235 14.93 -5.77 -21.89
C TYR B 235 13.88 -6.68 -22.52
N ARG B 236 13.70 -6.54 -23.84
CA ARG B 236 12.79 -7.41 -24.62
C ARG B 236 13.26 -8.87 -24.62
N GLU B 237 14.57 -9.07 -24.70
CA GLU B 237 15.18 -10.41 -24.64
C GLU B 237 14.99 -11.09 -23.27
N ILE B 238 15.14 -10.33 -22.19
CA ILE B 238 14.86 -10.83 -20.83
C ILE B 238 13.37 -11.18 -20.69
N ASP B 239 12.49 -10.38 -21.31
CA ASP B 239 11.05 -10.66 -21.30
C ASP B 239 10.73 -11.96 -22.06
N LYS B 240 11.37 -12.16 -23.20
CA LYS B 240 11.25 -13.41 -23.98
C LYS B 240 11.63 -14.66 -23.20
N ARG B 241 12.76 -14.60 -22.50
CA ARG B 241 13.24 -15.74 -21.71
C ARG B 241 12.28 -16.08 -20.57
N MET B 242 11.75 -15.06 -19.92
CA MET B 242 10.73 -15.22 -18.88
C MET B 242 9.43 -15.85 -19.39
N ASN B 243 8.99 -15.43 -20.57
CA ASN B 243 7.79 -15.98 -21.20
C ASN B 243 7.93 -17.44 -21.69
N SER B 244 9.17 -17.90 -21.87
CA SER B 244 9.44 -19.31 -22.16
C SER B 244 9.45 -20.17 -20.88
N ILE B 245 9.91 -19.60 -19.77
CA ILE B 245 9.95 -20.30 -18.48
C ILE B 245 8.57 -20.43 -17.82
N LYS B 246 7.71 -19.42 -18.00
CA LYS B 246 6.38 -19.38 -17.37
C LYS B 246 5.50 -20.62 -17.62
N PRO B 247 5.31 -21.02 -18.89
CA PRO B 247 4.51 -22.24 -19.13
C PRO B 247 5.12 -23.52 -18.51
N ASP B 248 6.45 -23.64 -18.54
CA ASP B 248 7.13 -24.76 -17.88
C ASP B 248 6.96 -24.73 -16.36
N LEU B 249 6.93 -23.53 -15.76
CA LEU B 249 6.67 -23.39 -14.31
C LEU B 249 5.26 -23.82 -13.90
N ILE B 250 4.26 -23.47 -14.70
CA ILE B 250 2.87 -23.84 -14.42
C ILE B 250 2.71 -25.36 -14.47
N GLN B 251 3.29 -25.98 -15.49
CA GLN B 251 3.21 -27.42 -15.69
C GLN B 251 3.90 -28.18 -14.55
N LEU B 252 5.12 -27.77 -14.22
CA LEU B 252 5.89 -28.38 -13.13
C LEU B 252 5.20 -28.27 -11.77
N ARG B 253 4.61 -27.11 -11.50
CA ARG B 253 3.89 -26.89 -10.25
C ARG B 253 2.65 -27.79 -10.17
N LYS B 254 1.87 -27.81 -11.25
CA LYS B 254 0.64 -28.63 -11.32
C LYS B 254 0.94 -30.13 -11.25
N THR B 255 2.05 -30.57 -11.87
CA THR B 255 2.49 -31.96 -11.78
C THR B 255 2.97 -32.29 -10.36
N ARG B 256 3.74 -31.40 -9.74
CA ARG B 256 4.15 -31.55 -8.34
C ARG B 256 2.93 -31.69 -7.41
N ASP B 257 1.93 -30.83 -7.62
CA ASP B 257 0.70 -30.84 -6.82
C ASP B 257 -0.08 -32.15 -6.93
N GLN B 258 -0.11 -32.74 -8.13
CA GLN B 258 -0.73 -34.05 -8.36
C GLN B 258 0.00 -35.17 -7.62
N TYR B 259 1.33 -35.15 -7.67
CA TYR B 259 2.16 -36.14 -6.96
C TYR B 259 2.11 -35.95 -5.44
N LEU B 260 1.88 -34.71 -4.99
CA LEU B 260 1.60 -34.42 -3.58
C LEU B 260 0.22 -34.94 -3.19
N MET B 261 -0.77 -34.67 -4.06
CA MET B 261 -2.15 -35.13 -3.88
C MET B 261 -2.27 -36.66 -3.76
N TRP B 262 -1.53 -37.38 -4.61
CA TRP B 262 -1.50 -38.85 -4.60
C TRP B 262 -1.00 -39.40 -3.25
N LEU B 263 -0.02 -38.71 -2.65
CA LEU B 263 0.57 -39.13 -1.36
C LEU B 263 -0.19 -38.62 -0.13
N THR B 264 -1.02 -37.59 -0.29
CA THR B 264 -1.96 -37.17 0.77
C THR B 264 -3.01 -38.27 0.97
N GLN B 265 -3.52 -38.80 -0.14
CA GLN B 265 -4.20 -40.10 -0.14
C GLN B 265 -3.17 -41.19 0.21
N LYS B 266 -3.65 -42.27 0.82
CA LYS B 266 -2.78 -43.30 1.41
C LYS B 266 -2.03 -42.84 2.68
N GLY B 267 -2.44 -41.70 3.25
CA GLY B 267 -1.93 -41.19 4.54
C GLY B 267 -0.43 -41.29 4.77
N VAL B 268 0.35 -40.66 3.89
CA VAL B 268 1.81 -40.62 4.04
C VAL B 268 2.15 -39.63 5.16
N ARG B 269 3.18 -39.97 5.94
CA ARG B 269 3.65 -39.16 7.08
C ARG B 269 4.17 -37.80 6.59
N GLN B 270 3.87 -36.75 7.35
CA GLN B 270 4.29 -35.38 7.03
C GLN B 270 5.81 -35.19 6.94
N LYS B 271 6.55 -35.93 7.77
CA LYS B 271 8.02 -35.93 7.73
C LYS B 271 8.59 -36.55 6.44
N LYS B 272 7.91 -37.54 5.88
CA LYS B 272 8.30 -38.11 4.58
C LYS B 272 8.09 -37.13 3.42
N LEU B 273 7.03 -36.32 3.49
CA LEU B 273 6.76 -35.30 2.47
C LEU B 273 7.80 -34.17 2.48
N ASN B 274 8.20 -33.74 3.67
CA ASN B 274 9.21 -32.68 3.83
C ASN B 274 10.61 -33.10 3.36
N GLU B 275 10.94 -34.38 3.55
CA GLU B 275 12.22 -34.93 3.09
C GLU B 275 12.31 -35.01 1.56
N TRP B 276 11.19 -35.29 0.90
CA TRP B 276 11.11 -35.29 -0.57
C TRP B 276 11.01 -33.87 -1.15
N LEU B 277 10.28 -32.98 -0.48
CA LEU B 277 10.16 -31.58 -0.91
C LEU B 277 11.44 -30.80 -0.61
#